data_4NC7
# 
_entry.id   4NC7 
# 
_audit_conform.dict_name       mmcif_pdbx.dic 
_audit_conform.dict_version    5.387 
_audit_conform.dict_location   http://mmcif.pdb.org/dictionaries/ascii/mmcif_pdbx.dic 
# 
loop_
_database_2.database_id 
_database_2.database_code 
_database_2.pdbx_database_accession 
_database_2.pdbx_DOI 
PDB   4NC7         pdb_00004nc7 10.2210/pdb4nc7/pdb 
RCSB  RCSB083018   ?            ?                   
WWPDB D_1000083018 ?            ?                   
# 
loop_
_pdbx_audit_revision_history.ordinal 
_pdbx_audit_revision_history.data_content_type 
_pdbx_audit_revision_history.major_revision 
_pdbx_audit_revision_history.minor_revision 
_pdbx_audit_revision_history.revision_date 
1 'Structure model' 1 0 2014-07-02 
2 'Structure model' 1 1 2014-08-20 
3 'Structure model' 1 2 2024-02-28 
# 
_pdbx_audit_revision_details.ordinal             1 
_pdbx_audit_revision_details.revision_ordinal    1 
_pdbx_audit_revision_details.data_content_type   'Structure model' 
_pdbx_audit_revision_details.provider            repository 
_pdbx_audit_revision_details.type                'Initial release' 
_pdbx_audit_revision_details.description         ? 
_pdbx_audit_revision_details.details             ? 
# 
loop_
_pdbx_audit_revision_group.ordinal 
_pdbx_audit_revision_group.revision_ordinal 
_pdbx_audit_revision_group.data_content_type 
_pdbx_audit_revision_group.group 
1 2 'Structure model' 'Database references'  
2 3 'Structure model' 'Data collection'      
3 3 'Structure model' 'Database references'  
4 3 'Structure model' 'Derived calculations' 
# 
loop_
_pdbx_audit_revision_category.ordinal 
_pdbx_audit_revision_category.revision_ordinal 
_pdbx_audit_revision_category.data_content_type 
_pdbx_audit_revision_category.category 
1 3 'Structure model' chem_comp_atom               
2 3 'Structure model' chem_comp_bond               
3 3 'Structure model' database_2                   
4 3 'Structure model' pdbx_struct_conn_angle       
5 3 'Structure model' pdbx_struct_special_symmetry 
6 3 'Structure model' struct_conn                  
7 3 'Structure model' struct_ref_seq_dif           
8 3 'Structure model' struct_site                  
# 
loop_
_pdbx_audit_revision_item.ordinal 
_pdbx_audit_revision_item.revision_ordinal 
_pdbx_audit_revision_item.data_content_type 
_pdbx_audit_revision_item.item 
1  3 'Structure model' '_database_2.pdbx_DOI'                        
2  3 'Structure model' '_database_2.pdbx_database_accession'         
3  3 'Structure model' '_pdbx_struct_conn_angle.ptnr1_auth_asym_id'  
4  3 'Structure model' '_pdbx_struct_conn_angle.ptnr1_auth_comp_id'  
5  3 'Structure model' '_pdbx_struct_conn_angle.ptnr1_auth_seq_id'   
6  3 'Structure model' '_pdbx_struct_conn_angle.ptnr1_label_asym_id' 
7  3 'Structure model' '_pdbx_struct_conn_angle.ptnr1_label_comp_id' 
8  3 'Structure model' '_pdbx_struct_conn_angle.ptnr1_label_seq_id'  
9  3 'Structure model' '_pdbx_struct_conn_angle.ptnr3_auth_asym_id'  
10 3 'Structure model' '_pdbx_struct_conn_angle.ptnr3_auth_comp_id'  
11 3 'Structure model' '_pdbx_struct_conn_angle.ptnr3_auth_seq_id'   
12 3 'Structure model' '_pdbx_struct_conn_angle.ptnr3_label_asym_id' 
13 3 'Structure model' '_pdbx_struct_conn_angle.ptnr3_label_comp_id' 
14 3 'Structure model' '_pdbx_struct_conn_angle.ptnr3_label_seq_id'  
15 3 'Structure model' '_pdbx_struct_conn_angle.value'               
16 3 'Structure model' '_struct_conn.pdbx_dist_value'                
17 3 'Structure model' '_struct_conn.ptnr1_auth_asym_id'             
18 3 'Structure model' '_struct_conn.ptnr1_auth_comp_id'             
19 3 'Structure model' '_struct_conn.ptnr1_auth_seq_id'              
20 3 'Structure model' '_struct_conn.ptnr1_label_asym_id'            
21 3 'Structure model' '_struct_conn.ptnr1_label_atom_id'            
22 3 'Structure model' '_struct_conn.ptnr1_label_comp_id'            
23 3 'Structure model' '_struct_conn.ptnr1_label_seq_id'             
24 3 'Structure model' '_struct_conn.ptnr2_auth_asym_id'             
25 3 'Structure model' '_struct_conn.ptnr2_auth_comp_id'             
26 3 'Structure model' '_struct_conn.ptnr2_auth_seq_id'              
27 3 'Structure model' '_struct_conn.ptnr2_label_asym_id'            
28 3 'Structure model' '_struct_conn.ptnr2_label_atom_id'            
29 3 'Structure model' '_struct_conn.ptnr2_label_comp_id'            
30 3 'Structure model' '_struct_ref_seq_dif.details'                 
31 3 'Structure model' '_struct_site.pdbx_auth_asym_id'              
32 3 'Structure model' '_struct_site.pdbx_auth_comp_id'              
33 3 'Structure model' '_struct_site.pdbx_auth_seq_id'               
# 
_pdbx_database_status.status_code                     REL 
_pdbx_database_status.entry_id                        4NC7 
_pdbx_database_status.recvd_initial_deposition_date   2013-10-24 
_pdbx_database_status.deposit_site                    RCSB 
_pdbx_database_status.process_site                    RCSB 
_pdbx_database_status.status_code_sf                  REL 
_pdbx_database_status.status_code_mr                  ? 
_pdbx_database_status.SG_entry                        ? 
_pdbx_database_status.status_code_cs                  ? 
_pdbx_database_status.methods_development_category    ? 
_pdbx_database_status.pdb_format_compatible           Y 
_pdbx_database_status.status_code_nmr_data            ? 
# 
loop_
_pdbx_database_related.db_name 
_pdbx_database_related.db_id 
_pdbx_database_related.details 
_pdbx_database_related.content_type 
PDB 2KRC 'The same protein , structure solved by NMR.' unspecified 
PDB 4NC8 .                                             unspecified 
# 
loop_
_audit_author.name 
_audit_author.pdbx_ordinal 
'Demo, G.'       1 
'Papouskova, V.' 2 
'Komarek, J.'    3 
'Sanderova, H.'  4 
'Rabatinova, A.' 5 
'Krasny, L.'     6 
'Zidek, L.'      7 
'Sklenar, V.'    8 
'Wimmerova, M.'  9 
# 
_citation.id                        primary 
_citation.title                     'X-ray vs. NMR structure of N-terminal domain of delta-subunit of RNA polymerase.' 
_citation.journal_abbrev            J.Struct.Biol. 
_citation.journal_volume            187 
_citation.page_first                174 
_citation.page_last                 186 
_citation.year                      2014 
_citation.journal_id_ASTM           JSBIEM 
_citation.country                   US 
_citation.journal_id_ISSN           1047-8477 
_citation.journal_id_CSD            0803 
_citation.book_publisher            ? 
_citation.pdbx_database_id_PubMed   24937760 
_citation.pdbx_database_id_DOI      10.1016/j.jsb.2014.06.001 
# 
loop_
_citation_author.citation_id 
_citation_author.name 
_citation_author.ordinal 
_citation_author.identifier_ORCID 
primary 'Demo, G.'       1  ? 
primary 'Papouskova, V.' 2  ? 
primary 'Komarek, J.'    3  ? 
primary 'Kaderavek, P.'  4  ? 
primary 'Otrusinova, O.' 5  ? 
primary 'Srb, P.'        6  ? 
primary 'Rabatinova, A.' 7  ? 
primary 'Krasny, L.'     8  ? 
primary 'Zidek, L.'      9  ? 
primary 'Sklenar, V.'    10 ? 
primary 'Wimmerova, M.'  11 ? 
# 
loop_
_entity.id 
_entity.type 
_entity.src_method 
_entity.pdbx_description 
_entity.formula_weight 
_entity.pdbx_number_of_molecules 
_entity.pdbx_ec 
_entity.pdbx_mutation 
_entity.pdbx_fragment 
_entity.details 
1 polymer     man 'DNA-directed RNA polymerase subunit delta'          11769.083 2  ? ? 'UNP residues 2-92' ? 
2 non-polymer syn '5-amino-2,4,6-triiodobenzene-1,3-dicarboxylic acid' 558.835   1  ? ? ?                   ? 
3 non-polymer syn 'NICKEL (II) ION'                                    58.693    2  ? ? ?                   ? 
4 water       nat water                                                18.015    80 ? ? ?                   ? 
# 
_entity_name_com.entity_id   1 
_entity_name_com.name        'RNAP delta factor' 
# 
_entity_poly.entity_id                      1 
_entity_poly.type                           'polypeptide(L)' 
_entity_poly.nstd_linkage                   no 
_entity_poly.nstd_monomer                   no 
_entity_poly.pdbx_seq_one_letter_code       
;GIKQYSQEELKEMALVEIAHELFEEHKKPVPFQELLNEIASLLGVKKEELGDRIAQFYTDLNIDGRFLALSDQTWGLRSW
YPYDQLDEETQLEHHHHHH
;
_entity_poly.pdbx_seq_one_letter_code_can   
;GIKQYSQEELKEMALVEIAHELFEEHKKPVPFQELLNEIASLLGVKKEELGDRIAQFYTDLNIDGRFLALSDQTWGLRSW
YPYDQLDEETQLEHHHHHH
;
_entity_poly.pdbx_strand_id                 A,B 
_entity_poly.pdbx_target_identifier         ? 
# 
loop_
_pdbx_entity_nonpoly.entity_id 
_pdbx_entity_nonpoly.name 
_pdbx_entity_nonpoly.comp_id 
2 '5-amino-2,4,6-triiodobenzene-1,3-dicarboxylic acid' I3C 
3 'NICKEL (II) ION'                                    NI  
4 water                                                HOH 
# 
loop_
_entity_poly_seq.entity_id 
_entity_poly_seq.num 
_entity_poly_seq.mon_id 
_entity_poly_seq.hetero 
1 1  GLY n 
1 2  ILE n 
1 3  LYS n 
1 4  GLN n 
1 5  TYR n 
1 6  SER n 
1 7  GLN n 
1 8  GLU n 
1 9  GLU n 
1 10 LEU n 
1 11 LYS n 
1 12 GLU n 
1 13 MET n 
1 14 ALA n 
1 15 LEU n 
1 16 VAL n 
1 17 GLU n 
1 18 ILE n 
1 19 ALA n 
1 20 HIS n 
1 21 GLU n 
1 22 LEU n 
1 23 PHE n 
1 24 GLU n 
1 25 GLU n 
1 26 HIS n 
1 27 LYS n 
1 28 LYS n 
1 29 PRO n 
1 30 VAL n 
1 31 PRO n 
1 32 PHE n 
1 33 GLN n 
1 34 GLU n 
1 35 LEU n 
1 36 LEU n 
1 37 ASN n 
1 38 GLU n 
1 39 ILE n 
1 40 ALA n 
1 41 SER n 
1 42 LEU n 
1 43 LEU n 
1 44 GLY n 
1 45 VAL n 
1 46 LYS n 
1 47 LYS n 
1 48 GLU n 
1 49 GLU n 
1 50 LEU n 
1 51 GLY n 
1 52 ASP n 
1 53 ARG n 
1 54 ILE n 
1 55 ALA n 
1 56 GLN n 
1 57 PHE n 
1 58 TYR n 
1 59 THR n 
1 60 ASP n 
1 61 LEU n 
1 62 ASN n 
1 63 ILE n 
1 64 ASP n 
1 65 GLY n 
1 66 ARG n 
1 67 PHE n 
1 68 LEU n 
1 69 ALA n 
1 70 LEU n 
1 71 SER n 
1 72 ASP n 
1 73 GLN n 
1 74 THR n 
1 75 TRP n 
1 76 GLY n 
1 77 LEU n 
1 78 ARG n 
1 79 SER n 
1 80 TRP n 
1 81 TYR n 
1 82 PRO n 
1 83 TYR n 
1 84 ASP n 
1 85 GLN n 
1 86 LEU n 
1 87 ASP n 
1 88 GLU n 
1 89 GLU n 
1 90 THR n 
1 91 GLN n 
1 92 LEU n 
1 93 GLU n 
1 94 HIS n 
1 95 HIS n 
1 96 HIS n 
1 97 HIS n 
1 98 HIS n 
1 99 HIS n 
# 
_entity_src_gen.entity_id                          1 
_entity_src_gen.pdbx_src_id                        1 
_entity_src_gen.pdbx_alt_source_flag               sample 
_entity_src_gen.pdbx_seq_type                      ? 
_entity_src_gen.pdbx_beg_seq_num                   ? 
_entity_src_gen.pdbx_end_seq_num                   ? 
_entity_src_gen.gene_src_common_name               ? 
_entity_src_gen.gene_src_genus                     ? 
_entity_src_gen.pdbx_gene_src_gene                 'rpoE, BSU37160' 
_entity_src_gen.gene_src_species                   ? 
_entity_src_gen.gene_src_strain                    168 
_entity_src_gen.gene_src_tissue                    ? 
_entity_src_gen.gene_src_tissue_fraction           ? 
_entity_src_gen.gene_src_details                   ? 
_entity_src_gen.pdbx_gene_src_fragment             ? 
_entity_src_gen.pdbx_gene_src_scientific_name      'Bacillus subtilis' 
_entity_src_gen.pdbx_gene_src_ncbi_taxonomy_id     224308 
_entity_src_gen.pdbx_gene_src_variant              ? 
_entity_src_gen.pdbx_gene_src_cell_line            ? 
_entity_src_gen.pdbx_gene_src_atcc                 ? 
_entity_src_gen.pdbx_gene_src_organ                ? 
_entity_src_gen.pdbx_gene_src_organelle            ? 
_entity_src_gen.pdbx_gene_src_cell                 ? 
_entity_src_gen.pdbx_gene_src_cellular_location    ? 
_entity_src_gen.host_org_common_name               ? 
_entity_src_gen.pdbx_host_org_scientific_name      'Escherichia coli' 
_entity_src_gen.pdbx_host_org_ncbi_taxonomy_id     562 
_entity_src_gen.host_org_genus                     ? 
_entity_src_gen.pdbx_host_org_gene                 ? 
_entity_src_gen.pdbx_host_org_organ                ? 
_entity_src_gen.host_org_species                   ? 
_entity_src_gen.pdbx_host_org_tissue               ? 
_entity_src_gen.pdbx_host_org_tissue_fraction      ? 
_entity_src_gen.pdbx_host_org_strain               ? 
_entity_src_gen.pdbx_host_org_variant              ? 
_entity_src_gen.pdbx_host_org_cell_line            ? 
_entity_src_gen.pdbx_host_org_atcc                 ? 
_entity_src_gen.pdbx_host_org_culture_collection   ? 
_entity_src_gen.pdbx_host_org_cell                 ? 
_entity_src_gen.pdbx_host_org_organelle            ? 
_entity_src_gen.pdbx_host_org_cellular_location    ? 
_entity_src_gen.pdbx_host_org_vector_type          ? 
_entity_src_gen.pdbx_host_org_vector               ? 
_entity_src_gen.host_org_details                   ? 
_entity_src_gen.expression_system_id               ? 
_entity_src_gen.plasmid_name                       ? 
_entity_src_gen.plasmid_details                    ? 
_entity_src_gen.pdbx_description                   ? 
# 
loop_
_chem_comp.id 
_chem_comp.type 
_chem_comp.mon_nstd_flag 
_chem_comp.name 
_chem_comp.pdbx_synonyms 
_chem_comp.formula 
_chem_comp.formula_weight 
ALA 'L-peptide linking' y ALANINE                                              ?                                       
'C3 H7 N O2'     89.093  
ARG 'L-peptide linking' y ARGININE                                             ?                                       
'C6 H15 N4 O2 1' 175.209 
ASN 'L-peptide linking' y ASPARAGINE                                           ?                                       
'C4 H8 N2 O3'    132.118 
ASP 'L-peptide linking' y 'ASPARTIC ACID'                                      ?                                       
'C4 H7 N O4'     133.103 
GLN 'L-peptide linking' y GLUTAMINE                                            ?                                       
'C5 H10 N2 O3'   146.144 
GLU 'L-peptide linking' y 'GLUTAMIC ACID'                                      ?                                       
'C5 H9 N O4'     147.129 
GLY 'peptide linking'   y GLYCINE                                              ?                                       
'C2 H5 N O2'     75.067  
HIS 'L-peptide linking' y HISTIDINE                                            ?                                       
'C6 H10 N3 O2 1' 156.162 
HOH non-polymer         . WATER                                                ?                                       'H2 O' 
18.015  
I3C non-polymer         . '5-amino-2,4,6-triiodobenzene-1,3-dicarboxylic acid' '5-Amino-2,4,6-triiodoisophthalic acid' 
'C8 H4 I3 N O4'  558.835 
ILE 'L-peptide linking' y ISOLEUCINE                                           ?                                       
'C6 H13 N O2'    131.173 
LEU 'L-peptide linking' y LEUCINE                                              ?                                       
'C6 H13 N O2'    131.173 
LYS 'L-peptide linking' y LYSINE                                               ?                                       
'C6 H15 N2 O2 1' 147.195 
MET 'L-peptide linking' y METHIONINE                                           ?                                       
'C5 H11 N O2 S'  149.211 
NI  non-polymer         . 'NICKEL (II) ION'                                    ?                                       'Ni 2' 
58.693  
PHE 'L-peptide linking' y PHENYLALANINE                                        ?                                       
'C9 H11 N O2'    165.189 
PRO 'L-peptide linking' y PROLINE                                              ?                                       
'C5 H9 N O2'     115.130 
SER 'L-peptide linking' y SERINE                                               ?                                       
'C3 H7 N O3'     105.093 
THR 'L-peptide linking' y THREONINE                                            ?                                       
'C4 H9 N O3'     119.119 
TRP 'L-peptide linking' y TRYPTOPHAN                                           ?                                       
'C11 H12 N2 O2'  204.225 
TYR 'L-peptide linking' y TYROSINE                                             ?                                       
'C9 H11 N O3'    181.189 
VAL 'L-peptide linking' y VALINE                                               ?                                       
'C5 H11 N O2'    117.146 
# 
loop_
_pdbx_poly_seq_scheme.asym_id 
_pdbx_poly_seq_scheme.entity_id 
_pdbx_poly_seq_scheme.seq_id 
_pdbx_poly_seq_scheme.mon_id 
_pdbx_poly_seq_scheme.ndb_seq_num 
_pdbx_poly_seq_scheme.pdb_seq_num 
_pdbx_poly_seq_scheme.auth_seq_num 
_pdbx_poly_seq_scheme.pdb_mon_id 
_pdbx_poly_seq_scheme.auth_mon_id 
_pdbx_poly_seq_scheme.pdb_strand_id 
_pdbx_poly_seq_scheme.pdb_ins_code 
_pdbx_poly_seq_scheme.hetero 
A 1 1  GLY 1  1  ?  ?   ?   A . n 
A 1 2  ILE 2  2  ?  ?   ?   A . n 
A 1 3  LYS 3  3  3  LYS LYS A . n 
A 1 4  GLN 4  4  4  GLN GLN A . n 
A 1 5  TYR 5  5  5  TYR TYR A . n 
A 1 6  SER 6  6  6  SER SER A . n 
A 1 7  GLN 7  7  7  GLN GLN A . n 
A 1 8  GLU 8  8  8  GLU GLU A . n 
A 1 9  GLU 9  9  9  GLU GLU A . n 
A 1 10 LEU 10 10 10 LEU LEU A . n 
A 1 11 LYS 11 11 11 LYS LYS A . n 
A 1 12 GLU 12 12 12 GLU GLU A . n 
A 1 13 MET 13 13 13 MET MET A . n 
A 1 14 ALA 14 14 14 ALA ALA A . n 
A 1 15 LEU 15 15 15 LEU LEU A . n 
A 1 16 VAL 16 16 16 VAL VAL A . n 
A 1 17 GLU 17 17 17 GLU GLU A . n 
A 1 18 ILE 18 18 18 ILE ILE A . n 
A 1 19 ALA 19 19 19 ALA ALA A . n 
A 1 20 HIS 20 20 20 HIS HIS A . n 
A 1 21 GLU 21 21 21 GLU GLU A . n 
A 1 22 LEU 22 22 22 LEU LEU A . n 
A 1 23 PHE 23 23 23 PHE PHE A . n 
A 1 24 GLU 24 24 24 GLU GLU A . n 
A 1 25 GLU 25 25 25 GLU GLU A . n 
A 1 26 HIS 26 26 26 HIS HIS A . n 
A 1 27 LYS 27 27 27 LYS LYS A . n 
A 1 28 LYS 28 28 28 LYS LYS A . n 
A 1 29 PRO 29 29 29 PRO PRO A . n 
A 1 30 VAL 30 30 30 VAL VAL A . n 
A 1 31 PRO 31 31 31 PRO PRO A . n 
A 1 32 PHE 32 32 32 PHE PHE A . n 
A 1 33 GLN 33 33 33 GLN GLN A . n 
A 1 34 GLU 34 34 34 GLU GLU A . n 
A 1 35 LEU 35 35 35 LEU LEU A . n 
A 1 36 LEU 36 36 36 LEU LEU A . n 
A 1 37 ASN 37 37 37 ASN ASN A . n 
A 1 38 GLU 38 38 38 GLU GLU A . n 
A 1 39 ILE 39 39 39 ILE ILE A . n 
A 1 40 ALA 40 40 40 ALA ALA A . n 
A 1 41 SER 41 41 41 SER SER A . n 
A 1 42 LEU 42 42 42 LEU LEU A . n 
A 1 43 LEU 43 43 43 LEU LEU A . n 
A 1 44 GLY 44 44 44 GLY GLY A . n 
A 1 45 VAL 45 45 45 VAL VAL A . n 
A 1 46 LYS 46 46 46 LYS LYS A . n 
A 1 47 LYS 47 47 47 LYS LYS A . n 
A 1 48 GLU 48 48 48 GLU GLU A . n 
A 1 49 GLU 49 49 49 GLU GLU A . n 
A 1 50 LEU 50 50 50 LEU LEU A . n 
A 1 51 GLY 51 51 51 GLY GLY A . n 
A 1 52 ASP 52 52 52 ASP ASP A . n 
A 1 53 ARG 53 53 53 ARG ARG A . n 
A 1 54 ILE 54 54 54 ILE ILE A . n 
A 1 55 ALA 55 55 55 ALA ALA A . n 
A 1 56 GLN 56 56 56 GLN GLN A . n 
A 1 57 PHE 57 57 57 PHE PHE A . n 
A 1 58 TYR 58 58 58 TYR TYR A . n 
A 1 59 THR 59 59 59 THR THR A . n 
A 1 60 ASP 60 60 60 ASP ASP A . n 
A 1 61 LEU 61 61 61 LEU LEU A . n 
A 1 62 ASN 62 62 62 ASN ASN A . n 
A 1 63 ILE 63 63 63 ILE ILE A . n 
A 1 64 ASP 64 64 64 ASP ASP A . n 
A 1 65 GLY 65 65 65 GLY GLY A . n 
A 1 66 ARG 66 66 66 ARG ARG A . n 
A 1 67 PHE 67 67 67 PHE PHE A . n 
A 1 68 LEU 68 68 68 LEU LEU A . n 
A 1 69 ALA 69 69 69 ALA ALA A . n 
A 1 70 LEU 70 70 70 LEU LEU A . n 
A 1 71 SER 71 71 71 SER SER A . n 
A 1 72 ASP 72 72 72 ASP ASP A . n 
A 1 73 GLN 73 73 73 GLN GLN A . n 
A 1 74 THR 74 74 74 THR THR A . n 
A 1 75 TRP 75 75 75 TRP TRP A . n 
A 1 76 GLY 76 76 76 GLY GLY A . n 
A 1 77 LEU 77 77 77 LEU LEU A . n 
A 1 78 ARG 78 78 78 ARG ARG A . n 
A 1 79 SER 79 79 79 SER SER A . n 
A 1 80 TRP 80 80 80 TRP TRP A . n 
A 1 81 TYR 81 81 81 TYR TYR A . n 
A 1 82 PRO 82 82 ?  ?   ?   A . n 
A 1 83 TYR 83 83 ?  ?   ?   A . n 
A 1 84 ASP 84 84 ?  ?   ?   A . n 
A 1 85 GLN 85 85 ?  ?   ?   A . n 
A 1 86 LEU 86 86 ?  ?   ?   A . n 
A 1 87 ASP 87 87 ?  ?   ?   A . n 
A 1 88 GLU 88 88 ?  ?   ?   A . n 
A 1 89 GLU 89 89 ?  ?   ?   A . n 
A 1 90 THR 90 90 ?  ?   ?   A . n 
A 1 91 GLN 91 91 ?  ?   ?   A . n 
A 1 92 LEU 92 92 ?  ?   ?   A . n 
A 1 93 GLU 93 93 ?  ?   ?   A . n 
A 1 94 HIS 94 94 ?  ?   ?   A . n 
A 1 95 HIS 95 95 ?  ?   ?   A . n 
A 1 96 HIS 96 96 ?  ?   ?   A . n 
A 1 97 HIS 97 97 ?  ?   ?   A . n 
A 1 98 HIS 98 98 ?  ?   ?   A . n 
A 1 99 HIS 99 99 ?  ?   ?   A . n 
B 1 1  GLY 1  1  ?  ?   ?   B . n 
B 1 2  ILE 2  2  ?  ?   ?   B . n 
B 1 3  LYS 3  3  3  LYS LYS B . n 
B 1 4  GLN 4  4  4  GLN GLN B . n 
B 1 5  TYR 5  5  5  TYR TYR B . n 
B 1 6  SER 6  6  6  SER SER B . n 
B 1 7  GLN 7  7  7  GLN GLN B . n 
B 1 8  GLU 8  8  8  GLU GLU B . n 
B 1 9  GLU 9  9  9  GLU GLU B . n 
B 1 10 LEU 10 10 10 LEU LEU B . n 
B 1 11 LYS 11 11 11 LYS LYS B . n 
B 1 12 GLU 12 12 12 GLU GLU B . n 
B 1 13 MET 13 13 13 MET MET B . n 
B 1 14 ALA 14 14 14 ALA ALA B . n 
B 1 15 LEU 15 15 15 LEU LEU B . n 
B 1 16 VAL 16 16 16 VAL VAL B . n 
B 1 17 GLU 17 17 17 GLU GLU B . n 
B 1 18 ILE 18 18 18 ILE ILE B . n 
B 1 19 ALA 19 19 19 ALA ALA B . n 
B 1 20 HIS 20 20 20 HIS HIS B . n 
B 1 21 GLU 21 21 21 GLU GLU B . n 
B 1 22 LEU 22 22 22 LEU LEU B . n 
B 1 23 PHE 23 23 23 PHE PHE B . n 
B 1 24 GLU 24 24 24 GLU GLU B . n 
B 1 25 GLU 25 25 25 GLU GLU B . n 
B 1 26 HIS 26 26 26 HIS HIS B . n 
B 1 27 LYS 27 27 27 LYS LYS B . n 
B 1 28 LYS 28 28 28 LYS LYS B . n 
B 1 29 PRO 29 29 29 PRO PRO B . n 
B 1 30 VAL 30 30 30 VAL VAL B . n 
B 1 31 PRO 31 31 31 PRO PRO B . n 
B 1 32 PHE 32 32 32 PHE PHE B . n 
B 1 33 GLN 33 33 33 GLN GLN B . n 
B 1 34 GLU 34 34 34 GLU GLU B . n 
B 1 35 LEU 35 35 35 LEU LEU B . n 
B 1 36 LEU 36 36 36 LEU LEU B . n 
B 1 37 ASN 37 37 37 ASN ASN B . n 
B 1 38 GLU 38 38 38 GLU GLU B . n 
B 1 39 ILE 39 39 39 ILE ILE B . n 
B 1 40 ALA 40 40 40 ALA ALA B . n 
B 1 41 SER 41 41 41 SER SER B . n 
B 1 42 LEU 42 42 42 LEU LEU B . n 
B 1 43 LEU 43 43 43 LEU LEU B . n 
B 1 44 GLY 44 44 44 GLY GLY B . n 
B 1 45 VAL 45 45 45 VAL VAL B . n 
B 1 46 LYS 46 46 46 LYS LYS B . n 
B 1 47 LYS 47 47 47 LYS LYS B . n 
B 1 48 GLU 48 48 48 GLU GLU B . n 
B 1 49 GLU 49 49 49 GLU GLU B . n 
B 1 50 LEU 50 50 50 LEU LEU B . n 
B 1 51 GLY 51 51 51 GLY GLY B . n 
B 1 52 ASP 52 52 52 ASP ASP B . n 
B 1 53 ARG 53 53 53 ARG ARG B . n 
B 1 54 ILE 54 54 54 ILE ILE B . n 
B 1 55 ALA 55 55 55 ALA ALA B . n 
B 1 56 GLN 56 56 56 GLN GLN B . n 
B 1 57 PHE 57 57 57 PHE PHE B . n 
B 1 58 TYR 58 58 58 TYR TYR B . n 
B 1 59 THR 59 59 59 THR THR B . n 
B 1 60 ASP 60 60 60 ASP ASP B . n 
B 1 61 LEU 61 61 61 LEU LEU B . n 
B 1 62 ASN 62 62 62 ASN ASN B . n 
B 1 63 ILE 63 63 63 ILE ILE B . n 
B 1 64 ASP 64 64 64 ASP ASP B . n 
B 1 65 GLY 65 65 65 GLY GLY B . n 
B 1 66 ARG 66 66 66 ARG ARG B . n 
B 1 67 PHE 67 67 67 PHE PHE B . n 
B 1 68 LEU 68 68 68 LEU LEU B . n 
B 1 69 ALA 69 69 69 ALA ALA B . n 
B 1 70 LEU 70 70 70 LEU LEU B . n 
B 1 71 SER 71 71 71 SER SER B . n 
B 1 72 ASP 72 72 72 ASP ASP B . n 
B 1 73 GLN 73 73 73 GLN GLN B . n 
B 1 74 THR 74 74 74 THR THR B . n 
B 1 75 TRP 75 75 75 TRP TRP B . n 
B 1 76 GLY 76 76 76 GLY GLY B . n 
B 1 77 LEU 77 77 77 LEU LEU B . n 
B 1 78 ARG 78 78 78 ARG ARG B . n 
B 1 79 SER 79 79 79 SER SER B . n 
B 1 80 TRP 80 80 80 TRP TRP B . n 
B 1 81 TYR 81 81 81 TYR TYR B . n 
B 1 82 PRO 82 82 ?  ?   ?   B . n 
B 1 83 TYR 83 83 ?  ?   ?   B . n 
B 1 84 ASP 84 84 ?  ?   ?   B . n 
B 1 85 GLN 85 85 ?  ?   ?   B . n 
B 1 86 LEU 86 86 ?  ?   ?   B . n 
B 1 87 ASP 87 87 ?  ?   ?   B . n 
B 1 88 GLU 88 88 ?  ?   ?   B . n 
B 1 89 GLU 89 89 ?  ?   ?   B . n 
B 1 90 THR 90 90 ?  ?   ?   B . n 
B 1 91 GLN 91 91 ?  ?   ?   B . n 
B 1 92 LEU 92 92 ?  ?   ?   B . n 
B 1 93 GLU 93 93 ?  ?   ?   B . n 
B 1 94 HIS 94 94 ?  ?   ?   B . n 
B 1 95 HIS 95 95 ?  ?   ?   B . n 
B 1 96 HIS 96 96 ?  ?   ?   B . n 
B 1 97 HIS 97 97 ?  ?   ?   B . n 
B 1 98 HIS 98 98 ?  ?   ?   B . n 
B 1 99 HIS 99 99 ?  ?   ?   B . n 
# 
loop_
_pdbx_nonpoly_scheme.asym_id 
_pdbx_nonpoly_scheme.entity_id 
_pdbx_nonpoly_scheme.mon_id 
_pdbx_nonpoly_scheme.ndb_seq_num 
_pdbx_nonpoly_scheme.pdb_seq_num 
_pdbx_nonpoly_scheme.auth_seq_num 
_pdbx_nonpoly_scheme.pdb_mon_id 
_pdbx_nonpoly_scheme.auth_mon_id 
_pdbx_nonpoly_scheme.pdb_strand_id 
_pdbx_nonpoly_scheme.pdb_ins_code 
C 2 I3C 1  101 1  I3C I3C A . 
D 3 NI  1  102 1  NI  NI  A . 
E 3 NI  1  101 2  NI  NI  B . 
F 4 HOH 1  201 2  HOH HOH A . 
F 4 HOH 2  202 3  HOH HOH A . 
F 4 HOH 3  203 5  HOH HOH A . 
F 4 HOH 4  204 6  HOH HOH A . 
F 4 HOH 5  205 7  HOH HOH A . 
F 4 HOH 6  206 8  HOH HOH A . 
F 4 HOH 7  207 9  HOH HOH A . 
F 4 HOH 8  208 11 HOH HOH A . 
F 4 HOH 9  209 12 HOH HOH A . 
F 4 HOH 10 210 14 HOH HOH A . 
F 4 HOH 11 211 16 HOH HOH A . 
F 4 HOH 12 212 19 HOH HOH A . 
F 4 HOH 13 213 21 HOH HOH A . 
F 4 HOH 14 214 23 HOH HOH A . 
F 4 HOH 15 215 25 HOH HOH A . 
F 4 HOH 16 216 28 HOH HOH A . 
F 4 HOH 17 217 30 HOH HOH A . 
F 4 HOH 18 218 34 HOH HOH A . 
F 4 HOH 19 219 36 HOH HOH A . 
F 4 HOH 20 220 37 HOH HOH A . 
F 4 HOH 21 221 38 HOH HOH A . 
F 4 HOH 22 222 44 HOH HOH A . 
F 4 HOH 23 223 45 HOH HOH A . 
F 4 HOH 24 224 48 HOH HOH A . 
F 4 HOH 25 225 49 HOH HOH A . 
F 4 HOH 26 226 50 HOH HOH A . 
F 4 HOH 27 227 51 HOH HOH A . 
F 4 HOH 28 228 52 HOH HOH A . 
F 4 HOH 29 229 53 HOH HOH A . 
F 4 HOH 30 230 54 HOH HOH A . 
F 4 HOH 31 231 55 HOH HOH A . 
F 4 HOH 32 232 57 HOH HOH A . 
F 4 HOH 33 233 61 HOH HOH A . 
F 4 HOH 34 234 63 HOH HOH A . 
F 4 HOH 35 235 66 HOH HOH A . 
F 4 HOH 36 236 67 HOH HOH A . 
F 4 HOH 37 237 71 HOH HOH A . 
F 4 HOH 38 238 72 HOH HOH A . 
F 4 HOH 39 239 73 HOH HOH A . 
F 4 HOH 40 240 76 HOH HOH A . 
F 4 HOH 41 241 78 HOH HOH A . 
F 4 HOH 42 242 79 HOH HOH A . 
F 4 HOH 43 243 81 HOH HOH A . 
G 4 HOH 1  201 1  HOH HOH B . 
G 4 HOH 2  202 4  HOH HOH B . 
G 4 HOH 3  203 10 HOH HOH B . 
G 4 HOH 4  204 13 HOH HOH B . 
G 4 HOH 5  205 15 HOH HOH B . 
G 4 HOH 6  206 17 HOH HOH B . 
G 4 HOH 7  207 18 HOH HOH B . 
G 4 HOH 8  208 20 HOH HOH B . 
G 4 HOH 9  209 22 HOH HOH B . 
G 4 HOH 10 210 24 HOH HOH B . 
G 4 HOH 11 211 26 HOH HOH B . 
G 4 HOH 12 212 27 HOH HOH B . 
G 4 HOH 13 213 29 HOH HOH B . 
G 4 HOH 14 214 31 HOH HOH B . 
G 4 HOH 15 215 32 HOH HOH B . 
G 4 HOH 16 216 33 HOH HOH B . 
G 4 HOH 17 217 39 HOH HOH B . 
G 4 HOH 18 218 40 HOH HOH B . 
G 4 HOH 19 219 41 HOH HOH B . 
G 4 HOH 20 220 42 HOH HOH B . 
G 4 HOH 21 221 43 HOH HOH B . 
G 4 HOH 22 222 46 HOH HOH B . 
G 4 HOH 23 223 47 HOH HOH B . 
G 4 HOH 24 224 56 HOH HOH B . 
G 4 HOH 25 225 58 HOH HOH B . 
G 4 HOH 26 226 59 HOH HOH B . 
G 4 HOH 27 227 60 HOH HOH B . 
G 4 HOH 28 228 62 HOH HOH B . 
G 4 HOH 29 229 64 HOH HOH B . 
G 4 HOH 30 230 65 HOH HOH B . 
G 4 HOH 31 231 68 HOH HOH B . 
G 4 HOH 32 232 69 HOH HOH B . 
G 4 HOH 33 233 70 HOH HOH B . 
G 4 HOH 34 234 74 HOH HOH B . 
G 4 HOH 35 235 75 HOH HOH B . 
G 4 HOH 36 236 77 HOH HOH B . 
G 4 HOH 37 237 80 HOH HOH B . 
# 
loop_
_software.name 
_software.classification 
_software.version 
_software.citation_id 
_software.pdbx_ordinal 
MAR345dtb     'data collection' .        ? 1 
Auto-Rickshaw phasing           .        ? 2 
MOLREP        phasing           .        ? 3 
REFMAC        refinement        5.7.0029 ? 4 
MOSFLM        'data reduction'  .        ? 5 
SCALA         'data scaling'    .        ? 6 
# 
_cell.entry_id           4NC7 
_cell.length_a           41.650 
_cell.length_b           110.200 
_cell.length_c           85.260 
_cell.angle_alpha        90.00 
_cell.angle_beta         90.00 
_cell.angle_gamma        90.00 
_cell.Z_PDB              16 
_cell.pdbx_unique_axis   ? 
_cell.length_a_esd       ? 
_cell.length_b_esd       ? 
_cell.length_c_esd       ? 
_cell.angle_alpha_esd    ? 
_cell.angle_beta_esd     ? 
_cell.angle_gamma_esd    ? 
# 
_symmetry.entry_id                         4NC7 
_symmetry.space_group_name_H-M             'C 2 2 21' 
_symmetry.pdbx_full_space_group_name_H-M   ? 
_symmetry.cell_setting                     ? 
_symmetry.Int_Tables_number                20 
_symmetry.space_group_name_Hall            ? 
# 
_exptl.entry_id          4NC7 
_exptl.method            'X-RAY DIFFRACTION' 
_exptl.crystals_number   1 
# 
loop_
_exptl_crystal.id 
_exptl_crystal.density_meas 
_exptl_crystal.density_Matthews 
_exptl_crystal.density_percent_sol 
_exptl_crystal.description 
_exptl_crystal.F_000 
_exptl_crystal.preparation 
1 ? 2.08 40.81 ? ? ? 
2 ? ?    ?     ? ? ? 
# 
loop_
_exptl_crystal_grow.crystal_id 
_exptl_crystal_grow.method 
_exptl_crystal_grow.temp 
_exptl_crystal_grow.temp_details 
_exptl_crystal_grow.pH 
_exptl_crystal_grow.pdbx_details 
_exptl_crystal_grow.pdbx_pH_range 
1 'VAPOR DIFFUSION, HANGING DROP' 290.15 ? 8.0 
'2M sodium/potassium phosphate, pH 8.0, VAPOR DIFFUSION, HANGING DROP, temperature 290.15K' ? 
2 'VAPOR DIFFUSION'               290.15 ? 8.2 '1.8M sodium/potassium phosphate, pH 8.2, VAPOR DIFFUSION, temperature 290.15K' ? 
# 
_diffrn.id                     1 
_diffrn.ambient_temp           100 
_diffrn.ambient_temp_details   ? 
_diffrn.crystal_id             1 
# 
_diffrn_detector.diffrn_id              1 
_diffrn_detector.detector               CCD 
_diffrn_detector.type                   'RAYONIX MX-225' 
_diffrn_detector.pdbx_collection_date   2011-09-21 
_diffrn_detector.details                ? 
# 
_diffrn_radiation.diffrn_id                        1 
_diffrn_radiation.wavelength_id                    1 
_diffrn_radiation.pdbx_monochromatic_or_laue_m_l   M 
_diffrn_radiation.monochromator                    KMC-2 
_diffrn_radiation.pdbx_diffrn_protocol             'SINGLE WAVELENGTH' 
_diffrn_radiation.pdbx_scattering_type             x-ray 
# 
_diffrn_radiation_wavelength.id           1 
_diffrn_radiation_wavelength.wavelength   1.5419 
_diffrn_radiation_wavelength.wt           1.0 
# 
_diffrn_source.diffrn_id                   1 
_diffrn_source.source                      SYNCHROTRON 
_diffrn_source.type                        'BESSY BEAMLINE 14.2' 
_diffrn_source.pdbx_synchrotron_site       BESSY 
_diffrn_source.pdbx_synchrotron_beamline   14.2 
_diffrn_source.pdbx_wavelength             ? 
_diffrn_source.pdbx_wavelength_list        1.5419 
# 
_reflns.entry_id                     4NC7 
_reflns.observed_criterion_sigma_I   2.0 
_reflns.observed_criterion_sigma_F   2.0 
_reflns.d_resolution_low             27.5 
_reflns.d_resolution_high            2.00 
_reflns.number_obs                   13651 
_reflns.number_all                   13668 
_reflns.percent_possible_obs         99.9 
_reflns.pdbx_Rmerge_I_obs            ? 
_reflns.pdbx_Rsym_value              ? 
_reflns.pdbx_netI_over_sigmaI        ? 
_reflns.B_iso_Wilson_estimate        ? 
_reflns.pdbx_redundancy              ? 
_reflns.R_free_details               ? 
_reflns.limit_h_max                  ? 
_reflns.limit_h_min                  ? 
_reflns.limit_k_max                  ? 
_reflns.limit_k_min                  ? 
_reflns.limit_l_max                  ? 
_reflns.limit_l_min                  ? 
_reflns.observed_criterion_F_max     ? 
_reflns.observed_criterion_F_min     ? 
_reflns.pdbx_chi_squared             ? 
_reflns.pdbx_scaling_rejects         ? 
_reflns.pdbx_ordinal                 1 
_reflns.pdbx_diffrn_id               1 
# 
_reflns_shell.d_res_high             2.00 
_reflns_shell.d_res_low              2.11 
_reflns_shell.percent_possible_all   100.0 
_reflns_shell.Rmerge_I_obs           ? 
_reflns_shell.pdbx_Rsym_value        ? 
_reflns_shell.meanI_over_sigI_obs    ? 
_reflns_shell.pdbx_redundancy        ? 
_reflns_shell.percent_possible_obs   ? 
_reflns_shell.number_unique_all      ? 
_reflns_shell.number_measured_all    ? 
_reflns_shell.number_measured_obs    ? 
_reflns_shell.number_unique_obs      ? 
_reflns_shell.pdbx_chi_squared       ? 
_reflns_shell.pdbx_ordinal           1 
_reflns_shell.pdbx_diffrn_id         1 
# 
_refine.entry_id                                 4NC7 
_refine.ls_number_reflns_obs                     12976 
_refine.ls_number_reflns_all                     13651 
_refine.pdbx_ls_sigma_I                          ? 
_refine.pdbx_ls_sigma_F                          2.0 
_refine.pdbx_data_cutoff_high_absF               ? 
_refine.pdbx_data_cutoff_low_absF                ? 
_refine.pdbx_data_cutoff_high_rms_absF           ? 
_refine.ls_d_res_low                             27.5 
_refine.ls_d_res_high                            2.00 
_refine.ls_percent_reflns_obs                    99.82 
_refine.ls_R_factor_obs                          0.20418 
_refine.ls_R_factor_all                          0.2390 
_refine.ls_R_factor_R_work                       0.20129 
_refine.ls_R_factor_R_free                       0.25937 
_refine.ls_R_factor_R_free_error                 ? 
_refine.ls_R_factor_R_free_error_details         ? 
_refine.ls_percent_reflns_R_free                 5.0 
_refine.ls_number_reflns_R_free                  676 
_refine.ls_number_parameters                     ? 
_refine.ls_number_restraints                     ? 
_refine.occupancy_min                            ? 
_refine.occupancy_max                            ? 
_refine.correlation_coeff_Fo_to_Fc               0.955 
_refine.correlation_coeff_Fo_to_Fc_free          0.938 
_refine.B_iso_mean                               45.803 
_refine.aniso_B[1][1]                            4.04 
_refine.aniso_B[2][2]                            -2.55 
_refine.aniso_B[3][3]                            -1.49 
_refine.aniso_B[1][2]                            0.00 
_refine.aniso_B[1][3]                            0.00 
_refine.aniso_B[2][3]                            -0.00 
_refine.solvent_model_details                    MASK 
_refine.solvent_model_param_ksol                 ? 
_refine.solvent_model_param_bsol                 ? 
_refine.pdbx_solvent_vdw_probe_radii             1.20 
_refine.pdbx_solvent_ion_probe_radii             0.80 
_refine.pdbx_solvent_shrinkage_radii             0.80 
_refine.pdbx_ls_cross_valid_method               THROUGHOUT 
_refine.details                                  'HYDROGENS HAVE BEEN ADDED IN THE RIDING POSITIONS' 
_refine.pdbx_starting_model                      ? 
_refine.pdbx_method_to_determine_struct          SAD 
_refine.pdbx_isotropic_thermal_model             ? 
_refine.pdbx_stereochemistry_target_values       'MAXIMUM LIKELIHOOD' 
_refine.pdbx_stereochem_target_val_spec_case     ? 
_refine.pdbx_R_Free_selection_details            RANDOM 
_refine.pdbx_overall_ESU_R                       0.182 
_refine.pdbx_overall_ESU_R_Free                  0.176 
_refine.overall_SU_ML                            0.141 
_refine.pdbx_overall_phase_error                 ? 
_refine.overall_SU_B                             5.042 
_refine.overall_SU_R_Cruickshank_DPI             ? 
_refine.ls_redundancy_reflns_obs                 ? 
_refine.B_iso_min                                ? 
_refine.B_iso_max                                ? 
_refine.overall_SU_R_free                        ? 
_refine.ls_wR_factor_R_free                      ? 
_refine.ls_wR_factor_R_work                      ? 
_refine.overall_FOM_free_R_set                   ? 
_refine.overall_FOM_work_R_set                   ? 
_refine.pdbx_diffrn_id                           1 
_refine.pdbx_refine_id                           'X-RAY DIFFRACTION' 
_refine.pdbx_TLS_residual_ADP_flag               ? 
_refine.pdbx_overall_SU_R_free_Cruickshank_DPI   ? 
_refine.pdbx_overall_SU_R_Blow_DPI               ? 
_refine.pdbx_overall_SU_R_free_Blow_DPI          ? 
# 
_refine_hist.pdbx_refine_id                   'X-RAY DIFFRACTION' 
_refine_hist.cycle_id                         LAST 
_refine_hist.pdbx_number_atoms_protein        1314 
_refine_hist.pdbx_number_atoms_nucleic_acid   0 
_refine_hist.pdbx_number_atoms_ligand         18 
_refine_hist.number_atoms_solvent             80 
_refine_hist.number_atoms_total               1412 
_refine_hist.d_res_high                       2.00 
_refine_hist.d_res_low                        27.5 
# 
loop_
_refine_ls_restr.type 
_refine_ls_restr.dev_ideal 
_refine_ls_restr.dev_ideal_target 
_refine_ls_restr.weight 
_refine_ls_restr.number 
_refine_ls_restr.pdbx_restraint_function 
_refine_ls_restr.pdbx_refine_id 
r_bond_refined_d       0.017  0.019  ? 1379 ? 'X-RAY DIFFRACTION' 
r_bond_other_d         0.001  0.020  ? 1294 ? 'X-RAY DIFFRACTION' 
r_angle_refined_deg    1.731  1.977  ? 1864 ? 'X-RAY DIFFRACTION' 
r_angle_other_deg      0.890  3.000  ? 2987 ? 'X-RAY DIFFRACTION' 
r_dihedral_angle_1_deg 6.150  5.000  ? 160  ? 'X-RAY DIFFRACTION' 
r_dihedral_angle_2_deg 42.099 25.205 ? 73   ? 'X-RAY DIFFRACTION' 
r_dihedral_angle_3_deg 15.899 15.000 ? 254  ? 'X-RAY DIFFRACTION' 
r_dihedral_angle_4_deg 14.503 15.000 ? 6    ? 'X-RAY DIFFRACTION' 
r_chiral_restr         0.107  0.200  ? 194  ? 'X-RAY DIFFRACTION' 
r_gen_planes_refined   0.008  0.020  ? 1556 ? 'X-RAY DIFFRACTION' 
r_gen_planes_other     0.002  0.020  ? 320  ? 'X-RAY DIFFRACTION' 
# 
_refine_ls_shell.pdbx_total_number_of_bins_used   20 
_refine_ls_shell.d_res_high                       2.000 
_refine_ls_shell.d_res_low                        2.052 
_refine_ls_shell.number_reflns_R_work             937 
_refine_ls_shell.R_factor_R_work                  0.231 
_refine_ls_shell.percent_reflns_obs               100.00 
_refine_ls_shell.R_factor_R_free                  0.286 
_refine_ls_shell.R_factor_R_free_error            ? 
_refine_ls_shell.percent_reflns_R_free            ? 
_refine_ls_shell.number_reflns_R_free             59 
_refine_ls_shell.number_reflns_all                ? 
_refine_ls_shell.R_factor_all                     ? 
_refine_ls_shell.number_reflns_obs                ? 
_refine_ls_shell.redundancy_reflns_obs            ? 
_refine_ls_shell.pdbx_refine_id                   'X-RAY DIFFRACTION' 
# 
_struct.entry_id                  4NC7 
_struct.title                     'N-terminal domain of delta-subunit of RNA polymerase complexed with I3C and nickel ions' 
_struct.pdbx_model_details        ? 
_struct.pdbx_CASP_flag            ? 
_struct.pdbx_model_type_details   ? 
# 
_struct_keywords.entry_id        4NC7 
_struct_keywords.pdbx_keywords   TRANSCRIPTION 
_struct_keywords.text            'nucleus, TRANSCRIPTION' 
# 
loop_
_struct_asym.id 
_struct_asym.pdbx_blank_PDB_chainid_flag 
_struct_asym.pdbx_modified 
_struct_asym.entity_id 
_struct_asym.details 
A N N 1 ? 
B N N 1 ? 
C N N 2 ? 
D N N 3 ? 
E N N 3 ? 
F N N 4 ? 
G N N 4 ? 
# 
_struct_ref.id                         1 
_struct_ref.db_name                    UNP 
_struct_ref.db_code                    RPOE_BACSU 
_struct_ref.pdbx_db_accession          P12464 
_struct_ref.entity_id                  1 
_struct_ref.pdbx_seq_one_letter_code   
;GIKQYSQEELKEMALVEIAHELFEEHKKPVPFQELLNEIASLLGVKKEELGDRIAQFYTDLNIDGRFLALSDQTWGLRSW
YPYDQLDEETQ
;
_struct_ref.pdbx_align_begin           2 
_struct_ref.pdbx_db_isoform            ? 
# 
loop_
_struct_ref_seq.align_id 
_struct_ref_seq.ref_id 
_struct_ref_seq.pdbx_PDB_id_code 
_struct_ref_seq.pdbx_strand_id 
_struct_ref_seq.seq_align_beg 
_struct_ref_seq.pdbx_seq_align_beg_ins_code 
_struct_ref_seq.seq_align_end 
_struct_ref_seq.pdbx_seq_align_end_ins_code 
_struct_ref_seq.pdbx_db_accession 
_struct_ref_seq.db_align_beg 
_struct_ref_seq.pdbx_db_align_beg_ins_code 
_struct_ref_seq.db_align_end 
_struct_ref_seq.pdbx_db_align_end_ins_code 
_struct_ref_seq.pdbx_auth_seq_align_beg 
_struct_ref_seq.pdbx_auth_seq_align_end 
1 1 4NC7 A 1 ? 91 ? P12464 2 ? 92 ? 1 91 
2 1 4NC7 B 1 ? 91 ? P12464 2 ? 92 ? 1 91 
# 
loop_
_struct_ref_seq_dif.align_id 
_struct_ref_seq_dif.pdbx_pdb_id_code 
_struct_ref_seq_dif.mon_id 
_struct_ref_seq_dif.pdbx_pdb_strand_id 
_struct_ref_seq_dif.seq_num 
_struct_ref_seq_dif.pdbx_pdb_ins_code 
_struct_ref_seq_dif.pdbx_seq_db_name 
_struct_ref_seq_dif.pdbx_seq_db_accession_code 
_struct_ref_seq_dif.db_mon_id 
_struct_ref_seq_dif.pdbx_seq_db_seq_num 
_struct_ref_seq_dif.details 
_struct_ref_seq_dif.pdbx_auth_seq_num 
_struct_ref_seq_dif.pdbx_ordinal 
1 4NC7 LEU A 92 ? UNP P12464 ? ? 'expression tag' 92 1  
1 4NC7 GLU A 93 ? UNP P12464 ? ? 'expression tag' 93 2  
1 4NC7 HIS A 94 ? UNP P12464 ? ? 'expression tag' 94 3  
1 4NC7 HIS A 95 ? UNP P12464 ? ? 'expression tag' 95 4  
1 4NC7 HIS A 96 ? UNP P12464 ? ? 'expression tag' 96 5  
1 4NC7 HIS A 97 ? UNP P12464 ? ? 'expression tag' 97 6  
1 4NC7 HIS A 98 ? UNP P12464 ? ? 'expression tag' 98 7  
1 4NC7 HIS A 99 ? UNP P12464 ? ? 'expression tag' 99 8  
2 4NC7 LEU B 92 ? UNP P12464 ? ? 'expression tag' 92 9  
2 4NC7 GLU B 93 ? UNP P12464 ? ? 'expression tag' 93 10 
2 4NC7 HIS B 94 ? UNP P12464 ? ? 'expression tag' 94 11 
2 4NC7 HIS B 95 ? UNP P12464 ? ? 'expression tag' 95 12 
2 4NC7 HIS B 96 ? UNP P12464 ? ? 'expression tag' 96 13 
2 4NC7 HIS B 97 ? UNP P12464 ? ? 'expression tag' 97 14 
2 4NC7 HIS B 98 ? UNP P12464 ? ? 'expression tag' 98 15 
2 4NC7 HIS B 99 ? UNP P12464 ? ? 'expression tag' 99 16 
# 
loop_
_pdbx_struct_assembly.id 
_pdbx_struct_assembly.details 
_pdbx_struct_assembly.method_details 
_pdbx_struct_assembly.oligomeric_details 
_pdbx_struct_assembly.oligomeric_count 
1 author_defined_assembly   ?    dimeric    2 
2 software_defined_assembly PISA dimeric    2 
3 software_defined_assembly PISA dimeric    2 
4 software_defined_assembly PISA tetrameric 4 
# 
loop_
_pdbx_struct_assembly_prop.biol_id 
_pdbx_struct_assembly_prop.type 
_pdbx_struct_assembly_prop.value 
_pdbx_struct_assembly_prop.details 
2 'ABSA (A^2)' 2950  ? 
2 MORE         -19   ? 
2 'SSA (A^2)'  9460  ? 
3 'ABSA (A^2)' 3210  ? 
3 MORE         -21   ? 
3 'SSA (A^2)'  9290  ? 
4 'ABSA (A^2)' 8790  ? 
4 MORE         -50   ? 
4 'SSA (A^2)'  16120 ? 
# 
loop_
_pdbx_struct_assembly_gen.assembly_id 
_pdbx_struct_assembly_gen.oper_expression 
_pdbx_struct_assembly_gen.asym_id_list 
1 1   A,B,C,D,E,F,G 
2 1,2 A,C,D,F       
3 1,2 B,E,G         
4 1,2 A,B,C,D,E,F,G 
# 
loop_
_pdbx_struct_oper_list.id 
_pdbx_struct_oper_list.type 
_pdbx_struct_oper_list.name 
_pdbx_struct_oper_list.symmetry_operation 
_pdbx_struct_oper_list.matrix[1][1] 
_pdbx_struct_oper_list.matrix[1][2] 
_pdbx_struct_oper_list.matrix[1][3] 
_pdbx_struct_oper_list.vector[1] 
_pdbx_struct_oper_list.matrix[2][1] 
_pdbx_struct_oper_list.matrix[2][2] 
_pdbx_struct_oper_list.matrix[2][3] 
_pdbx_struct_oper_list.vector[2] 
_pdbx_struct_oper_list.matrix[3][1] 
_pdbx_struct_oper_list.matrix[3][2] 
_pdbx_struct_oper_list.matrix[3][3] 
_pdbx_struct_oper_list.vector[3] 
1 'identity operation'         1_555 x,y,z       1.0000000000  0.0000000000  0.0000000000  0.0000000000  0.0000000000  1.0000000000  0.0000000000 0.0000000000  0.0000000000  0.0000000000 1.0000000000 0.0000000000 
2 'crystal symmetry operation' 3_555 -x,y,-z+1/2 -0.7099135998 -0.1228469072 -0.6934921183 13.3390341045 -0.1228469072 -0.9479763181 0.2936827160 -9.1510553577 -0.6934921183 0.2936827160 0.6578899180 7.2007324974 
# 
_struct_biol.id        1 
_struct_biol.details   ? 
# 
loop_
_struct_conf.conf_type_id 
_struct_conf.id 
_struct_conf.pdbx_PDB_helix_id 
_struct_conf.beg_label_comp_id 
_struct_conf.beg_label_asym_id 
_struct_conf.beg_label_seq_id 
_struct_conf.pdbx_beg_PDB_ins_code 
_struct_conf.end_label_comp_id 
_struct_conf.end_label_asym_id 
_struct_conf.end_label_seq_id 
_struct_conf.pdbx_end_PDB_ins_code 
_struct_conf.beg_auth_comp_id 
_struct_conf.beg_auth_asym_id 
_struct_conf.beg_auth_seq_id 
_struct_conf.end_auth_comp_id 
_struct_conf.end_auth_asym_id 
_struct_conf.end_auth_seq_id 
_struct_conf.pdbx_PDB_helix_class 
_struct_conf.details 
_struct_conf.pdbx_PDB_helix_length 
HELX_P HELX_P1  1  SER A 6  ? MET A 13 ? SER A 6  MET A 13 1 ? 8  
HELX_P HELX_P2  2  ALA A 14 ? LYS A 27 ? ALA A 14 LYS A 27 1 ? 14 
HELX_P HELX_P3  3  PRO A 31 ? LEU A 43 ? PRO A 31 LEU A 43 1 ? 13 
HELX_P HELX_P4  4  LYS A 46 ? ASP A 52 ? LYS A 46 ASP A 52 5 ? 7  
HELX_P HELX_P5  5  ARG A 53 ? ASP A 64 ? ARG A 53 ASP A 64 1 ? 12 
HELX_P HELX_P6  6  LEU A 77 ? TYR A 81 ? LEU A 77 TYR A 81 5 ? 5  
HELX_P HELX_P7  7  SER B 6  ? LYS B 11 ? SER B 6  LYS B 11 1 ? 6  
HELX_P HELX_P8  8  ALA B 14 ? LYS B 27 ? ALA B 14 LYS B 27 1 ? 14 
HELX_P HELX_P9  9  PRO B 31 ? LEU B 43 ? PRO B 31 LEU B 43 1 ? 13 
HELX_P HELX_P10 10 LYS B 46 ? GLY B 51 ? LYS B 46 GLY B 51 1 ? 6  
HELX_P HELX_P11 11 ARG B 53 ? ASP B 64 ? ARG B 53 ASP B 64 1 ? 12 
HELX_P HELX_P12 12 LEU B 77 ? TYR B 81 ? LEU B 77 TYR B 81 5 ? 5  
# 
_struct_conf_type.id          HELX_P 
_struct_conf_type.criteria    ? 
_struct_conf_type.reference   ? 
# 
loop_
_struct_conn.id 
_struct_conn.conn_type_id 
_struct_conn.pdbx_leaving_atom_flag 
_struct_conn.pdbx_PDB_id 
_struct_conn.ptnr1_label_asym_id 
_struct_conn.ptnr1_label_comp_id 
_struct_conn.ptnr1_label_seq_id 
_struct_conn.ptnr1_label_atom_id 
_struct_conn.pdbx_ptnr1_label_alt_id 
_struct_conn.pdbx_ptnr1_PDB_ins_code 
_struct_conn.pdbx_ptnr1_standard_comp_id 
_struct_conn.ptnr1_symmetry 
_struct_conn.ptnr2_label_asym_id 
_struct_conn.ptnr2_label_comp_id 
_struct_conn.ptnr2_label_seq_id 
_struct_conn.ptnr2_label_atom_id 
_struct_conn.pdbx_ptnr2_label_alt_id 
_struct_conn.pdbx_ptnr2_PDB_ins_code 
_struct_conn.ptnr1_auth_asym_id 
_struct_conn.ptnr1_auth_comp_id 
_struct_conn.ptnr1_auth_seq_id 
_struct_conn.ptnr2_auth_asym_id 
_struct_conn.ptnr2_auth_comp_id 
_struct_conn.ptnr2_auth_seq_id 
_struct_conn.ptnr2_symmetry 
_struct_conn.pdbx_ptnr3_label_atom_id 
_struct_conn.pdbx_ptnr3_label_seq_id 
_struct_conn.pdbx_ptnr3_label_comp_id 
_struct_conn.pdbx_ptnr3_label_asym_id 
_struct_conn.pdbx_ptnr3_label_alt_id 
_struct_conn.pdbx_ptnr3_PDB_ins_code 
_struct_conn.details 
_struct_conn.pdbx_dist_value 
_struct_conn.pdbx_value_order 
_struct_conn.pdbx_role 
metalc1 metalc ? ? A LEU 61 O  ? ? ? 1_555 D NI  . NI ? ? A LEU 61  A NI  102 1_555 ? ? ? ? ? ? ? 2.686 ? ? 
metalc2 metalc ? ? A ASN 62 O  ? ? ? 1_555 D NI  . NI ? ? A ASN 62  A NI  102 1_555 ? ? ? ? ? ? ? 2.676 ? ? 
metalc3 metalc ? ? A ASP 64 O  ? ? ? 1_555 D NI  . NI ? ? A ASP 64  A NI  102 1_555 ? ? ? ? ? ? ? 2.709 ? ? 
metalc4 metalc ? ? D NI  .  NI ? ? ? 1_555 G HOH . O  ? ? A NI  102 B HOH 226 1_555 ? ? ? ? ? ? ? 2.556 ? ? 
metalc5 metalc ? ? F HOH .  O  ? ? ? 1_555 E NI  . NI ? ? A HOH 243 B NI  101 1_555 ? ? ? ? ? ? ? 2.575 ? ? 
metalc6 metalc ? ? B ASN 62 O  ? ? ? 1_555 E NI  . NI ? ? B ASN 62  B NI  101 1_555 ? ? ? ? ? ? ? 2.764 ? ? 
metalc7 metalc ? ? B PHE 67 O  ? ? ? 1_555 E NI  . NI ? ? B PHE 67  B NI  101 1_555 ? ? ? ? ? ? ? 2.797 ? ? 
# 
_struct_conn_type.id          metalc 
_struct_conn_type.criteria    ? 
_struct_conn_type.reference   ? 
# 
loop_
_pdbx_struct_conn_angle.id 
_pdbx_struct_conn_angle.ptnr1_label_atom_id 
_pdbx_struct_conn_angle.ptnr1_label_alt_id 
_pdbx_struct_conn_angle.ptnr1_label_asym_id 
_pdbx_struct_conn_angle.ptnr1_label_comp_id 
_pdbx_struct_conn_angle.ptnr1_label_seq_id 
_pdbx_struct_conn_angle.ptnr1_auth_atom_id 
_pdbx_struct_conn_angle.ptnr1_auth_asym_id 
_pdbx_struct_conn_angle.ptnr1_auth_comp_id 
_pdbx_struct_conn_angle.ptnr1_auth_seq_id 
_pdbx_struct_conn_angle.ptnr1_PDB_ins_code 
_pdbx_struct_conn_angle.ptnr1_symmetry 
_pdbx_struct_conn_angle.ptnr2_label_atom_id 
_pdbx_struct_conn_angle.ptnr2_label_alt_id 
_pdbx_struct_conn_angle.ptnr2_label_asym_id 
_pdbx_struct_conn_angle.ptnr2_label_comp_id 
_pdbx_struct_conn_angle.ptnr2_label_seq_id 
_pdbx_struct_conn_angle.ptnr2_auth_atom_id 
_pdbx_struct_conn_angle.ptnr2_auth_asym_id 
_pdbx_struct_conn_angle.ptnr2_auth_comp_id 
_pdbx_struct_conn_angle.ptnr2_auth_seq_id 
_pdbx_struct_conn_angle.ptnr2_PDB_ins_code 
_pdbx_struct_conn_angle.ptnr2_symmetry 
_pdbx_struct_conn_angle.ptnr3_label_atom_id 
_pdbx_struct_conn_angle.ptnr3_label_alt_id 
_pdbx_struct_conn_angle.ptnr3_label_asym_id 
_pdbx_struct_conn_angle.ptnr3_label_comp_id 
_pdbx_struct_conn_angle.ptnr3_label_seq_id 
_pdbx_struct_conn_angle.ptnr3_auth_atom_id 
_pdbx_struct_conn_angle.ptnr3_auth_asym_id 
_pdbx_struct_conn_angle.ptnr3_auth_comp_id 
_pdbx_struct_conn_angle.ptnr3_auth_seq_id 
_pdbx_struct_conn_angle.ptnr3_PDB_ins_code 
_pdbx_struct_conn_angle.ptnr3_symmetry 
_pdbx_struct_conn_angle.value 
_pdbx_struct_conn_angle.value_esd 
1 O ? A LEU 61 ? A LEU 61  ? 1_555 NI ? D NI . ? A NI 102 ? 1_555 O ? A ASN 62 ? A ASN 62  ? 1_555 83.1  ? 
2 O ? A LEU 61 ? A LEU 61  ? 1_555 NI ? D NI . ? A NI 102 ? 1_555 O ? A ASP 64 ? A ASP 64  ? 1_555 77.6  ? 
3 O ? A ASN 62 ? A ASN 62  ? 1_555 NI ? D NI . ? A NI 102 ? 1_555 O ? A ASP 64 ? A ASP 64  ? 1_555 102.4 ? 
4 O ? A LEU 61 ? A LEU 61  ? 1_555 NI ? D NI . ? A NI 102 ? 1_555 O ? G HOH .  ? B HOH 226 ? 1_555 88.6  ? 
5 O ? A ASN 62 ? A ASN 62  ? 1_555 NI ? D NI . ? A NI 102 ? 1_555 O ? G HOH .  ? B HOH 226 ? 1_555 89.6  ? 
6 O ? A ASP 64 ? A ASP 64  ? 1_555 NI ? D NI . ? A NI 102 ? 1_555 O ? G HOH .  ? B HOH 226 ? 1_555 160.3 ? 
7 O ? F HOH .  ? A HOH 243 ? 1_555 NI ? E NI . ? B NI 101 ? 1_555 O ? B ASN 62 ? B ASN 62  ? 1_555 84.9  ? 
8 O ? F HOH .  ? A HOH 243 ? 1_555 NI ? E NI . ? B NI 101 ? 1_555 O ? B PHE 67 ? B PHE 67  ? 1_555 85.8  ? 
9 O ? B ASN 62 ? B ASN 62  ? 1_555 NI ? E NI . ? B NI 101 ? 1_555 O ? B PHE 67 ? B PHE 67  ? 1_555 170.3 ? 
# 
loop_
_struct_site.id 
_struct_site.pdbx_evidence_code 
_struct_site.pdbx_auth_asym_id 
_struct_site.pdbx_auth_comp_id 
_struct_site.pdbx_auth_seq_id 
_struct_site.pdbx_auth_ins_code 
_struct_site.pdbx_num_residues 
_struct_site.details 
AC1 Software A I3C 101 ? 9 'BINDING SITE FOR RESIDUE I3C A 101' 
AC2 Software A NI  102 ? 6 'BINDING SITE FOR RESIDUE NI A 102'  
AC3 Software B NI  101 ? 6 'BINDING SITE FOR RESIDUE NI B 101'  
# 
loop_
_struct_site_gen.id 
_struct_site_gen.site_id 
_struct_site_gen.pdbx_num_res 
_struct_site_gen.label_comp_id 
_struct_site_gen.label_asym_id 
_struct_site_gen.label_seq_id 
_struct_site_gen.pdbx_auth_ins_code 
_struct_site_gen.auth_comp_id 
_struct_site_gen.auth_asym_id 
_struct_site_gen.auth_seq_id 
_struct_site_gen.label_atom_id 
_struct_site_gen.label_alt_id 
_struct_site_gen.symmetry 
_struct_site_gen.details 
1  AC1 9 LYS A 28 ? LYS A 28  . ? 3_555 ? 
2  AC1 9 PRO A 29 ? PRO A 29  . ? 3_555 ? 
3  AC1 9 GLN A 33 ? GLN A 33  . ? 1_555 ? 
4  AC1 9 GLU A 34 ? GLU A 34  . ? 1_555 ? 
5  AC1 9 ASN A 37 ? ASN A 37  . ? 1_555 ? 
6  AC1 9 LYS A 47 ? LYS A 47  . ? 1_555 ? 
7  AC1 9 ASP A 72 ? ASP A 72  . ? 3_555 ? 
8  AC1 9 TYR A 81 ? TYR A 81  . ? 1_555 ? 
9  AC1 9 HOH F .  ? HOH A 201 . ? 3_555 ? 
10 AC2 6 LEU A 61 ? LEU A 61  . ? 1_555 ? 
11 AC2 6 ASN A 62 ? ASN A 62  . ? 1_555 ? 
12 AC2 6 ASP A 64 ? ASP A 64  . ? 1_555 ? 
13 AC2 6 PHE A 67 ? PHE A 67  . ? 1_555 ? 
14 AC2 6 ASN B 62 ? ASN B 62  . ? 1_555 ? 
15 AC2 6 HOH G .  ? HOH B 226 . ? 1_555 ? 
16 AC3 6 ASN A 62 ? ASN A 62  . ? 1_555 ? 
17 AC3 6 HOH F .  ? HOH A 243 . ? 1_555 ? 
18 AC3 6 LEU B 61 ? LEU B 61  . ? 1_555 ? 
19 AC3 6 ASN B 62 ? ASN B 62  . ? 1_555 ? 
20 AC3 6 ASP B 64 ? ASP B 64  . ? 1_555 ? 
21 AC3 6 PHE B 67 ? PHE B 67  . ? 1_555 ? 
# 
_pdbx_validate_close_contact.id               1 
_pdbx_validate_close_contact.PDB_model_num    1 
_pdbx_validate_close_contact.auth_atom_id_1   OE1 
_pdbx_validate_close_contact.auth_asym_id_1   A 
_pdbx_validate_close_contact.auth_comp_id_1   GLU 
_pdbx_validate_close_contact.auth_seq_id_1    34 
_pdbx_validate_close_contact.PDB_ins_code_1   ? 
_pdbx_validate_close_contact.label_alt_id_1   ? 
_pdbx_validate_close_contact.auth_atom_id_2   I3 
_pdbx_validate_close_contact.auth_asym_id_2   A 
_pdbx_validate_close_contact.auth_comp_id_2   I3C 
_pdbx_validate_close_contact.auth_seq_id_2    101 
_pdbx_validate_close_contact.PDB_ins_code_2   ? 
_pdbx_validate_close_contact.label_alt_id_2   ? 
_pdbx_validate_close_contact.dist             2.11 
# 
_pdbx_struct_special_symmetry.id              1 
_pdbx_struct_special_symmetry.PDB_model_num   1 
_pdbx_struct_special_symmetry.auth_asym_id    A 
_pdbx_struct_special_symmetry.auth_comp_id    HOH 
_pdbx_struct_special_symmetry.auth_seq_id     237 
_pdbx_struct_special_symmetry.PDB_ins_code    ? 
_pdbx_struct_special_symmetry.label_asym_id   F 
_pdbx_struct_special_symmetry.label_comp_id   HOH 
_pdbx_struct_special_symmetry.label_seq_id    . 
# 
loop_
_pdbx_unobs_or_zero_occ_residues.id 
_pdbx_unobs_or_zero_occ_residues.PDB_model_num 
_pdbx_unobs_or_zero_occ_residues.polymer_flag 
_pdbx_unobs_or_zero_occ_residues.occupancy_flag 
_pdbx_unobs_or_zero_occ_residues.auth_asym_id 
_pdbx_unobs_or_zero_occ_residues.auth_comp_id 
_pdbx_unobs_or_zero_occ_residues.auth_seq_id 
_pdbx_unobs_or_zero_occ_residues.PDB_ins_code 
_pdbx_unobs_or_zero_occ_residues.label_asym_id 
_pdbx_unobs_or_zero_occ_residues.label_comp_id 
_pdbx_unobs_or_zero_occ_residues.label_seq_id 
1  1 Y 1 A GLY 1  ? A GLY 1  
2  1 Y 1 A ILE 2  ? A ILE 2  
3  1 Y 1 A PRO 82 ? A PRO 82 
4  1 Y 1 A TYR 83 ? A TYR 83 
5  1 Y 1 A ASP 84 ? A ASP 84 
6  1 Y 1 A GLN 85 ? A GLN 85 
7  1 Y 1 A LEU 86 ? A LEU 86 
8  1 Y 1 A ASP 87 ? A ASP 87 
9  1 Y 1 A GLU 88 ? A GLU 88 
10 1 Y 1 A GLU 89 ? A GLU 89 
11 1 Y 1 A THR 90 ? A THR 90 
12 1 Y 1 A GLN 91 ? A GLN 91 
13 1 Y 1 A LEU 92 ? A LEU 92 
14 1 Y 1 A GLU 93 ? A GLU 93 
15 1 Y 1 A HIS 94 ? A HIS 94 
16 1 Y 1 A HIS 95 ? A HIS 95 
17 1 Y 1 A HIS 96 ? A HIS 96 
18 1 Y 1 A HIS 97 ? A HIS 97 
19 1 Y 1 A HIS 98 ? A HIS 98 
20 1 Y 1 A HIS 99 ? A HIS 99 
21 1 Y 1 B GLY 1  ? B GLY 1  
22 1 Y 1 B ILE 2  ? B ILE 2  
23 1 Y 1 B PRO 82 ? B PRO 82 
24 1 Y 1 B TYR 83 ? B TYR 83 
25 1 Y 1 B ASP 84 ? B ASP 84 
26 1 Y 1 B GLN 85 ? B GLN 85 
27 1 Y 1 B LEU 86 ? B LEU 86 
28 1 Y 1 B ASP 87 ? B ASP 87 
29 1 Y 1 B GLU 88 ? B GLU 88 
30 1 Y 1 B GLU 89 ? B GLU 89 
31 1 Y 1 B THR 90 ? B THR 90 
32 1 Y 1 B GLN 91 ? B GLN 91 
33 1 Y 1 B LEU 92 ? B LEU 92 
34 1 Y 1 B GLU 93 ? B GLU 93 
35 1 Y 1 B HIS 94 ? B HIS 94 
36 1 Y 1 B HIS 95 ? B HIS 95 
37 1 Y 1 B HIS 96 ? B HIS 96 
38 1 Y 1 B HIS 97 ? B HIS 97 
39 1 Y 1 B HIS 98 ? B HIS 98 
40 1 Y 1 B HIS 99 ? B HIS 99 
# 
loop_
_chem_comp_atom.comp_id 
_chem_comp_atom.atom_id 
_chem_comp_atom.type_symbol 
_chem_comp_atom.pdbx_aromatic_flag 
_chem_comp_atom.pdbx_stereo_config 
_chem_comp_atom.pdbx_ordinal 
ALA N    N  N N 1   
ALA CA   C  N S 2   
ALA C    C  N N 3   
ALA O    O  N N 4   
ALA CB   C  N N 5   
ALA OXT  O  N N 6   
ALA H    H  N N 7   
ALA H2   H  N N 8   
ALA HA   H  N N 9   
ALA HB1  H  N N 10  
ALA HB2  H  N N 11  
ALA HB3  H  N N 12  
ALA HXT  H  N N 13  
ARG N    N  N N 14  
ARG CA   C  N S 15  
ARG C    C  N N 16  
ARG O    O  N N 17  
ARG CB   C  N N 18  
ARG CG   C  N N 19  
ARG CD   C  N N 20  
ARG NE   N  N N 21  
ARG CZ   C  N N 22  
ARG NH1  N  N N 23  
ARG NH2  N  N N 24  
ARG OXT  O  N N 25  
ARG H    H  N N 26  
ARG H2   H  N N 27  
ARG HA   H  N N 28  
ARG HB2  H  N N 29  
ARG HB3  H  N N 30  
ARG HG2  H  N N 31  
ARG HG3  H  N N 32  
ARG HD2  H  N N 33  
ARG HD3  H  N N 34  
ARG HE   H  N N 35  
ARG HH11 H  N N 36  
ARG HH12 H  N N 37  
ARG HH21 H  N N 38  
ARG HH22 H  N N 39  
ARG HXT  H  N N 40  
ASN N    N  N N 41  
ASN CA   C  N S 42  
ASN C    C  N N 43  
ASN O    O  N N 44  
ASN CB   C  N N 45  
ASN CG   C  N N 46  
ASN OD1  O  N N 47  
ASN ND2  N  N N 48  
ASN OXT  O  N N 49  
ASN H    H  N N 50  
ASN H2   H  N N 51  
ASN HA   H  N N 52  
ASN HB2  H  N N 53  
ASN HB3  H  N N 54  
ASN HD21 H  N N 55  
ASN HD22 H  N N 56  
ASN HXT  H  N N 57  
ASP N    N  N N 58  
ASP CA   C  N S 59  
ASP C    C  N N 60  
ASP O    O  N N 61  
ASP CB   C  N N 62  
ASP CG   C  N N 63  
ASP OD1  O  N N 64  
ASP OD2  O  N N 65  
ASP OXT  O  N N 66  
ASP H    H  N N 67  
ASP H2   H  N N 68  
ASP HA   H  N N 69  
ASP HB2  H  N N 70  
ASP HB3  H  N N 71  
ASP HD2  H  N N 72  
ASP HXT  H  N N 73  
GLN N    N  N N 74  
GLN CA   C  N S 75  
GLN C    C  N N 76  
GLN O    O  N N 77  
GLN CB   C  N N 78  
GLN CG   C  N N 79  
GLN CD   C  N N 80  
GLN OE1  O  N N 81  
GLN NE2  N  N N 82  
GLN OXT  O  N N 83  
GLN H    H  N N 84  
GLN H2   H  N N 85  
GLN HA   H  N N 86  
GLN HB2  H  N N 87  
GLN HB3  H  N N 88  
GLN HG2  H  N N 89  
GLN HG3  H  N N 90  
GLN HE21 H  N N 91  
GLN HE22 H  N N 92  
GLN HXT  H  N N 93  
GLU N    N  N N 94  
GLU CA   C  N S 95  
GLU C    C  N N 96  
GLU O    O  N N 97  
GLU CB   C  N N 98  
GLU CG   C  N N 99  
GLU CD   C  N N 100 
GLU OE1  O  N N 101 
GLU OE2  O  N N 102 
GLU OXT  O  N N 103 
GLU H    H  N N 104 
GLU H2   H  N N 105 
GLU HA   H  N N 106 
GLU HB2  H  N N 107 
GLU HB3  H  N N 108 
GLU HG2  H  N N 109 
GLU HG3  H  N N 110 
GLU HE2  H  N N 111 
GLU HXT  H  N N 112 
GLY N    N  N N 113 
GLY CA   C  N N 114 
GLY C    C  N N 115 
GLY O    O  N N 116 
GLY OXT  O  N N 117 
GLY H    H  N N 118 
GLY H2   H  N N 119 
GLY HA2  H  N N 120 
GLY HA3  H  N N 121 
GLY HXT  H  N N 122 
HIS N    N  N N 123 
HIS CA   C  N S 124 
HIS C    C  N N 125 
HIS O    O  N N 126 
HIS CB   C  N N 127 
HIS CG   C  Y N 128 
HIS ND1  N  Y N 129 
HIS CD2  C  Y N 130 
HIS CE1  C  Y N 131 
HIS NE2  N  Y N 132 
HIS OXT  O  N N 133 
HIS H    H  N N 134 
HIS H2   H  N N 135 
HIS HA   H  N N 136 
HIS HB2  H  N N 137 
HIS HB3  H  N N 138 
HIS HD1  H  N N 139 
HIS HD2  H  N N 140 
HIS HE1  H  N N 141 
HIS HE2  H  N N 142 
HIS HXT  H  N N 143 
HOH O    O  N N 144 
HOH H1   H  N N 145 
HOH H2   H  N N 146 
I3C I3   I  N N 147 
I3C I2   I  N N 148 
I3C I1   I  N N 149 
I3C O8   O  N N 150 
I3C O9   O  N N 151 
I3C C10  C  N N 152 
I3C N13  N  N N 153 
I3C C1   C  Y N 154 
I3C C6   C  Y N 155 
I3C C5   C  Y N 156 
I3C C4   C  Y N 157 
I3C C3   C  Y N 158 
I3C C2   C  Y N 159 
I3C C7   C  N N 160 
I3C O11  O  N N 161 
I3C O12  O  N N 162 
I3C HO9  H  N N 163 
I3C HN13 H  N N 164 
I3C HN1A H  N N 165 
I3C HO11 H  N N 166 
ILE N    N  N N 167 
ILE CA   C  N S 168 
ILE C    C  N N 169 
ILE O    O  N N 170 
ILE CB   C  N S 171 
ILE CG1  C  N N 172 
ILE CG2  C  N N 173 
ILE CD1  C  N N 174 
ILE OXT  O  N N 175 
ILE H    H  N N 176 
ILE H2   H  N N 177 
ILE HA   H  N N 178 
ILE HB   H  N N 179 
ILE HG12 H  N N 180 
ILE HG13 H  N N 181 
ILE HG21 H  N N 182 
ILE HG22 H  N N 183 
ILE HG23 H  N N 184 
ILE HD11 H  N N 185 
ILE HD12 H  N N 186 
ILE HD13 H  N N 187 
ILE HXT  H  N N 188 
LEU N    N  N N 189 
LEU CA   C  N S 190 
LEU C    C  N N 191 
LEU O    O  N N 192 
LEU CB   C  N N 193 
LEU CG   C  N N 194 
LEU CD1  C  N N 195 
LEU CD2  C  N N 196 
LEU OXT  O  N N 197 
LEU H    H  N N 198 
LEU H2   H  N N 199 
LEU HA   H  N N 200 
LEU HB2  H  N N 201 
LEU HB3  H  N N 202 
LEU HG   H  N N 203 
LEU HD11 H  N N 204 
LEU HD12 H  N N 205 
LEU HD13 H  N N 206 
LEU HD21 H  N N 207 
LEU HD22 H  N N 208 
LEU HD23 H  N N 209 
LEU HXT  H  N N 210 
LYS N    N  N N 211 
LYS CA   C  N S 212 
LYS C    C  N N 213 
LYS O    O  N N 214 
LYS CB   C  N N 215 
LYS CG   C  N N 216 
LYS CD   C  N N 217 
LYS CE   C  N N 218 
LYS NZ   N  N N 219 
LYS OXT  O  N N 220 
LYS H    H  N N 221 
LYS H2   H  N N 222 
LYS HA   H  N N 223 
LYS HB2  H  N N 224 
LYS HB3  H  N N 225 
LYS HG2  H  N N 226 
LYS HG3  H  N N 227 
LYS HD2  H  N N 228 
LYS HD3  H  N N 229 
LYS HE2  H  N N 230 
LYS HE3  H  N N 231 
LYS HZ1  H  N N 232 
LYS HZ2  H  N N 233 
LYS HZ3  H  N N 234 
LYS HXT  H  N N 235 
MET N    N  N N 236 
MET CA   C  N S 237 
MET C    C  N N 238 
MET O    O  N N 239 
MET CB   C  N N 240 
MET CG   C  N N 241 
MET SD   S  N N 242 
MET CE   C  N N 243 
MET OXT  O  N N 244 
MET H    H  N N 245 
MET H2   H  N N 246 
MET HA   H  N N 247 
MET HB2  H  N N 248 
MET HB3  H  N N 249 
MET HG2  H  N N 250 
MET HG3  H  N N 251 
MET HE1  H  N N 252 
MET HE2  H  N N 253 
MET HE3  H  N N 254 
MET HXT  H  N N 255 
NI  NI   NI N N 256 
PHE N    N  N N 257 
PHE CA   C  N S 258 
PHE C    C  N N 259 
PHE O    O  N N 260 
PHE CB   C  N N 261 
PHE CG   C  Y N 262 
PHE CD1  C  Y N 263 
PHE CD2  C  Y N 264 
PHE CE1  C  Y N 265 
PHE CE2  C  Y N 266 
PHE CZ   C  Y N 267 
PHE OXT  O  N N 268 
PHE H    H  N N 269 
PHE H2   H  N N 270 
PHE HA   H  N N 271 
PHE HB2  H  N N 272 
PHE HB3  H  N N 273 
PHE HD1  H  N N 274 
PHE HD2  H  N N 275 
PHE HE1  H  N N 276 
PHE HE2  H  N N 277 
PHE HZ   H  N N 278 
PHE HXT  H  N N 279 
PRO N    N  N N 280 
PRO CA   C  N S 281 
PRO C    C  N N 282 
PRO O    O  N N 283 
PRO CB   C  N N 284 
PRO CG   C  N N 285 
PRO CD   C  N N 286 
PRO OXT  O  N N 287 
PRO H    H  N N 288 
PRO HA   H  N N 289 
PRO HB2  H  N N 290 
PRO HB3  H  N N 291 
PRO HG2  H  N N 292 
PRO HG3  H  N N 293 
PRO HD2  H  N N 294 
PRO HD3  H  N N 295 
PRO HXT  H  N N 296 
SER N    N  N N 297 
SER CA   C  N S 298 
SER C    C  N N 299 
SER O    O  N N 300 
SER CB   C  N N 301 
SER OG   O  N N 302 
SER OXT  O  N N 303 
SER H    H  N N 304 
SER H2   H  N N 305 
SER HA   H  N N 306 
SER HB2  H  N N 307 
SER HB3  H  N N 308 
SER HG   H  N N 309 
SER HXT  H  N N 310 
THR N    N  N N 311 
THR CA   C  N S 312 
THR C    C  N N 313 
THR O    O  N N 314 
THR CB   C  N R 315 
THR OG1  O  N N 316 
THR CG2  C  N N 317 
THR OXT  O  N N 318 
THR H    H  N N 319 
THR H2   H  N N 320 
THR HA   H  N N 321 
THR HB   H  N N 322 
THR HG1  H  N N 323 
THR HG21 H  N N 324 
THR HG22 H  N N 325 
THR HG23 H  N N 326 
THR HXT  H  N N 327 
TRP N    N  N N 328 
TRP CA   C  N S 329 
TRP C    C  N N 330 
TRP O    O  N N 331 
TRP CB   C  N N 332 
TRP CG   C  Y N 333 
TRP CD1  C  Y N 334 
TRP CD2  C  Y N 335 
TRP NE1  N  Y N 336 
TRP CE2  C  Y N 337 
TRP CE3  C  Y N 338 
TRP CZ2  C  Y N 339 
TRP CZ3  C  Y N 340 
TRP CH2  C  Y N 341 
TRP OXT  O  N N 342 
TRP H    H  N N 343 
TRP H2   H  N N 344 
TRP HA   H  N N 345 
TRP HB2  H  N N 346 
TRP HB3  H  N N 347 
TRP HD1  H  N N 348 
TRP HE1  H  N N 349 
TRP HE3  H  N N 350 
TRP HZ2  H  N N 351 
TRP HZ3  H  N N 352 
TRP HH2  H  N N 353 
TRP HXT  H  N N 354 
TYR N    N  N N 355 
TYR CA   C  N S 356 
TYR C    C  N N 357 
TYR O    O  N N 358 
TYR CB   C  N N 359 
TYR CG   C  Y N 360 
TYR CD1  C  Y N 361 
TYR CD2  C  Y N 362 
TYR CE1  C  Y N 363 
TYR CE2  C  Y N 364 
TYR CZ   C  Y N 365 
TYR OH   O  N N 366 
TYR OXT  O  N N 367 
TYR H    H  N N 368 
TYR H2   H  N N 369 
TYR HA   H  N N 370 
TYR HB2  H  N N 371 
TYR HB3  H  N N 372 
TYR HD1  H  N N 373 
TYR HD2  H  N N 374 
TYR HE1  H  N N 375 
TYR HE2  H  N N 376 
TYR HH   H  N N 377 
TYR HXT  H  N N 378 
VAL N    N  N N 379 
VAL CA   C  N S 380 
VAL C    C  N N 381 
VAL O    O  N N 382 
VAL CB   C  N N 383 
VAL CG1  C  N N 384 
VAL CG2  C  N N 385 
VAL OXT  O  N N 386 
VAL H    H  N N 387 
VAL H2   H  N N 388 
VAL HA   H  N N 389 
VAL HB   H  N N 390 
VAL HG11 H  N N 391 
VAL HG12 H  N N 392 
VAL HG13 H  N N 393 
VAL HG21 H  N N 394 
VAL HG22 H  N N 395 
VAL HG23 H  N N 396 
VAL HXT  H  N N 397 
# 
loop_
_chem_comp_bond.comp_id 
_chem_comp_bond.atom_id_1 
_chem_comp_bond.atom_id_2 
_chem_comp_bond.value_order 
_chem_comp_bond.pdbx_aromatic_flag 
_chem_comp_bond.pdbx_stereo_config 
_chem_comp_bond.pdbx_ordinal 
ALA N   CA   sing N N 1   
ALA N   H    sing N N 2   
ALA N   H2   sing N N 3   
ALA CA  C    sing N N 4   
ALA CA  CB   sing N N 5   
ALA CA  HA   sing N N 6   
ALA C   O    doub N N 7   
ALA C   OXT  sing N N 8   
ALA CB  HB1  sing N N 9   
ALA CB  HB2  sing N N 10  
ALA CB  HB3  sing N N 11  
ALA OXT HXT  sing N N 12  
ARG N   CA   sing N N 13  
ARG N   H    sing N N 14  
ARG N   H2   sing N N 15  
ARG CA  C    sing N N 16  
ARG CA  CB   sing N N 17  
ARG CA  HA   sing N N 18  
ARG C   O    doub N N 19  
ARG C   OXT  sing N N 20  
ARG CB  CG   sing N N 21  
ARG CB  HB2  sing N N 22  
ARG CB  HB3  sing N N 23  
ARG CG  CD   sing N N 24  
ARG CG  HG2  sing N N 25  
ARG CG  HG3  sing N N 26  
ARG CD  NE   sing N N 27  
ARG CD  HD2  sing N N 28  
ARG CD  HD3  sing N N 29  
ARG NE  CZ   sing N N 30  
ARG NE  HE   sing N N 31  
ARG CZ  NH1  sing N N 32  
ARG CZ  NH2  doub N N 33  
ARG NH1 HH11 sing N N 34  
ARG NH1 HH12 sing N N 35  
ARG NH2 HH21 sing N N 36  
ARG NH2 HH22 sing N N 37  
ARG OXT HXT  sing N N 38  
ASN N   CA   sing N N 39  
ASN N   H    sing N N 40  
ASN N   H2   sing N N 41  
ASN CA  C    sing N N 42  
ASN CA  CB   sing N N 43  
ASN CA  HA   sing N N 44  
ASN C   O    doub N N 45  
ASN C   OXT  sing N N 46  
ASN CB  CG   sing N N 47  
ASN CB  HB2  sing N N 48  
ASN CB  HB3  sing N N 49  
ASN CG  OD1  doub N N 50  
ASN CG  ND2  sing N N 51  
ASN ND2 HD21 sing N N 52  
ASN ND2 HD22 sing N N 53  
ASN OXT HXT  sing N N 54  
ASP N   CA   sing N N 55  
ASP N   H    sing N N 56  
ASP N   H2   sing N N 57  
ASP CA  C    sing N N 58  
ASP CA  CB   sing N N 59  
ASP CA  HA   sing N N 60  
ASP C   O    doub N N 61  
ASP C   OXT  sing N N 62  
ASP CB  CG   sing N N 63  
ASP CB  HB2  sing N N 64  
ASP CB  HB3  sing N N 65  
ASP CG  OD1  doub N N 66  
ASP CG  OD2  sing N N 67  
ASP OD2 HD2  sing N N 68  
ASP OXT HXT  sing N N 69  
GLN N   CA   sing N N 70  
GLN N   H    sing N N 71  
GLN N   H2   sing N N 72  
GLN CA  C    sing N N 73  
GLN CA  CB   sing N N 74  
GLN CA  HA   sing N N 75  
GLN C   O    doub N N 76  
GLN C   OXT  sing N N 77  
GLN CB  CG   sing N N 78  
GLN CB  HB2  sing N N 79  
GLN CB  HB3  sing N N 80  
GLN CG  CD   sing N N 81  
GLN CG  HG2  sing N N 82  
GLN CG  HG3  sing N N 83  
GLN CD  OE1  doub N N 84  
GLN CD  NE2  sing N N 85  
GLN NE2 HE21 sing N N 86  
GLN NE2 HE22 sing N N 87  
GLN OXT HXT  sing N N 88  
GLU N   CA   sing N N 89  
GLU N   H    sing N N 90  
GLU N   H2   sing N N 91  
GLU CA  C    sing N N 92  
GLU CA  CB   sing N N 93  
GLU CA  HA   sing N N 94  
GLU C   O    doub N N 95  
GLU C   OXT  sing N N 96  
GLU CB  CG   sing N N 97  
GLU CB  HB2  sing N N 98  
GLU CB  HB3  sing N N 99  
GLU CG  CD   sing N N 100 
GLU CG  HG2  sing N N 101 
GLU CG  HG3  sing N N 102 
GLU CD  OE1  doub N N 103 
GLU CD  OE2  sing N N 104 
GLU OE2 HE2  sing N N 105 
GLU OXT HXT  sing N N 106 
GLY N   CA   sing N N 107 
GLY N   H    sing N N 108 
GLY N   H2   sing N N 109 
GLY CA  C    sing N N 110 
GLY CA  HA2  sing N N 111 
GLY CA  HA3  sing N N 112 
GLY C   O    doub N N 113 
GLY C   OXT  sing N N 114 
GLY OXT HXT  sing N N 115 
HIS N   CA   sing N N 116 
HIS N   H    sing N N 117 
HIS N   H2   sing N N 118 
HIS CA  C    sing N N 119 
HIS CA  CB   sing N N 120 
HIS CA  HA   sing N N 121 
HIS C   O    doub N N 122 
HIS C   OXT  sing N N 123 
HIS CB  CG   sing N N 124 
HIS CB  HB2  sing N N 125 
HIS CB  HB3  sing N N 126 
HIS CG  ND1  sing Y N 127 
HIS CG  CD2  doub Y N 128 
HIS ND1 CE1  doub Y N 129 
HIS ND1 HD1  sing N N 130 
HIS CD2 NE2  sing Y N 131 
HIS CD2 HD2  sing N N 132 
HIS CE1 NE2  sing Y N 133 
HIS CE1 HE1  sing N N 134 
HIS NE2 HE2  sing N N 135 
HIS OXT HXT  sing N N 136 
HOH O   H1   sing N N 137 
HOH O   H2   sing N N 138 
I3C I3  C6   sing N N 139 
I3C I2  C4   sing N N 140 
I3C I1  C2   sing N N 141 
I3C O8  C7   doub N N 142 
I3C O9  C7   sing N N 143 
I3C C10 C3   sing N N 144 
I3C C10 O11  sing N N 145 
I3C C10 O12  doub N N 146 
I3C N13 C5   sing N N 147 
I3C C1  C6   doub Y N 148 
I3C C1  C2   sing Y N 149 
I3C C1  C7   sing N N 150 
I3C C6  C5   sing Y N 151 
I3C C5  C4   doub Y N 152 
I3C C4  C3   sing Y N 153 
I3C C3  C2   doub Y N 154 
I3C O9  HO9  sing N N 155 
I3C N13 HN13 sing N N 156 
I3C N13 HN1A sing N N 157 
I3C O11 HO11 sing N N 158 
ILE N   CA   sing N N 159 
ILE N   H    sing N N 160 
ILE N   H2   sing N N 161 
ILE CA  C    sing N N 162 
ILE CA  CB   sing N N 163 
ILE CA  HA   sing N N 164 
ILE C   O    doub N N 165 
ILE C   OXT  sing N N 166 
ILE CB  CG1  sing N N 167 
ILE CB  CG2  sing N N 168 
ILE CB  HB   sing N N 169 
ILE CG1 CD1  sing N N 170 
ILE CG1 HG12 sing N N 171 
ILE CG1 HG13 sing N N 172 
ILE CG2 HG21 sing N N 173 
ILE CG2 HG22 sing N N 174 
ILE CG2 HG23 sing N N 175 
ILE CD1 HD11 sing N N 176 
ILE CD1 HD12 sing N N 177 
ILE CD1 HD13 sing N N 178 
ILE OXT HXT  sing N N 179 
LEU N   CA   sing N N 180 
LEU N   H    sing N N 181 
LEU N   H2   sing N N 182 
LEU CA  C    sing N N 183 
LEU CA  CB   sing N N 184 
LEU CA  HA   sing N N 185 
LEU C   O    doub N N 186 
LEU C   OXT  sing N N 187 
LEU CB  CG   sing N N 188 
LEU CB  HB2  sing N N 189 
LEU CB  HB3  sing N N 190 
LEU CG  CD1  sing N N 191 
LEU CG  CD2  sing N N 192 
LEU CG  HG   sing N N 193 
LEU CD1 HD11 sing N N 194 
LEU CD1 HD12 sing N N 195 
LEU CD1 HD13 sing N N 196 
LEU CD2 HD21 sing N N 197 
LEU CD2 HD22 sing N N 198 
LEU CD2 HD23 sing N N 199 
LEU OXT HXT  sing N N 200 
LYS N   CA   sing N N 201 
LYS N   H    sing N N 202 
LYS N   H2   sing N N 203 
LYS CA  C    sing N N 204 
LYS CA  CB   sing N N 205 
LYS CA  HA   sing N N 206 
LYS C   O    doub N N 207 
LYS C   OXT  sing N N 208 
LYS CB  CG   sing N N 209 
LYS CB  HB2  sing N N 210 
LYS CB  HB3  sing N N 211 
LYS CG  CD   sing N N 212 
LYS CG  HG2  sing N N 213 
LYS CG  HG3  sing N N 214 
LYS CD  CE   sing N N 215 
LYS CD  HD2  sing N N 216 
LYS CD  HD3  sing N N 217 
LYS CE  NZ   sing N N 218 
LYS CE  HE2  sing N N 219 
LYS CE  HE3  sing N N 220 
LYS NZ  HZ1  sing N N 221 
LYS NZ  HZ2  sing N N 222 
LYS NZ  HZ3  sing N N 223 
LYS OXT HXT  sing N N 224 
MET N   CA   sing N N 225 
MET N   H    sing N N 226 
MET N   H2   sing N N 227 
MET CA  C    sing N N 228 
MET CA  CB   sing N N 229 
MET CA  HA   sing N N 230 
MET C   O    doub N N 231 
MET C   OXT  sing N N 232 
MET CB  CG   sing N N 233 
MET CB  HB2  sing N N 234 
MET CB  HB3  sing N N 235 
MET CG  SD   sing N N 236 
MET CG  HG2  sing N N 237 
MET CG  HG3  sing N N 238 
MET SD  CE   sing N N 239 
MET CE  HE1  sing N N 240 
MET CE  HE2  sing N N 241 
MET CE  HE3  sing N N 242 
MET OXT HXT  sing N N 243 
PHE N   CA   sing N N 244 
PHE N   H    sing N N 245 
PHE N   H2   sing N N 246 
PHE CA  C    sing N N 247 
PHE CA  CB   sing N N 248 
PHE CA  HA   sing N N 249 
PHE C   O    doub N N 250 
PHE C   OXT  sing N N 251 
PHE CB  CG   sing N N 252 
PHE CB  HB2  sing N N 253 
PHE CB  HB3  sing N N 254 
PHE CG  CD1  doub Y N 255 
PHE CG  CD2  sing Y N 256 
PHE CD1 CE1  sing Y N 257 
PHE CD1 HD1  sing N N 258 
PHE CD2 CE2  doub Y N 259 
PHE CD2 HD2  sing N N 260 
PHE CE1 CZ   doub Y N 261 
PHE CE1 HE1  sing N N 262 
PHE CE2 CZ   sing Y N 263 
PHE CE2 HE2  sing N N 264 
PHE CZ  HZ   sing N N 265 
PHE OXT HXT  sing N N 266 
PRO N   CA   sing N N 267 
PRO N   CD   sing N N 268 
PRO N   H    sing N N 269 
PRO CA  C    sing N N 270 
PRO CA  CB   sing N N 271 
PRO CA  HA   sing N N 272 
PRO C   O    doub N N 273 
PRO C   OXT  sing N N 274 
PRO CB  CG   sing N N 275 
PRO CB  HB2  sing N N 276 
PRO CB  HB3  sing N N 277 
PRO CG  CD   sing N N 278 
PRO CG  HG2  sing N N 279 
PRO CG  HG3  sing N N 280 
PRO CD  HD2  sing N N 281 
PRO CD  HD3  sing N N 282 
PRO OXT HXT  sing N N 283 
SER N   CA   sing N N 284 
SER N   H    sing N N 285 
SER N   H2   sing N N 286 
SER CA  C    sing N N 287 
SER CA  CB   sing N N 288 
SER CA  HA   sing N N 289 
SER C   O    doub N N 290 
SER C   OXT  sing N N 291 
SER CB  OG   sing N N 292 
SER CB  HB2  sing N N 293 
SER CB  HB3  sing N N 294 
SER OG  HG   sing N N 295 
SER OXT HXT  sing N N 296 
THR N   CA   sing N N 297 
THR N   H    sing N N 298 
THR N   H2   sing N N 299 
THR CA  C    sing N N 300 
THR CA  CB   sing N N 301 
THR CA  HA   sing N N 302 
THR C   O    doub N N 303 
THR C   OXT  sing N N 304 
THR CB  OG1  sing N N 305 
THR CB  CG2  sing N N 306 
THR CB  HB   sing N N 307 
THR OG1 HG1  sing N N 308 
THR CG2 HG21 sing N N 309 
THR CG2 HG22 sing N N 310 
THR CG2 HG23 sing N N 311 
THR OXT HXT  sing N N 312 
TRP N   CA   sing N N 313 
TRP N   H    sing N N 314 
TRP N   H2   sing N N 315 
TRP CA  C    sing N N 316 
TRP CA  CB   sing N N 317 
TRP CA  HA   sing N N 318 
TRP C   O    doub N N 319 
TRP C   OXT  sing N N 320 
TRP CB  CG   sing N N 321 
TRP CB  HB2  sing N N 322 
TRP CB  HB3  sing N N 323 
TRP CG  CD1  doub Y N 324 
TRP CG  CD2  sing Y N 325 
TRP CD1 NE1  sing Y N 326 
TRP CD1 HD1  sing N N 327 
TRP CD2 CE2  doub Y N 328 
TRP CD2 CE3  sing Y N 329 
TRP NE1 CE2  sing Y N 330 
TRP NE1 HE1  sing N N 331 
TRP CE2 CZ2  sing Y N 332 
TRP CE3 CZ3  doub Y N 333 
TRP CE3 HE3  sing N N 334 
TRP CZ2 CH2  doub Y N 335 
TRP CZ2 HZ2  sing N N 336 
TRP CZ3 CH2  sing Y N 337 
TRP CZ3 HZ3  sing N N 338 
TRP CH2 HH2  sing N N 339 
TRP OXT HXT  sing N N 340 
TYR N   CA   sing N N 341 
TYR N   H    sing N N 342 
TYR N   H2   sing N N 343 
TYR CA  C    sing N N 344 
TYR CA  CB   sing N N 345 
TYR CA  HA   sing N N 346 
TYR C   O    doub N N 347 
TYR C   OXT  sing N N 348 
TYR CB  CG   sing N N 349 
TYR CB  HB2  sing N N 350 
TYR CB  HB3  sing N N 351 
TYR CG  CD1  doub Y N 352 
TYR CG  CD2  sing Y N 353 
TYR CD1 CE1  sing Y N 354 
TYR CD1 HD1  sing N N 355 
TYR CD2 CE2  doub Y N 356 
TYR CD2 HD2  sing N N 357 
TYR CE1 CZ   doub Y N 358 
TYR CE1 HE1  sing N N 359 
TYR CE2 CZ   sing Y N 360 
TYR CE2 HE2  sing N N 361 
TYR CZ  OH   sing N N 362 
TYR OH  HH   sing N N 363 
TYR OXT HXT  sing N N 364 
VAL N   CA   sing N N 365 
VAL N   H    sing N N 366 
VAL N   H2   sing N N 367 
VAL CA  C    sing N N 368 
VAL CA  CB   sing N N 369 
VAL CA  HA   sing N N 370 
VAL C   O    doub N N 371 
VAL C   OXT  sing N N 372 
VAL CB  CG1  sing N N 373 
VAL CB  CG2  sing N N 374 
VAL CB  HB   sing N N 375 
VAL CG1 HG11 sing N N 376 
VAL CG1 HG12 sing N N 377 
VAL CG1 HG13 sing N N 378 
VAL CG2 HG21 sing N N 379 
VAL CG2 HG22 sing N N 380 
VAL CG2 HG23 sing N N 381 
VAL OXT HXT  sing N N 382 
# 
_atom_sites.entry_id                    4NC7 
_atom_sites.fract_transf_matrix[1][1]   -0.01450864 
_atom_sites.fract_transf_matrix[1][2]   -0.01893705 
_atom_sites.fract_transf_matrix[1][3]   -0.00271438 
_atom_sites.fract_transf_matrix[2][1]   0.00345579 
_atom_sites.fract_transf_matrix[2][2]   -0.00146347 
_atom_sites.fract_transf_matrix[2][3]   -0.00826155 
_atom_sites.fract_transf_matrix[3][1]   0.00820870 
_atom_sites.fract_transf_matrix[3][2]   -0.00695795 
_atom_sites.fract_transf_matrix[3][3]   0.00466623 
_atom_sites.fract_transf_vector[1]      0.019891 
_atom_sites.fract_transf_vector[2]      0.008777 
_atom_sites.fract_transf_vector[3]      0.146619 
# 
loop_
_atom_type.symbol 
C  
I  
N  
NI 
O  
S  
# 
loop_
_atom_site.group_PDB 
_atom_site.id 
_atom_site.type_symbol 
_atom_site.label_atom_id 
_atom_site.label_alt_id 
_atom_site.label_comp_id 
_atom_site.label_asym_id 
_atom_site.label_entity_id 
_atom_site.label_seq_id 
_atom_site.pdbx_PDB_ins_code 
_atom_site.Cartn_x 
_atom_site.Cartn_y 
_atom_site.Cartn_z 
_atom_site.occupancy 
_atom_site.B_iso_or_equiv 
_atom_site.pdbx_formal_charge 
_atom_site.auth_seq_id 
_atom_site.auth_comp_id 
_atom_site.auth_asym_id 
_atom_site.auth_atom_id 
_atom_site.pdbx_PDB_model_num 
ATOM   1    N  N   . LYS A 1 3  ? -17.609 3.566   21.008  1.00 67.67  ? 3   LYS A N   1 
ATOM   2    C  CA  . LYS A 1 3  ? -18.078 4.767   20.308  1.00 55.13  ? 3   LYS A CA  1 
ATOM   3    C  C   . LYS A 1 3  ? -19.602 4.792   20.043  1.00 51.16  ? 3   LYS A C   1 
ATOM   4    O  O   . LYS A 1 3  ? -20.403 4.526   20.923  1.00 45.44  ? 3   LYS A O   1 
ATOM   5    C  CB  . LYS A 1 3  ? -17.238 4.961   19.048  1.00 63.08  ? 3   LYS A CB  1 
ATOM   6    C  CG  . LYS A 1 3  ? -17.045 3.764   18.127  1.00 63.22  ? 3   LYS A CG  1 
ATOM   7    C  CD  . LYS A 1 3  ? -15.638 3.897   17.570  1.00 60.15  ? 3   LYS A CD  1 
ATOM   8    C  CE  . LYS A 1 3  ? -15.282 2.806   16.585  1.00 65.82  ? 3   LYS A CE  1 
ATOM   9    N  NZ  . LYS A 1 3  ? -14.840 1.562   17.236  1.00 59.46  ? 3   LYS A NZ  1 
ATOM   10   N  N   . GLN A 1 4  ? -19.984 5.067   18.810  1.00 42.35  ? 4   GLN A N   1 
ATOM   11   C  CA  . GLN A 1 4  ? -21.346 5.420   18.401  1.00 47.08  ? 4   GLN A CA  1 
ATOM   12   C  C   . GLN A 1 4  ? -22.031 4.267   17.744  1.00 41.80  ? 4   GLN A C   1 
ATOM   13   O  O   . GLN A 1 4  ? -23.145 4.418   17.222  1.00 42.76  ? 4   GLN A O   1 
ATOM   14   C  CB  . GLN A 1 4  ? -21.277 6.553   17.363  1.00 56.27  ? 4   GLN A CB  1 
ATOM   15   C  CG  . GLN A 1 4  ? -20.248 6.291   16.271  1.00 62.48  ? 4   GLN A CG  1 
ATOM   16   C  CD  . GLN A 1 4  ? -18.897 6.958   16.539  1.00 74.23  ? 4   GLN A CD  1 
ATOM   17   O  OE1 . GLN A 1 4  ? -18.848 8.141   16.904  1.00 80.71  ? 4   GLN A OE1 1 
ATOM   18   N  NE2 . GLN A 1 4  ? -17.790 6.209   16.336  1.00 70.77  ? 4   GLN A NE2 1 
ATOM   19   N  N   . TYR A 1 5  ? -21.336 3.122   17.695  1.00 41.16  ? 5   TYR A N   1 
ATOM   20   C  CA  . TYR A 1 5  ? -21.851 1.942   17.035  1.00 36.72  ? 5   TYR A CA  1 
ATOM   21   C  C   . TYR A 1 5  ? -21.991 0.829   18.073  1.00 37.06  ? 5   TYR A C   1 
ATOM   22   O  O   . TYR A 1 5  ? -21.104 0.604   18.904  1.00 35.14  ? 5   TYR A O   1 
ATOM   23   C  CB  . TYR A 1 5  ? -20.910 1.538   15.919  1.00 39.40  ? 5   TYR A CB  1 
ATOM   24   C  CG  . TYR A 1 5  ? -20.737 2.672   14.895  1.00 48.16  ? 5   TYR A CG  1 
ATOM   25   C  CD1 . TYR A 1 5  ? -21.828 3.116   14.118  1.00 48.81  ? 5   TYR A CD1 1 
ATOM   26   C  CD2 . TYR A 1 5  ? -19.522 3.317   14.734  1.00 49.12  ? 5   TYR A CD2 1 
ATOM   27   C  CE1 . TYR A 1 5  ? -21.701 4.155   13.211  1.00 53.06  ? 5   TYR A CE1 1 
ATOM   28   C  CE2 . TYR A 1 5  ? -19.383 4.351   13.804  1.00 49.05  ? 5   TYR A CE2 1 
ATOM   29   C  CZ  . TYR A 1 5  ? -20.474 4.754   13.054  1.00 57.24  ? 5   TYR A CZ  1 
ATOM   30   O  OH  . TYR A 1 5  ? -20.341 5.776   12.157  1.00 62.15  ? 5   TYR A OH  1 
ATOM   31   N  N   . SER A 1 6  ? -23.156 0.205   18.067  1.00 38.97  ? 6   SER A N   1 
ATOM   32   C  CA  . SER A 1 6  ? -23.367 -1.054  18.721  1.00 39.31  ? 6   SER A CA  1 
ATOM   33   C  C   . SER A 1 6  ? -22.660 -2.140  17.853  1.00 38.30  ? 6   SER A C   1 
ATOM   34   O  O   . SER A 1 6  ? -22.402 -1.961  16.624  1.00 35.85  ? 6   SER A O   1 
ATOM   35   C  CB  . SER A 1 6  ? -24.889 -1.334  18.774  1.00 38.74  ? 6   SER A CB  1 
ATOM   36   O  OG  . SER A 1 6  ? -25.345 -1.546  17.460  1.00 42.47  ? 6   SER A OG  1 
ATOM   37   N  N   . GLN A 1 7  ? -22.380 -3.263  18.497  1.00 39.09  ? 7   GLN A N   1 
ATOM   38   C  CA  . GLN A 1 7  ? -21.838 -4.444  17.821  1.00 40.70  ? 7   GLN A CA  1 
ATOM   39   C  C   . GLN A 1 7  ? -22.745 -4.946  16.707  1.00 45.41  ? 7   GLN A C   1 
ATOM   40   O  O   . GLN A 1 7  ? -22.282 -5.394  15.633  1.00 47.04  ? 7   GLN A O   1 
ATOM   41   C  CB  . GLN A 1 7  ? -21.586 -5.571  18.824  1.00 41.33  ? 7   GLN A CB  1 
ATOM   42   C  CG  . GLN A 1 7  ? -20.926 -6.787  18.159  1.00 41.48  ? 7   GLN A CG  1 
ATOM   43   C  CD  . GLN A 1 7  ? -20.637 -7.909  19.147  1.00 45.57  ? 7   GLN A CD  1 
ATOM   44   O  OE1 . GLN A 1 7  ? -21.513 -8.697  19.464  1.00 48.32  ? 7   GLN A OE1 1 
ATOM   45   N  NE2 . GLN A 1 7  ? -19.407 -8.010  19.592  1.00 42.67  ? 7   GLN A NE2 1 
ATOM   46   N  N   . GLU A 1 8  ? -24.054 -4.833  16.916  1.00 45.85  ? 8   GLU A N   1 
ATOM   47   C  CA  . GLU A 1 8  ? -24.969 -5.145  15.823  1.00 48.21  ? 8   GLU A CA  1 
ATOM   48   C  C   . GLU A 1 8  ? -24.742 -4.276  14.578  1.00 42.55  ? 8   GLU A C   1 
ATOM   49   O  O   . GLU A 1 8  ? -24.693 -4.833  13.480  1.00 49.02  ? 8   GLU A O   1 
ATOM   50   C  CB  . GLU A 1 8  ? -26.431 -5.082  16.285  1.00 53.79  ? 8   GLU A CB  1 
ATOM   51   C  CG  . GLU A 1 8  ? -26.959 -6.477  16.526  1.00 66.31  ? 8   GLU A CG  1 
ATOM   52   C  CD  . GLU A 1 8  ? -28.088 -6.504  17.526  1.00 74.80  ? 8   GLU A CD  1 
ATOM   53   O  OE1 . GLU A 1 8  ? -28.915 -5.554  17.510  1.00 72.21  ? 8   GLU A OE1 1 
ATOM   54   O  OE2 . GLU A 1 8  ? -28.116 -7.481  18.325  1.00 78.09  ? 8   GLU A OE2 1 
ATOM   55   N  N   . GLU A 1 9  ? -24.604 -2.954  14.755  1.00 37.78  ? 9   GLU A N   1 
ATOM   56   C  CA  . GLU A 1 9  ? -24.303 -2.016  13.664  1.00 43.31  ? 9   GLU A CA  1 
ATOM   57   C  C   . GLU A 1 9  ? -22.961 -2.388  12.979  1.00 40.71  ? 9   GLU A C   1 
ATOM   58   O  O   . GLU A 1 9  ? -22.882 -2.547  11.749  1.00 44.59  ? 9   GLU A O   1 
ATOM   59   C  CB  . GLU A 1 9  ? -24.248 -0.565  14.183  1.00 46.38  ? 9   GLU A CB  1 
ATOM   60   C  CG  . GLU A 1 9  ? -25.520 -0.029  14.848  1.00 56.37  ? 9   GLU A CG  1 
ATOM   61   C  CD  . GLU A 1 9  ? -25.410 1.417   15.377  1.00 59.93  ? 9   GLU A CD  1 
ATOM   62   O  OE1 . GLU A 1 9  ? -25.104 1.646   16.583  1.00 56.27  ? 9   GLU A OE1 1 
ATOM   63   O  OE2 . GLU A 1 9  ? -25.633 2.353   14.577  1.00 69.01  ? 9   GLU A OE2 1 
ATOM   64   N  N   . LEU A 1 10 ? -21.930 -2.607  13.793  1.00 42.29  ? 10  LEU A N   1 
ATOM   65   C  CA  . LEU A 1 10 ? -20.605 -2.960  13.269  1.00 36.57  ? 10  LEU A CA  1 
ATOM   66   C  C   . LEU A 1 10 ? -20.676 -4.217  12.418  1.00 41.71  ? 10  LEU A C   1 
ATOM   67   O  O   . LEU A 1 10 ? -19.998 -4.336  11.412  1.00 40.65  ? 10  LEU A O   1 
ATOM   68   C  CB  . LEU A 1 10 ? -19.627 -3.160  14.427  1.00 37.63  ? 10  LEU A CB  1 
ATOM   69   C  CG  . LEU A 1 10 ? -19.328 -1.982  15.330  1.00 37.39  ? 10  LEU A CG  1 
ATOM   70   C  CD1 . LEU A 1 10 ? -18.300 -2.410  16.364  1.00 44.10  ? 10  LEU A CD1 1 
ATOM   71   C  CD2 . LEU A 1 10 ? -18.822 -0.772  14.560  1.00 44.18  ? 10  LEU A CD2 1 
ATOM   72   N  N   . LYS A 1 11 ? -21.535 -5.163  12.792  1.00 41.33  ? 11  LYS A N   1 
ATOM   73   C  CA  . LYS A 1 11 ? -21.674 -6.396  12.023  1.00 51.14  ? 11  LYS A CA  1 
ATOM   74   C  C   . LYS A 1 11 ? -22.299 -6.156  10.662  1.00 48.53  ? 11  LYS A C   1 
ATOM   75   O  O   . LYS A 1 11 ? -22.181 -6.982  9.772   1.00 50.41  ? 11  LYS A O   1 
ATOM   76   C  CB  . LYS A 1 11 ? -22.505 -7.424  12.806  1.00 54.10  ? 11  LYS A CB  1 
ATOM   77   C  CG  . LYS A 1 11 ? -21.680 -8.231  13.784  1.00 57.78  ? 11  LYS A CG  1 
ATOM   78   C  CD  . LYS A 1 11 ? -22.536 -9.054  14.739  1.00 65.67  ? 11  LYS A CD  1 
ATOM   79   C  CE  . LYS A 1 11 ? -21.906 -10.426 14.972  1.00 72.48  ? 11  LYS A CE  1 
ATOM   80   N  NZ  . LYS A 1 11 ? -22.723 -11.313 15.859  1.00 75.24  ? 11  LYS A NZ  1 
ATOM   81   N  N   . GLU A 1 12 ? -22.962 -5.018  10.537  1.00 48.00  ? 12  GLU A N   1 
ATOM   82   C  CA  . GLU A 1 12 ? -23.602 -4.558  9.309   1.00 57.03  ? 12  GLU A CA  1 
ATOM   83   C  C   . GLU A 1 12 ? -22.621 -3.749  8.435   1.00 57.29  ? 12  GLU A C   1 
ATOM   84   O  O   . GLU A 1 12 ? -22.892 -3.505  7.266   1.00 52.61  ? 12  GLU A O   1 
ATOM   85   C  CB  . GLU A 1 12 ? -24.789 -3.651  9.702   1.00 60.60  ? 12  GLU A CB  1 
ATOM   86   C  CG  . GLU A 1 12 ? -26.107 -3.893  8.986   1.00 68.08  ? 12  GLU A CG  1 
ATOM   87   C  CD  . GLU A 1 12 ? -26.980 -2.631  8.975   1.00 77.57  ? 12  GLU A CD  1 
ATOM   88   O  OE1 . GLU A 1 12 ? -26.939 -1.864  9.979   1.00 74.37  ? 12  GLU A OE1 1 
ATOM   89   O  OE2 . GLU A 1 12 ? -27.692 -2.389  7.961   1.00 77.64  ? 12  GLU A OE2 1 
ATOM   90   N  N   . MET A 1 13 ? -21.493 -3.314  9.004   1.00 53.84  ? 13  MET A N   1 
ATOM   91   C  CA  . MET A 1 13 ? -20.568 -2.438  8.287   1.00 55.44  ? 13  MET A CA  1 
ATOM   92   C  C   . MET A 1 13 ? -19.494 -3.168  7.469   1.00 49.52  ? 13  MET A C   1 
ATOM   93   O  O   . MET A 1 13 ? -19.093 -4.316  7.751   1.00 48.13  ? 13  MET A O   1 
ATOM   94   C  CB  . MET A 1 13 ? -19.876 -1.489  9.260   1.00 53.18  ? 13  MET A CB  1 
ATOM   95   C  CG  . MET A 1 13 ? -20.778 -0.417  9.812   1.00 55.59  ? 13  MET A CG  1 
ATOM   96   S  SD  . MET A 1 13 ? -19.997 0.399   11.226  1.00 55.14  ? 13  MET A SD  1 
ATOM   97   C  CE  . MET A 1 13 ? -18.721 1.359   10.439  1.00 62.92  ? 13  MET A CE  1 
ATOM   98   N  N   . ALA A 1 14 ? -19.016 -2.470  6.452   1.00 46.48  ? 14  ALA A N   1 
ATOM   99   C  CA  . ALA A 1 14 ? -17.829 -2.907  5.741   1.00 46.49  ? 14  ALA A CA  1 
ATOM   100  C  C   . ALA A 1 14 ? -16.618 -2.835  6.731   1.00 38.10  ? 14  ALA A C   1 
ATOM   101  O  O   . ALA A 1 14 ? -16.462 -1.870  7.488   1.00 40.98  ? 14  ALA A O   1 
ATOM   102  C  CB  . ALA A 1 14 ? -17.579 -2.038  4.503   1.00 50.63  ? 14  ALA A CB  1 
ATOM   103  N  N   . LEU A 1 15 ? -15.795 -3.885  6.714   1.00 40.75  ? 15  LEU A N   1 
ATOM   104  C  CA  . LEU A 1 15 ? -14.607 -3.916  7.557   1.00 39.97  ? 15  LEU A CA  1 
ATOM   105  C  C   . LEU A 1 15 ? -13.828 -2.617  7.354   1.00 33.13  ? 15  LEU A C   1 
ATOM   106  O  O   . LEU A 1 15 ? -13.385 -2.061  8.310   1.00 34.00  ? 15  LEU A O   1 
ATOM   107  C  CB  . LEU A 1 15 ? -13.717 -5.117  7.263   1.00 40.52  ? 15  LEU A CB  1 
ATOM   108  C  CG  . LEU A 1 15 ? -14.300 -6.507  7.444   1.00 39.52  ? 15  LEU A CG  1 
ATOM   109  C  CD1 . LEU A 1 15 ? -13.183 -7.519  7.391   1.00 38.68  ? 15  LEU A CD1 1 
ATOM   110  C  CD2 . LEU A 1 15 ? -15.112 -6.596  8.738   1.00 42.88  ? 15  LEU A CD2 1 
ATOM   111  N  N   . VAL A 1 16 ? -13.741 -2.105  6.113   1.00 35.30  ? 16  VAL A N   1 
ATOM   112  C  CA  . VAL A 1 16 ? -12.989 -0.807  5.891   1.00 35.54  ? 16  VAL A CA  1 
ATOM   113  C  C   . VAL A 1 16 ? -13.512 0.369   6.658   1.00 34.49  ? 16  VAL A C   1 
ATOM   114  O  O   . VAL A 1 16 ? -12.706 1.283   7.054   1.00 31.66  ? 16  VAL A O   1 
ATOM   115  C  CB  . VAL A 1 16 ? -12.800 -0.473  4.370   1.00 37.64  ? 16  VAL A CB  1 
ATOM   116  C  CG1 . VAL A 1 16 ? -14.139 -0.216  3.646   1.00 39.88  ? 16  VAL A CG1 1 
ATOM   117  C  CG2 . VAL A 1 16 ? -11.888 0.716   4.228   1.00 37.49  ? 16  VAL A CG2 1 
ATOM   118  N  N   . GLU A 1 17 ? -14.849 0.418   6.904   1.00 33.67  ? 17  GLU A N   1 
ATOM   119  C  CA  . GLU A 1 17 ? -15.383 1.547   7.631   1.00 33.81  ? 17  GLU A CA  1 
ATOM   120  C  C   . GLU A 1 17 ? -15.131 1.403   9.120   1.00 33.95  ? 17  GLU A C   1 
ATOM   121  O  O   . GLU A 1 17 ? -14.943 2.395   9.816   1.00 31.43  ? 17  GLU A O   1 
ATOM   122  C  CB  . GLU A 1 17 ? -16.880 1.774   7.368   1.00 40.11  ? 17  GLU A CB  1 
ATOM   123  C  CG  . GLU A 1 17 ? -17.212 2.069   5.913   1.00 42.70  ? 17  GLU A CG  1 
ATOM   124  C  CD  . GLU A 1 17 ? -16.514 3.299   5.293   1.00 38.60  ? 17  GLU A CD  1 
ATOM   125  O  OE1 . GLU A 1 17 ? -16.021 4.222   5.975   1.00 39.21  ? 17  GLU A OE1 1 
ATOM   126  O  OE2 . GLU A 1 17 ? -16.462 3.320   4.028   1.00 47.48  ? 17  GLU A OE2 1 
ATOM   127  N  N   . ILE A 1 18 ? -15.072 0.160   9.598   1.00 33.82  ? 18  ILE A N   1 
ATOM   128  C  CA  . ILE A 1 18 ? -14.682 -0.083  10.983  1.00 33.99  ? 18  ILE A CA  1 
ATOM   129  C  C   . ILE A 1 18 ? -13.202 0.315   11.155  1.00 32.64  ? 18  ILE A C   1 
ATOM   130  O  O   . ILE A 1 18 ? -12.800 0.952   12.131  1.00 31.88  ? 18  ILE A O   1 
ATOM   131  C  CB  . ILE A 1 18 ? -14.897 -1.553  11.381  1.00 38.33  ? 18  ILE A CB  1 
ATOM   132  C  CG1 . ILE A 1 18 ? -16.331 -2.008  11.089  1.00 39.55  ? 18  ILE A CG1 1 
ATOM   133  C  CG2 . ILE A 1 18 ? -14.602 -1.735  12.861  1.00 40.34  ? 18  ILE A CG2 1 
ATOM   134  C  CD1 . ILE A 1 18 ? -16.588 -3.499  11.222  1.00 40.80  ? 18  ILE A CD1 1 
ATOM   135  N  N   . ALA A 1 19 ? -12.381 -0.043  10.175  1.00 32.48  ? 19  ALA A N   1 
ATOM   136  C  CA  . ALA A 1 19 ? -10.948 0.329   10.222  1.00 30.47  ? 19  ALA A CA  1 
ATOM   137  C  C   . ALA A 1 19 ? -10.803 1.850   10.224  1.00 28.54  ? 19  ALA A C   1 
ATOM   138  O  O   . ALA A 1 19 ? -10.043 2.426   11.001  1.00 28.16  ? 19  ALA A O   1 
ATOM   139  C  CB  . ALA A 1 19 ? -10.239 -0.294  9.007   1.00 32.71  ? 19  ALA A CB  1 
ATOM   140  N  N   . HIS A 1 20 ? -11.593 2.515   9.384   1.00 34.73  ? 20  HIS A N   1 
ATOM   141  C  CA  . HIS A 1 20 ? -11.521 3.965   9.350   1.00 36.36  ? 20  HIS A CA  1 
ATOM   142  C  C   . HIS A 1 20 ? -11.853 4.506   10.722  1.00 37.41  ? 20  HIS A C   1 
ATOM   143  O  O   . HIS A 1 20 ? -11.133 5.366   11.248  1.00 34.22  ? 20  HIS A O   1 
ATOM   144  C  CB  . HIS A 1 20 ? -12.449 4.534   8.268   1.00 42.65  ? 20  HIS A CB  1 
ATOM   145  C  CG  . HIS A 1 20 ? -12.342 6.018   8.125   1.00 45.83  ? 20  HIS A CG  1 
ATOM   146  N  ND1 . HIS A 1 20 ? -11.295 6.624   7.462   1.00 53.97  ? 20  HIS A ND1 1 
ATOM   147  C  CD2 . HIS A 1 20 ? -13.096 7.022   8.631   1.00 45.39  ? 20  HIS A CD2 1 
ATOM   148  C  CE1 . HIS A 1 20 ? -11.418 7.940   7.555   1.00 49.52  ? 20  HIS A CE1 1 
ATOM   149  N  NE2 . HIS A 1 20 ? -12.498 8.207   8.262   1.00 46.39  ? 20  HIS A NE2 1 
ATOM   150  N  N   . GLU A 1 21 ? -12.914 3.965   11.364  1.00 37.44  ? 21  GLU A N   1 
ATOM   151  C  CA  . GLU A 1 21 ? -13.252 4.435   12.740  1.00 47.43  ? 21  GLU A CA  1 
ATOM   152  C  C   . GLU A 1 21 ? -12.122 4.162   13.718  1.00 37.95  ? 21  GLU A C   1 
ATOM   153  O  O   . GLU A 1 21 ? -11.835 4.981   14.564  1.00 45.17  ? 21  GLU A O   1 
ATOM   154  C  CB  . GLU A 1 21 ? -14.558 3.796   13.277  1.00 47.48  ? 21  GLU A CB  1 
ATOM   155  C  CG  . GLU A 1 21 ? -15.845 4.197   12.566  1.00 54.29  ? 21  GLU A CG  1 
ATOM   156  C  CD  . GLU A 1 21 ? -16.170 5.676   12.720  1.00 58.40  ? 21  GLU A CD  1 
ATOM   157  O  OE1 . GLU A 1 21 ? -15.502 6.382   13.517  1.00 65.76  ? 21  GLU A OE1 1 
ATOM   158  O  OE2 . GLU A 1 21 ? -17.085 6.134   12.013  1.00 63.66  ? 21  GLU A OE2 1 
ATOM   159  N  N   . LEU A 1 22 ? -11.470 3.003   13.592  1.00 39.12  ? 22  LEU A N   1 
ATOM   160  C  CA  . LEU A 1 22 ? -10.334 2.673   14.446  1.00 36.01  ? 22  LEU A CA  1 
ATOM   161  C  C   . LEU A 1 22 ? -9.169  3.598   14.280  1.00 39.73  ? 22  LEU A C   1 
ATOM   162  O  O   . LEU A 1 22 ? -8.515  3.959   15.260  1.00 42.04  ? 22  LEU A O   1 
ATOM   163  C  CB  . LEU A 1 22 ? -9.845  1.265   14.169  1.00 38.79  ? 22  LEU A CB  1 
ATOM   164  C  CG  . LEU A 1 22 ? -10.719 0.234   14.888  1.00 41.40  ? 22  LEU A CG  1 
ATOM   165  C  CD1 . LEU A 1 22 ? -10.157 -1.118  14.500  1.00 38.94  ? 22  LEU A CD1 1 
ATOM   166  C  CD2 . LEU A 1 22 ? -10.705 0.460   16.419  1.00 41.43  ? 22  LEU A CD2 1 
ATOM   167  N  N   . PHE A 1 23 ? -8.857  3.949   13.027  1.00 37.50  ? 23  PHE A N   1 
ATOM   168  C  CA  . PHE A 1 23 ? -7.770  4.889   12.755  1.00 34.25  ? 23  PHE A CA  1 
ATOM   169  C  C   . PHE A 1 23 ? -8.081  6.270   13.319  1.00 37.67  ? 23  PHE A C   1 
ATOM   170  O  O   . PHE A 1 23 ? -7.189  7.011   13.737  1.00 38.28  ? 23  PHE A O   1 
ATOM   171  C  CB  . PHE A 1 23 ? -7.538  5.035   11.229  1.00 36.50  ? 23  PHE A CB  1 
ATOM   172  C  CG  . PHE A 1 23 ? -6.782  3.890   10.614  1.00 33.53  ? 23  PHE A CG  1 
ATOM   173  C  CD1 . PHE A 1 23 ? -5.563  3.518   11.130  1.00 36.86  ? 23  PHE A CD1 1 
ATOM   174  C  CD2 . PHE A 1 23 ? -7.266  3.227   9.533   1.00 35.89  ? 23  PHE A CD2 1 
ATOM   175  C  CE1 . PHE A 1 23 ? -4.828  2.496   10.546  1.00 39.92  ? 23  PHE A CE1 1 
ATOM   176  C  CE2 . PHE A 1 23 ? -6.533  2.227   8.940   1.00 34.47  ? 23  PHE A CE2 1 
ATOM   177  C  CZ  . PHE A 1 23 ? -5.333  1.840   9.484   1.00 35.10  ? 23  PHE A CZ  1 
ATOM   178  N  N   . GLU A 1 24 ? -9.337  6.657   13.233  1.00 42.93  ? 24  GLU A N   1 
ATOM   179  C  CA  . GLU A 1 24 ? -9.698  7.968   13.720  1.00 52.35  ? 24  GLU A CA  1 
ATOM   180  C  C   . GLU A 1 24 ? -9.517  8.070   15.241  1.00 58.85  ? 24  GLU A C   1 
ATOM   181  O  O   . GLU A 1 24 ? -9.069  9.111   15.713  1.00 65.31  ? 24  GLU A O   1 
ATOM   182  C  CB  . GLU A 1 24 ? -11.079 8.409   13.175  1.00 55.47  ? 24  GLU A CB  1 
ATOM   183  C  CG  . GLU A 1 24 ? -10.940 8.989   11.761  1.00 59.71  ? 24  GLU A CG  1 
ATOM   184  C  CD  . GLU A 1 24 ? -12.206 9.611   11.163  1.00 66.55  ? 24  GLU A CD  1 
ATOM   185  O  OE1 . GLU A 1 24 ? -12.048 10.294  10.117  1.00 65.31  ? 24  GLU A OE1 1 
ATOM   186  O  OE2 . GLU A 1 24 ? -13.336 9.404   11.685  1.00 60.50  ? 24  GLU A OE2 1 
ATOM   187  N  N   . GLU A 1 25 ? -9.734  6.988   15.997  1.00 62.80  ? 25  GLU A N   1 
ATOM   188  C  CA  . GLU A 1 25 ? -9.414  7.029   17.443  1.00 66.84  ? 25  GLU A CA  1 
ATOM   189  C  C   . GLU A 1 25 ? -7.985  6.658   17.855  1.00 68.74  ? 25  GLU A C   1 
ATOM   190  O  O   . GLU A 1 25 ? -7.526  7.120   18.898  1.00 68.80  ? 25  GLU A O   1 
ATOM   191  C  CB  . GLU A 1 25 ? -10.445 6.257   18.287  1.00 72.49  ? 25  GLU A CB  1 
ATOM   192  C  CG  . GLU A 1 25 ? -10.433 4.729   18.238  1.00 74.70  ? 25  GLU A CG  1 
ATOM   193  C  CD  . GLU A 1 25 ? -11.734 4.111   18.808  1.00 82.18  ? 25  GLU A CD  1 
ATOM   194  O  OE1 . GLU A 1 25 ? -11.760 2.888   19.105  1.00 67.07  ? 25  GLU A OE1 1 
ATOM   195  O  OE2 . GLU A 1 25 ? -12.747 4.843   18.969  1.00 82.79  ? 25  GLU A OE2 1 
ATOM   196  N  N   . HIS A 1 26 ? -7.282  5.848   17.059  1.00 67.63  ? 26  HIS A N   1 
ATOM   197  C  CA  . HIS A 1 26 ? -5.858  5.511   17.333  1.00 67.05  ? 26  HIS A CA  1 
ATOM   198  C  C   . HIS A 1 26 ? -4.892  6.657   17.035  1.00 60.80  ? 26  HIS A C   1 
ATOM   199  O  O   . HIS A 1 26 ? -3.896  6.827   17.741  1.00 53.50  ? 26  HIS A O   1 
ATOM   200  C  CB  . HIS A 1 26 ? -5.385  4.319   16.483  1.00 82.25  ? 26  HIS A CB  1 
ATOM   201  C  CG  . HIS A 1 26 ? -5.684  2.986   17.085  1.00 97.30  ? 26  HIS A CG  1 
ATOM   202  N  ND1 . HIS A 1 26 ? -6.967  2.579   17.394  1.00 102.70 ? 26  HIS A ND1 1 
ATOM   203  C  CD2 . HIS A 1 26 ? -4.867  1.959   17.422  1.00 100.13 ? 26  HIS A CD2 1 
ATOM   204  C  CE1 . HIS A 1 26 ? -6.924  1.362   17.903  1.00 103.32 ? 26  HIS A CE1 1 
ATOM   205  N  NE2 . HIS A 1 26 ? -5.663  0.961   17.927  1.00 101.88 ? 26  HIS A NE2 1 
ATOM   206  N  N   . LYS A 1 27 ? -5.156  7.394   15.947  1.00 52.48  ? 27  LYS A N   1 
ATOM   207  C  CA  . LYS A 1 27 ? -4.257  8.435   15.443  1.00 51.21  ? 27  LYS A CA  1 
ATOM   208  C  C   . LYS A 1 27 ? -2.853  7.931   15.109  1.00 51.92  ? 27  LYS A C   1 
ATOM   209  O  O   . LYS A 1 27 ? -1.939  8.737   15.072  1.00 45.91  ? 27  LYS A O   1 
ATOM   210  C  CB  . LYS A 1 27 ? -4.121  9.624   16.407  1.00 59.24  ? 27  LYS A CB  1 
ATOM   211  C  CG  . LYS A 1 27 ? -5.432  10.315  16.762  1.00 68.65  ? 27  LYS A CG  1 
ATOM   212  C  CD  . LYS A 1 27 ? -5.986  11.052  15.566  1.00 72.72  ? 27  LYS A CD  1 
ATOM   213  C  CE  . LYS A 1 27 ? -7.357  11.633  15.854  1.00 81.41  ? 27  LYS A CE  1 
ATOM   214  N  NZ  . LYS A 1 27 ? -8.183  11.592  14.615  1.00 80.06  ? 27  LYS A NZ  1 
ATOM   215  N  N   . LYS A 1 28 ? -2.676  6.634   14.842  1.00 40.19  ? 28  LYS A N   1 
ATOM   216  C  CA  . LYS A 1 28 ? -1.347  6.113   14.442  1.00 45.48  ? 28  LYS A CA  1 
ATOM   217  C  C   . LYS A 1 28 ? -1.507  4.997   13.376  1.00 33.74  ? 28  LYS A C   1 
ATOM   218  O  O   . LYS A 1 28 ? -2.552  4.339   13.327  1.00 31.90  ? 28  LYS A O   1 
ATOM   219  C  CB  . LYS A 1 28 ? -0.599  5.527   15.660  1.00 53.50  ? 28  LYS A CB  1 
ATOM   220  C  CG  . LYS A 1 28 ? -0.449  6.443   16.880  1.00 66.97  ? 28  LYS A CG  1 
ATOM   221  C  CD  . LYS A 1 28 ? 0.867   7.222   16.837  1.00 75.75  ? 28  LYS A CD  1 
ATOM   222  C  CE  . LYS A 1 28 ? 1.393   7.616   18.221  1.00 77.61  ? 28  LYS A CE  1 
ATOM   223  N  NZ  . LYS A 1 28 ? 2.892   7.760   18.213  1.00 76.00  ? 28  LYS A NZ  1 
ATOM   224  N  N   . PRO A 1 29 ? -0.477  4.783   12.519  1.00 32.12  ? 29  PRO A N   1 
ATOM   225  C  CA  . PRO A 1 29 ? -0.449  3.600   11.614  1.00 29.39  ? 29  PRO A CA  1 
ATOM   226  C  C   . PRO A 1 29 ? -0.637  2.299   12.331  1.00 29.12  ? 29  PRO A C   1 
ATOM   227  O  O   . PRO A 1 29 ? -0.156  2.168   13.435  1.00 29.98  ? 29  PRO A O   1 
ATOM   228  C  CB  . PRO A 1 29 ? 0.961   3.678   10.999  1.00 31.02  ? 29  PRO A CB  1 
ATOM   229  C  CG  . PRO A 1 29 ? 1.256   5.177   11.006  1.00 33.24  ? 29  PRO A CG  1 
ATOM   230  C  CD  . PRO A 1 29 ? 0.763   5.560   12.402  1.00 32.20  ? 29  PRO A CD  1 
ATOM   231  N  N   . VAL A 1 30 ? -1.296  1.306   11.699  1.00 35.77  ? 30  VAL A N   1 
ATOM   232  C  CA  . VAL A 1 30 ? -1.597  0.036   12.336  1.00 30.70  ? 30  VAL A CA  1 
ATOM   233  C  C   . VAL A 1 30 ? -1.358  -1.025  11.253  1.00 30.82  ? 30  VAL A C   1 
ATOM   234  O  O   . VAL A 1 30 ? -1.823  -0.864  10.113  1.00 26.17  ? 30  VAL A O   1 
ATOM   235  C  CB  . VAL A 1 30 ? -3.091  -0.044  12.768  1.00 34.41  ? 30  VAL A CB  1 
ATOM   236  C  CG1 . VAL A 1 30 ? -3.350  -1.328  13.564  1.00 34.69  ? 30  VAL A CG1 1 
ATOM   237  C  CG2 . VAL A 1 30 ? -3.520  1.212   13.530  1.00 39.13  ? 30  VAL A CG2 1 
ATOM   238  N  N   . PRO A 1 31 ? -0.601  -2.060  11.577  1.00 25.21  ? 31  PRO A N   1 
ATOM   239  C  CA  . PRO A 1 31 ? -0.412  -3.108  10.627  1.00 27.97  ? 31  PRO A CA  1 
ATOM   240  C  C   . PRO A 1 31 ? -1.671  -3.925  10.445  1.00 24.35  ? 31  PRO A C   1 
ATOM   241  O  O   . PRO A 1 31 ? -2.463  -4.041  11.396  1.00 27.84  ? 31  PRO A O   1 
ATOM   242  C  CB  . PRO A 1 31 ? 0.593   -4.003  11.258  1.00 30.12  ? 31  PRO A CB  1 
ATOM   243  C  CG  . PRO A 1 31 ? 1.180   -3.298  12.353  1.00 32.92  ? 31  PRO A CG  1 
ATOM   244  C  CD  . PRO A 1 31 ? 0.162   -2.311  12.805  1.00 32.46  ? 31  PRO A CD  1 
ATOM   245  N  N   . PHE A 1 32 ? -1.799  -4.518  9.279   1.00 27.35  ? 32  PHE A N   1 
ATOM   246  C  CA  . PHE A 1 32 ? -3.008  -5.258  8.869   1.00 28.01  ? 32  PHE A CA  1 
ATOM   247  C  C   . PHE A 1 32 ? -3.439  -6.347  9.849   1.00 29.34  ? 32  PHE A C   1 
ATOM   248  O  O   . PHE A 1 32 ? -4.618  -6.454  10.209  1.00 29.08  ? 32  PHE A O   1 
ATOM   249  C  CB  . PHE A 1 32 ? -2.785  -5.871  7.497   1.00 30.13  ? 32  PHE A CB  1 
ATOM   250  C  CG  . PHE A 1 32 ? -4.069  -6.382  6.833   1.00 28.76  ? 32  PHE A CG  1 
ATOM   251  C  CD1 . PHE A 1 32 ? -5.045  -5.495  6.403   1.00 31.39  ? 32  PHE A CD1 1 
ATOM   252  C  CD2 . PHE A 1 32 ? -4.249  -7.729  6.572   1.00 32.71  ? 32  PHE A CD2 1 
ATOM   253  C  CE1 . PHE A 1 32 ? -6.186  -5.928  5.742   1.00 31.35  ? 32  PHE A CE1 1 
ATOM   254  C  CE2 . PHE A 1 32 ? -5.418  -8.180  5.907   1.00 28.49  ? 32  PHE A CE2 1 
ATOM   255  C  CZ  . PHE A 1 32 ? -6.372  -7.263  5.522   1.00 32.79  ? 32  PHE A CZ  1 
ATOM   256  N  N   . GLN A 1 33 ? -2.503  -7.172  10.303  1.00 32.69  ? 33  GLN A N   1 
ATOM   257  C  CA  . GLN A 1 33 ? -2.871  -8.213  11.283  1.00 30.59  ? 33  GLN A CA  1 
ATOM   258  C  C   . GLN A 1 33 ? -3.374  -7.677  12.604  1.00 31.08  ? 33  GLN A C   1 
ATOM   259  O  O   . GLN A 1 33 ? -4.273  -8.267  13.211  1.00 33.41  ? 33  GLN A O   1 
ATOM   260  C  CB  . GLN A 1 33 ? -1.753  -9.228  11.513  1.00 35.18  ? 33  GLN A CB  1 
ATOM   261  C  CG  . GLN A 1 33 ? -1.369  -10.031 10.280  1.00 35.27  ? 33  GLN A CG  1 
ATOM   262  C  CD  . GLN A 1 33 ? -2.507  -10.852 9.650   1.00 36.99  ? 33  GLN A CD  1 
ATOM   263  O  OE1 . GLN A 1 33 ? -2.632  -10.941 8.426   1.00 40.22  ? 33  GLN A OE1 1 
ATOM   264  N  NE2 . GLN A 1 33 ? -3.338  -11.418 10.466  1.00 35.23  ? 33  GLN A NE2 1 
ATOM   265  N  N   . GLU A 1 34 ? -2.891  -6.521  13.038  1.00 30.52  ? 34  GLU A N   1 
ATOM   266  C  CA  . GLU A 1 34 ? -3.407  -5.914  14.241  1.00 33.37  ? 34  GLU A CA  1 
ATOM   267  C  C   . GLU A 1 34 ? -4.792  -5.302  14.073  1.00 31.72  ? 34  GLU A C   1 
ATOM   268  O  O   . GLU A 1 34 ? -5.621  -5.457  14.954  1.00 30.08  ? 34  GLU A O   1 
ATOM   269  C  CB  . GLU A 1 34 ? -2.406  -4.907  14.889  1.00 39.45  ? 34  GLU A CB  1 
ATOM   270  C  CG  . GLU A 1 34 ? -1.469  -5.526  15.961  1.00 55.45  ? 34  GLU A CG  1 
ATOM   271  C  CD  . GLU A 1 34 ? -2.077  -6.650  16.907  1.00 64.35  ? 34  GLU A CD  1 
ATOM   272  O  OE1 . GLU A 1 34 ? -1.382  -7.707  17.139  1.00 59.82  ? 34  GLU A OE1 1 
ATOM   273  O  OE2 . GLU A 1 34 ? -3.214  -6.489  17.442  1.00 61.61  ? 34  GLU A OE2 1 
ATOM   274  N  N   . LEU A 1 35 ? -5.054  -4.655  12.945  1.00 29.30  ? 35  LEU A N   1 
ATOM   275  C  CA  . LEU A 1 35 ? -6.372  -4.206  12.556  1.00 29.09  ? 35  LEU A CA  1 
ATOM   276  C  C   . LEU A 1 35 ? -7.343  -5.379  12.517  1.00 25.82  ? 35  LEU A C   1 
ATOM   277  O  O   . LEU A 1 35 ? -8.469  -5.243  12.956  1.00 27.06  ? 35  LEU A O   1 
ATOM   278  C  CB  . LEU A 1 35 ? -6.361  -3.603  11.119  1.00 32.38  ? 35  LEU A CB  1 
ATOM   279  C  CG  . LEU A 1 35 ? -5.942  -2.150  10.938  1.00 34.44  ? 35  LEU A CG  1 
ATOM   280  C  CD1 . LEU A 1 35 ? -5.939  -1.723  9.467   1.00 33.84  ? 35  LEU A CD1 1 
ATOM   281  C  CD2 . LEU A 1 35 ? -6.841  -1.219  11.735  1.00 38.10  ? 35  LEU A CD2 1 
ATOM   282  N  N   . LEU A 1 36 ? -6.943  -6.486  11.953  1.00 29.96  ? 36  LEU A N   1 
ATOM   283  C  CA  . LEU A 1 36 ? -7.842  -7.674  11.955  1.00 30.17  ? 36  LEU A CA  1 
ATOM   284  C  C   . LEU A 1 36 ? -8.173  -8.137  13.340  1.00 27.99  ? 36  LEU A C   1 
ATOM   285  O  O   . LEU A 1 36 ? -9.339  -8.399  13.636  1.00 31.66  ? 36  LEU A O   1 
ATOM   286  C  CB  . LEU A 1 36 ? -7.294  -8.832  11.120  1.00 33.60  ? 36  LEU A CB  1 
ATOM   287  C  CG  . LEU A 1 36 ? -7.114  -8.582  9.641   1.00 34.68  ? 36  LEU A CG  1 
ATOM   288  C  CD1 . LEU A 1 36 ? -6.449  -9.811  9.045   1.00 34.83  ? 36  LEU A CD1 1 
ATOM   289  C  CD2 . LEU A 1 36 ? -8.473  -8.308  8.989   1.00 41.11  ? 36  LEU A CD2 1 
ATOM   290  N  N   . ASN A 1 37 ? -7.187  -8.198  14.227  1.00 29.07  ? 37  ASN A N   1 
ATOM   291  C  CA  . ASN A 1 37 ? -7.426  -8.563  15.624  1.00 29.49  ? 37  ASN A CA  1 
ATOM   292  C  C   . ASN A 1 37 ? -8.365  -7.609  16.330  1.00 31.70  ? 37  ASN A C   1 
ATOM   293  O  O   . ASN A 1 37 ? -9.316  -8.033  17.032  1.00 25.88  ? 37  ASN A O   1 
ATOM   294  C  CB  . ASN A 1 37 ? -6.112  -8.640  16.462  1.00 34.35  ? 37  ASN A CB  1 
ATOM   295  C  CG  . ASN A 1 37 ? -5.270  -9.867  16.166  1.00 39.13  ? 37  ASN A CG  1 
ATOM   296  O  OD1 . ASN A 1 37 ? -5.786  -10.905 15.797  1.00 44.12  ? 37  ASN A OD1 1 
ATOM   297  N  ND2 . ASN A 1 37 ? -3.955  -9.753  16.360  1.00 42.30  ? 37  ASN A ND2 1 
ATOM   298  N  N   . GLU A 1 38 ? -8.101  -6.311  16.218  1.00 31.89  ? 38  GLU A N   1 
ATOM   299  C  CA  . GLU A 1 38 ? -9.017  -5.321  16.780  1.00 31.03  ? 38  GLU A CA  1 
ATOM   300  C  C   . GLU A 1 38 ? -10.474 -5.340  16.253  1.00 31.25  ? 38  GLU A C   1 
ATOM   301  O  O   . GLU A 1 38 ? -11.442 -5.196  17.047  1.00 29.35  ? 38  GLU A O   1 
ATOM   302  C  CB  . GLU A 1 38 ? -8.459  -3.923  16.576  1.00 40.90  ? 38  GLU A CB  1 
ATOM   303  C  CG  . GLU A 1 38 ? -7.167  -3.662  17.314  1.00 49.82  ? 38  GLU A CG  1 
ATOM   304  C  CD  . GLU A 1 38 ? -6.748  -2.200  17.173  1.00 66.90  ? 38  GLU A CD  1 
ATOM   305  O  OE1 . GLU A 1 38 ? -7.617  -1.318  17.417  1.00 70.61  ? 38  GLU A OE1 1 
ATOM   306  O  OE2 . GLU A 1 38 ? -5.571  -1.935  16.805  1.00 72.13  ? 38  GLU A OE2 1 
ATOM   307  N  N   . ILE A 1 39 ? -10.622 -5.443  14.939  1.00 28.50  ? 39  ILE A N   1 
ATOM   308  C  CA  . ILE A 1 39 ? -11.916 -5.558  14.277  1.00 30.78  ? 39  ILE A CA  1 
ATOM   309  C  C   . ILE A 1 39 ? -12.654 -6.872  14.690  1.00 36.13  ? 39  ILE A C   1 
ATOM   310  O  O   . ILE A 1 39 ? -13.874 -6.879  14.991  1.00 34.80  ? 39  ILE A O   1 
ATOM   311  C  CB  . ILE A 1 39 ? -11.731 -5.526  12.762  1.00 30.16  ? 39  ILE A CB  1 
ATOM   312  C  CG1 . ILE A 1 39 ? -11.370 -4.113  12.367  1.00 30.38  ? 39  ILE A CG1 1 
ATOM   313  C  CG2 . ILE A 1 39 ? -13.009 -5.956  12.043  1.00 31.89  ? 39  ILE A CG2 1 
ATOM   314  C  CD1 . ILE A 1 39 ? -10.824 -3.957  10.970  1.00 32.27  ? 39  ILE A CD1 1 
ATOM   315  N  N   . ALA A 1 40 ? -11.900 -7.968  14.720  1.00 33.42  ? 40  ALA A N   1 
ATOM   316  C  CA  . ALA A 1 40 ? -12.430 -9.252  15.193  1.00 34.65  ? 40  ALA A CA  1 
ATOM   317  C  C   . ALA A 1 40 ? -12.989 -9.116  16.588  1.00 35.71  ? 40  ALA A C   1 
ATOM   318  O  O   . ALA A 1 40 ? -14.104 -9.525  16.829  1.00 35.72  ? 40  ALA A O   1 
ATOM   319  C  CB  . ALA A 1 40 ? -11.353 -10.325 15.132  1.00 34.44  ? 40  ALA A CB  1 
ATOM   320  N  N   . SER A 1 41 ? -12.245 -8.488  17.498  1.00 34.37  ? 41  SER A N   1 
ATOM   321  C  CA  . SER A 1 41 ? -12.675 -8.361  18.830  1.00 41.03  ? 41  SER A CA  1 
ATOM   322  C  C   . SER A 1 41 ? -13.967 -7.501  18.957  1.00 43.06  ? 41  SER A C   1 
ATOM   323  O  O   . SER A 1 41 ? -14.899 -7.898  19.665  1.00 37.62  ? 41  SER A O   1 
ATOM   324  C  CB  . SER A 1 41 ? -11.526 -7.859  19.684  1.00 41.15  ? 41  SER A CB  1 
ATOM   325  O  OG  . SER A 1 41 ? -11.964 -7.543  20.984  1.00 46.81  ? 41  SER A OG  1 
ATOM   326  N  N   . LEU A 1 42 ? -14.060 -6.384  18.234  1.00 36.38  ? 42  LEU A N   1 
ATOM   327  C  CA  . LEU A 1 42 ? -15.297 -5.603  18.179  1.00 37.66  ? 42  LEU A CA  1 
ATOM   328  C  C   . LEU A 1 42 ? -16.470 -6.401  17.624  1.00 34.84  ? 42  LEU A C   1 
ATOM   329  O  O   . LEU A 1 42 ? -17.619 -6.206  18.016  1.00 39.37  ? 42  LEU A O   1 
ATOM   330  C  CB  . LEU A 1 42 ? -15.120 -4.370  17.296  1.00 38.28  ? 42  LEU A CB  1 
ATOM   331  C  CG  . LEU A 1 42 ? -14.142 -3.325  17.837  1.00 38.80  ? 42  LEU A CG  1 
ATOM   332  C  CD1 . LEU A 1 42 ? -13.778 -2.333  16.747  1.00 39.24  ? 42  LEU A CD1 1 
ATOM   333  C  CD2 . LEU A 1 42 ? -14.725 -2.619  19.059  1.00 41.57  ? 42  LEU A CD2 1 
ATOM   334  N  N   . LEU A 1 43 ? -16.211 -7.312  16.701  1.00 34.74  ? 43  LEU A N   1 
ATOM   335  C  CA  . LEU A 1 43 ? -17.310 -8.098  16.127  1.00 35.34  ? 43  LEU A CA  1 
ATOM   336  C  C   . LEU A 1 43 ? -17.659 -9.388  16.960  1.00 40.03  ? 43  LEU A C   1 
ATOM   337  O  O   . LEU A 1 43 ? -18.511 -10.181 16.536  1.00 42.29  ? 43  LEU A O   1 
ATOM   338  C  CB  . LEU A 1 43 ? -16.975 -8.479  14.704  1.00 35.44  ? 43  LEU A CB  1 
ATOM   339  C  CG  . LEU A 1 43 ? -16.946 -7.323  13.722  1.00 40.40  ? 43  LEU A CG  1 
ATOM   340  C  CD1 . LEU A 1 43 ? -16.448 -7.865  12.422  1.00 41.93  ? 43  LEU A CD1 1 
ATOM   341  C  CD2 . LEU A 1 43 ? -18.320 -6.681  13.581  1.00 43.03  ? 43  LEU A CD2 1 
ATOM   342  N  N   . GLY A 1 44 ? -16.934 -9.613  18.051  1.00 40.81  ? 44  GLY A N   1 
ATOM   343  C  CA  . GLY A 1 44 ? -17.155 -10.730 18.950  1.00 43.57  ? 44  GLY A CA  1 
ATOM   344  C  C   . GLY A 1 44 ? -16.573 -12.018 18.415  1.00 49.60  ? 44  GLY A C   1 
ATOM   345  O  O   . GLY A 1 44 ? -16.964 -13.101 18.847  1.00 39.21  ? 44  GLY A O   1 
ATOM   346  N  N   . VAL A 1 45 ? -15.630 -11.919 17.477  1.00 42.32  ? 45  VAL A N   1 
ATOM   347  C  CA  . VAL A 1 45 ? -15.093 -13.126 16.829  1.00 40.36  ? 45  VAL A CA  1 
ATOM   348  C  C   . VAL A 1 45 ? -13.559 -13.168 16.943  1.00 41.21  ? 45  VAL A C   1 
ATOM   349  O  O   . VAL A 1 45 ? -12.929 -12.236 17.469  1.00 39.99  ? 45  VAL A O   1 
ATOM   350  C  CB  . VAL A 1 45 ? -15.562 -13.264 15.351  1.00 36.42  ? 45  VAL A CB  1 
ATOM   351  C  CG1 . VAL A 1 45 ? -17.094 -13.415 15.231  1.00 38.43  ? 45  VAL A CG1 1 
ATOM   352  C  CG2 . VAL A 1 45 ? -15.152 -12.084 14.497  1.00 38.82  ? 45  VAL A CG2 1 
ATOM   353  N  N   . LYS A 1 46 ? -12.958 -14.242 16.435  1.00 41.77  ? 46  LYS A N   1 
ATOM   354  C  CA  . LYS A 1 46 ? -11.520 -14.313 16.254  1.00 37.70  ? 46  LYS A CA  1 
ATOM   355  C  C   . LYS A 1 46 ? -11.208 -14.016 14.809  1.00 35.50  ? 46  LYS A C   1 
ATOM   356  O  O   . LYS A 1 46 ? -12.032 -14.225 13.909  1.00 34.27  ? 46  LYS A O   1 
ATOM   357  C  CB  . LYS A 1 46 ? -10.977 -15.713 16.649  1.00 48.91  ? 46  LYS A CB  1 
ATOM   358  C  CG  . LYS A 1 46 ? -11.194 -16.083 18.122  1.00 51.92  ? 46  LYS A CG  1 
ATOM   359  C  CD  . LYS A 1 46 ? -10.262 -15.278 19.028  1.00 57.53  ? 46  LYS A CD  1 
ATOM   360  C  CE  . LYS A 1 46 ? -10.598 -15.437 20.498  1.00 62.24  ? 46  LYS A CE  1 
ATOM   361  N  NZ  . LYS A 1 46 ? -9.850  -14.423 21.285  1.00 67.72  ? 46  LYS A NZ  1 
ATOM   362  N  N   . LYS A 1 47 ? -9.984  -13.568 14.528  1.00 39.22  ? 47  LYS A N   1 
ATOM   363  C  CA  . LYS A 1 47 ? -9.759  -13.008 13.191  1.00 43.46  ? 47  LYS A CA  1 
ATOM   364  C  C   . LYS A 1 47 ? -9.839  -14.108 12.151  1.00 36.84  ? 47  LYS A C   1 
ATOM   365  O  O   . LYS A 1 47 ? -10.307 -13.868 11.047  1.00 36.29  ? 47  LYS A O   1 
ATOM   366  C  CB  . LYS A 1 47 ? -8.445  -12.230 13.083  1.00 48.75  ? 47  LYS A CB  1 
ATOM   367  C  CG  . LYS A 1 47 ? -7.218  -13.071 12.825  1.00 52.66  ? 47  LYS A CG  1 
ATOM   368  C  CD  . LYS A 1 47 ? -5.941  -12.240 12.902  1.00 56.07  ? 47  LYS A CD  1 
ATOM   369  C  CE  . LYS A 1 47 ? -4.849  -13.023 13.610  1.00 54.51  ? 47  LYS A CE  1 
ATOM   370  N  NZ  . LYS A 1 47 ? -3.510  -12.801 13.003  1.00 62.39  ? 47  LYS A NZ  1 
ATOM   371  N  N   . GLU A 1 48 ? -9.405  -15.324 12.496  1.00 41.78  ? 48  GLU A N   1 
ATOM   372  C  CA  . GLU A 1 48 ? -9.564  -16.450 11.530  1.00 41.28  ? 48  GLU A CA  1 
ATOM   373  C  C   . GLU A 1 48 ? -11.018 -16.670 11.099  1.00 38.15  ? 48  GLU A C   1 
ATOM   374  O  O   . GLU A 1 48 ? -11.276 -17.196 10.039  1.00 43.40  ? 48  GLU A O   1 
ATOM   375  C  CB  . GLU A 1 48 ? -8.994  -17.737 12.086  1.00 44.42  ? 48  GLU A CB  1 
ATOM   376  C  CG  . GLU A 1 48 ? -7.525  -17.661 12.407  1.00 42.01  ? 48  GLU A CG  1 
ATOM   377  C  CD  . GLU A 1 48 ? -7.244  -17.238 13.832  1.00 45.37  ? 48  GLU A CD  1 
ATOM   378  O  OE1 . GLU A 1 48 ? -8.085  -16.590 14.517  1.00 41.38  ? 48  GLU A OE1 1 
ATOM   379  O  OE2 . GLU A 1 48 ? -6.139  -17.545 14.266  1.00 47.58  ? 48  GLU A OE2 1 
ATOM   380  N  N   . GLU A 1 49 ? -11.983 -16.264 11.908  1.00 40.30  ? 49  GLU A N   1 
ATOM   381  C  CA  . GLU A 1 49 ? -13.395 -16.434 11.510  1.00 42.84  ? 49  GLU A CA  1 
ATOM   382  C  C   . GLU A 1 49 ? -13.846 -15.446 10.454  1.00 49.76  ? 49  GLU A C   1 
ATOM   383  O  O   . GLU A 1 49 ? -14.900 -15.614 9.847   1.00 46.30  ? 49  GLU A O   1 
ATOM   384  C  CB  . GLU A 1 49 ? -14.308 -16.281 12.711  1.00 46.21  ? 49  GLU A CB  1 
ATOM   385  C  CG  . GLU A 1 49 ? -13.877 -17.134 13.894  1.00 46.91  ? 49  GLU A CG  1 
ATOM   386  C  CD  . GLU A 1 49 ? -14.904 -17.138 14.995  1.00 44.62  ? 49  GLU A CD  1 
ATOM   387  O  OE1 . GLU A 1 49 ? -14.547 -16.699 16.122  1.00 41.17  ? 49  GLU A OE1 1 
ATOM   388  O  OE2 . GLU A 1 49 ? -16.052 -17.561 14.704  1.00 49.57  ? 49  GLU A OE2 1 
ATOM   389  N  N   . LEU A 1 50 ? -13.062 -14.397 10.244  1.00 44.51  ? 50  LEU A N   1 
ATOM   390  C  CA  . LEU A 1 50 ? -13.377 -13.444 9.191   1.00 48.42  ? 50  LEU A CA  1 
ATOM   391  C  C   . LEU A 1 50 ? -13.025 -14.006 7.823   1.00 57.51  ? 50  LEU A C   1 
ATOM   392  O  O   . LEU A 1 50 ? -13.661 -13.625 6.838   1.00 63.59  ? 50  LEU A O   1 
ATOM   393  C  CB  . LEU A 1 50 ? -12.661 -12.113 9.440   1.00 41.88  ? 50  LEU A CB  1 
ATOM   394  C  CG  . LEU A 1 50 ? -13.148 -11.464 10.752  1.00 41.37  ? 50  LEU A CG  1 
ATOM   395  C  CD1 . LEU A 1 50 ? -12.226 -10.324 11.182  1.00 47.45  ? 50  LEU A CD1 1 
ATOM   396  C  CD2 . LEU A 1 50 ? -14.587 -11.006 10.654  1.00 41.32  ? 50  LEU A CD2 1 
ATOM   397  N  N   . GLY A 1 51 ? -12.051 -14.929 7.790   1.00 63.22  ? 51  GLY A N   1 
ATOM   398  C  CA  . GLY A 1 51 ? -11.536 -15.570 6.567   1.00 67.63  ? 51  GLY A CA  1 
ATOM   399  C  C   . GLY A 1 51 ? -12.069 -15.039 5.239   1.00 68.75  ? 51  GLY A C   1 
ATOM   400  O  O   . GLY A 1 51 ? -11.310 -14.538 4.417   1.00 65.46  ? 51  GLY A O   1 
ATOM   401  N  N   . ASP A 1 52 ? -13.384 -15.156 5.064   1.00 71.08  ? 52  ASP A N   1 
ATOM   402  C  CA  . ASP A 1 52 ? -14.151 -14.681 3.888   1.00 72.43  ? 52  ASP A CA  1 
ATOM   403  C  C   . ASP A 1 52 ? -14.137 -13.196 3.521   1.00 66.15  ? 52  ASP A C   1 
ATOM   404  O  O   . ASP A 1 52 ? -14.540 -12.819 2.417   1.00 64.09  ? 52  ASP A O   1 
ATOM   405  C  CB  . ASP A 1 52 ? -15.630 -15.028 4.114   1.00 80.29  ? 52  ASP A CB  1 
ATOM   406  C  CG  . ASP A 1 52 ? -15.984 -16.388 3.610   1.00 89.17  ? 52  ASP A CG  1 
ATOM   407  O  OD1 . ASP A 1 52 ? -17.090 -16.531 3.052   1.00 102.79 ? 52  ASP A OD1 1 
ATOM   408  O  OD2 . ASP A 1 52 ? -15.151 -17.309 3.750   1.00 94.89  ? 52  ASP A OD2 1 
ATOM   409  N  N   . ARG A 1 53 ? -13.776 -12.340 4.455   1.00 61.92  ? 53  ARG A N   1 
ATOM   410  C  CA  . ARG A 1 53 ? -13.959 -10.919 4.243   1.00 54.77  ? 53  ARG A CA  1 
ATOM   411  C  C   . ARG A 1 53 ? -12.612 -10.175 4.199   1.00 57.90  ? 53  ARG A C   1 
ATOM   412  O  O   . ARG A 1 53 ? -12.582 -8.942  4.069   1.00 46.37  ? 53  ARG A O   1 
ATOM   413  C  CB  . ARG A 1 53 ? -14.836 -10.394 5.355   1.00 58.55  ? 53  ARG A CB  1 
ATOM   414  C  CG  . ARG A 1 53 ? -16.034 -11.313 5.653   1.00 60.27  ? 53  ARG A CG  1 
ATOM   415  C  CD  . ARG A 1 53 ? -16.995 -10.697 6.642   1.00 63.68  ? 53  ARG A CD  1 
ATOM   416  N  NE  . ARG A 1 53 ? -17.315 -9.335  6.223   1.00 68.75  ? 53  ARG A NE  1 
ATOM   417  C  CZ  . ARG A 1 53 ? -17.840 -8.408  7.017   1.00 75.59  ? 53  ARG A CZ  1 
ATOM   418  N  NH1 . ARG A 1 53 ? -18.151 -8.696  8.280   1.00 73.46  ? 53  ARG A NH1 1 
ATOM   419  N  NH2 . ARG A 1 53 ? -18.076 -7.184  6.541   1.00 80.79  ? 53  ARG A NH2 1 
ATOM   420  N  N   . ILE A 1 54 ? -11.513 -10.930 4.304   1.00 54.85  ? 54  ILE A N   1 
ATOM   421  C  CA  . ILE A 1 54 ? -10.165 -10.347 4.367   1.00 59.30  ? 54  ILE A CA  1 
ATOM   422  C  C   . ILE A 1 54 ? -9.852  -9.651  3.027   1.00 56.84  ? 54  ILE A C   1 
ATOM   423  O  O   . ILE A 1 54 ? -9.350  -8.530  2.999   1.00 53.23  ? 54  ILE A O   1 
ATOM   424  C  CB  . ILE A 1 54 ? -9.085  -11.412 4.706   1.00 56.72  ? 54  ILE A CB  1 
ATOM   425  C  CG1 . ILE A 1 54 ? -9.415  -12.171 6.008   1.00 61.26  ? 54  ILE A CG1 1 
ATOM   426  C  CG2 . ILE A 1 54 ? -7.712  -10.795 4.865   1.00 56.68  ? 54  ILE A CG2 1 
ATOM   427  C  CD1 . ILE A 1 54 ? -9.847  -11.318 7.177   1.00 59.05  ? 54  ILE A CD1 1 
ATOM   428  N  N   . ALA A 1 55 ? -10.214 -10.308 1.932   1.00 54.58  ? 55  ALA A N   1 
ATOM   429  C  CA  . ALA A 1 55 ? -9.894  -9.825  0.603   1.00 55.44  ? 55  ALA A CA  1 
ATOM   430  C  C   . ALA A 1 55 ? -10.690 -8.596  0.232   1.00 56.21  ? 55  ALA A C   1 
ATOM   431  O  O   . ALA A 1 55 ? -10.142 -7.639  -0.307  1.00 52.47  ? 55  ALA A O   1 
ATOM   432  C  CB  . ALA A 1 55 ? -10.124 -10.925 -0.422  1.00 61.34  ? 55  ALA A CB  1 
ATOM   433  N  N   . GLN A 1 56 ? -11.991 -8.614  0.490   1.00 56.60  ? 56  GLN A N   1 
ATOM   434  C  CA  . GLN A 1 56 ? -12.759 -7.406  0.298   1.00 57.24  ? 56  GLN A CA  1 
ATOM   435  C  C   . GLN A 1 56 ? -12.117 -6.279  1.094   1.00 46.64  ? 56  GLN A C   1 
ATOM   436  O  O   . GLN A 1 56 ? -12.086 -5.145  0.655   1.00 43.69  ? 56  GLN A O   1 
ATOM   437  C  CB  . GLN A 1 56 ? -14.215 -7.594  0.722   1.00 63.53  ? 56  GLN A CB  1 
ATOM   438  C  CG  . GLN A 1 56 ? -15.130 -6.446  0.315   1.00 71.74  ? 56  GLN A CG  1 
ATOM   439  C  CD  . GLN A 1 56 ? -14.947 -6.009  -1.140  1.00 79.10  ? 56  GLN A CD  1 
ATOM   440  O  OE1 . GLN A 1 56 ? -15.033 -4.817  -1.465  1.00 80.92  ? 56  GLN A OE1 1 
ATOM   441  N  NE2 . GLN A 1 56 ? -14.697 -6.973  -2.022  1.00 84.89  ? 56  GLN A NE2 1 
ATOM   442  N  N   . PHE A 1 57 ? -11.626 -6.596  2.285   1.00 39.38  ? 57  PHE A N   1 
ATOM   443  C  CA  . PHE A 1 57 ? -11.141 -5.538  3.186   1.00 41.30  ? 57  PHE A CA  1 
ATOM   444  C  C   . PHE A 1 57 ? -9.830  -4.854  2.609   1.00 36.24  ? 57  PHE A C   1 
ATOM   445  O  O   . PHE A 1 57 ? -9.654  -3.632  2.547   1.00 36.36  ? 57  PHE A O   1 
ATOM   446  C  CB  . PHE A 1 57 ? -10.872 -6.205  4.536   1.00 37.43  ? 57  PHE A CB  1 
ATOM   447  C  CG  . PHE A 1 57 ? -10.283 -5.295  5.567   1.00 35.15  ? 57  PHE A CG  1 
ATOM   448  C  CD1 . PHE A 1 57 ? -10.540 -3.954  5.537   1.00 32.03  ? 57  PHE A CD1 1 
ATOM   449  C  CD2 . PHE A 1 57 ? -9.568  -5.829  6.647   1.00 34.84  ? 57  PHE A CD2 1 
ATOM   450  C  CE1 . PHE A 1 57 ? -10.031 -3.111  6.505   1.00 34.05  ? 57  PHE A CE1 1 
ATOM   451  C  CE2 . PHE A 1 57 ? -9.024  -4.987  7.596   1.00 38.80  ? 57  PHE A CE2 1 
ATOM   452  C  CZ  . PHE A 1 57 ? -9.269  -3.633  7.539   1.00 34.49  ? 57  PHE A CZ  1 
ATOM   453  N  N   . TYR A 1 58 ? -8.941  -5.726  2.239   1.00 36.66  ? 58  TYR A N   1 
ATOM   454  C  CA  . TYR A 1 58 ? -7.675  -5.389  1.664   1.00 40.27  ? 58  TYR A CA  1 
ATOM   455  C  C   . TYR A 1 58 ? -7.896  -4.557  0.382   1.00 41.34  ? 58  TYR A C   1 
ATOM   456  O  O   . TYR A 1 58 ? -7.262  -3.503  0.184   1.00 35.97  ? 58  TYR A O   1 
ATOM   457  C  CB  . TYR A 1 58 ? -6.950  -6.699  1.424   1.00 39.26  ? 58  TYR A CB  1 
ATOM   458  C  CG  . TYR A 1 58 ? -5.747  -6.542  0.545   1.00 47.82  ? 58  TYR A CG  1 
ATOM   459  C  CD1 . TYR A 1 58 ? -4.529  -6.091  1.075   1.00 44.74  ? 58  TYR A CD1 1 
ATOM   460  C  CD2 . TYR A 1 58 ? -5.834  -6.803  -0.841  1.00 50.51  ? 58  TYR A CD2 1 
ATOM   461  C  CE1 . TYR A 1 58 ? -3.400  -5.934  0.265   1.00 39.78  ? 58  TYR A CE1 1 
ATOM   462  C  CE2 . TYR A 1 58 ? -4.715  -6.619  -1.679  1.00 52.62  ? 58  TYR A CE2 1 
ATOM   463  C  CZ  . TYR A 1 58 ? -3.502  -6.175  -1.128  1.00 50.68  ? 58  TYR A CZ  1 
ATOM   464  O  OH  . TYR A 1 58 ? -2.393  -6.009  -1.987  1.00 45.02  ? 58  TYR A OH  1 
ATOM   465  N  N   . THR A 1 59 ? -8.845  -4.992  -0.449  1.00 42.53  ? 59  THR A N   1 
ATOM   466  C  CA  . THR A 1 59 ? -9.185  -4.290  -1.663  1.00 40.74  ? 59  THR A CA  1 
ATOM   467  C  C   . THR A 1 59 ? -9.679  -2.958  -1.373  1.00 41.93  ? 59  THR A C   1 
ATOM   468  O  O   . THR A 1 59 ? -9.247  -1.969  -1.971  1.00 39.42  ? 59  THR A O   1 
ATOM   469  C  CB  . THR A 1 59 ? -10.263 -5.051  -2.440  1.00 48.24  ? 59  THR A CB  1 
ATOM   470  O  OG1 . THR A 1 59 ? -9.662  -6.221  -2.968  1.00 51.98  ? 59  THR A OG1 1 
ATOM   471  C  CG2 . THR A 1 59 ? -10.752 -4.269  -3.600  1.00 51.57  ? 59  THR A CG2 1 
ATOM   472  N  N   . ASP A 1 60 ? -10.584 -2.871  -0.421  1.00 38.83  ? 60  ASP A N   1 
ATOM   473  C  CA  . ASP A 1 60 ? -11.094 -1.568  -0.115  1.00 36.79  ? 60  ASP A CA  1 
ATOM   474  C  C   . ASP A 1 60 ? -10.048 -0.577  0.404   1.00 34.10  ? 60  ASP A C   1 
ATOM   475  O  O   . ASP A 1 60 ? -10.149 0.628   0.173   1.00 29.61  ? 60  ASP A O   1 
ATOM   476  C  CB  . ASP A 1 60 ? -12.172 -1.691  0.953   1.00 41.84  ? 60  ASP A CB  1 
ATOM   477  C  CG  . ASP A 1 60 ? -13.502 -2.268  0.426   1.00 48.62  ? 60  ASP A CG  1 
ATOM   478  O  OD1 . ASP A 1 60 ? -13.678 -2.491  -0.796  1.00 48.80  ? 60  ASP A OD1 1 
ATOM   479  O  OD2 . ASP A 1 60 ? -14.360 -2.496  1.295   1.00 51.67  ? 60  ASP A OD2 1 
ATOM   480  N  N   . LEU A 1 61 ? -9.147  -1.055  1.263   1.00 31.15  ? 61  LEU A N   1 
ATOM   481  C  CA  . LEU A 1 61 ? -8.060  -0.181  1.717   1.00 28.59  ? 61  LEU A CA  1 
ATOM   482  C  C   . LEU A 1 61 ? -7.268  0.361   0.524   1.00 28.26  ? 61  LEU A C   1 
ATOM   483  O  O   . LEU A 1 61 ? -6.812  1.536   0.553   1.00 27.98  ? 61  LEU A O   1 
ATOM   484  C  CB  . LEU A 1 61 ? -7.130  -0.937  2.677   1.00 30.94  ? 61  LEU A CB  1 
ATOM   485  C  CG  . LEU A 1 61 ? -7.672  -1.384  4.052   1.00 29.34  ? 61  LEU A CG  1 
ATOM   486  C  CD1 . LEU A 1 61 ? -6.773  -2.465  4.686   1.00 29.77  ? 61  LEU A CD1 1 
ATOM   487  C  CD2 . LEU A 1 61 ? -7.754  -0.176  4.956   1.00 29.72  ? 61  LEU A CD2 1 
ATOM   488  N  N   . ASN A 1 62 ? -7.014  -0.525  -0.450  1.00 28.29  ? 62  ASN A N   1 
ATOM   489  C  CA  . ASN A 1 62 ? -6.302  -0.153  -1.649  1.00 35.69  ? 62  ASN A CA  1 
ATOM   490  C  C   . ASN A 1 62 ? -7.056  0.872   -2.525  1.00 38.64  ? 62  ASN A C   1 
ATOM   491  O  O   . ASN A 1 62 ? -6.452  1.897   -2.965  1.00 33.14  ? 62  ASN A O   1 
ATOM   492  C  CB  . ASN A 1 62 ? -5.842  -1.394  -2.426  1.00 31.32  ? 62  ASN A CB  1 
ATOM   493  C  CG  . ASN A 1 62 ? -4.538  -1.945  -1.878  1.00 32.29  ? 62  ASN A CG  1 
ATOM   494  O  OD1 . ASN A 1 62 ? -3.440  -1.372  -2.082  1.00 32.51  ? 62  ASN A OD1 1 
ATOM   495  N  ND2 . ASN A 1 62 ? -4.643  -2.989  -1.111  1.00 28.15  ? 62  ASN A ND2 1 
ATOM   496  N  N   . ILE A 1 63 ? -8.373  0.684   -2.665  1.00 36.68  ? 63  ILE A N   1 
ATOM   497  C  CA  . ILE A 1 63 ? -9.172  1.510   -3.603  1.00 36.69  ? 63  ILE A CA  1 
ATOM   498  C  C   . ILE A 1 63 ? -9.521  2.797   -2.988  1.00 41.31  ? 63  ILE A C   1 
ATOM   499  O  O   . ILE A 1 63 ? -9.678  3.755   -3.712  1.00 38.13  ? 63  ILE A O   1 
ATOM   500  C  CB  . ILE A 1 63 ? -10.574 0.930   -3.952  1.00 44.80  ? 63  ILE A CB  1 
ATOM   501  C  CG1 . ILE A 1 63 ? -10.515 -0.568  -4.205  1.00 44.41  ? 63  ILE A CG1 1 
ATOM   502  C  CG2 . ILE A 1 63 ? -11.161 1.624   -5.201  1.00 48.19  ? 63  ILE A CG2 1 
ATOM   503  C  CD1 . ILE A 1 63 ? -9.359  -0.939  -5.119  1.00 41.68  ? 63  ILE A CD1 1 
ATOM   504  N  N   . ASP A 1 64 ? -9.755  2.835   -1.665  1.00 40.78  ? 64  ASP A N   1 
ATOM   505  C  CA  . ASP A 1 64 ? -10.246 4.095   -1.072  1.00 42.23  ? 64  ASP A CA  1 
ATOM   506  C  C   . ASP A 1 64 ? -9.056  5.000   -0.810  1.00 42.31  ? 64  ASP A C   1 
ATOM   507  O  O   . ASP A 1 64 ? -8.060  4.593   -0.178  1.00 37.65  ? 64  ASP A O   1 
ATOM   508  C  CB  . ASP A 1 64 ? -11.085 3.918   0.245   1.00 40.09  ? 64  ASP A CB  1 
ATOM   509  C  CG  . ASP A 1 64 ? -11.910 5.194   0.604   1.00 43.51  ? 64  ASP A CG  1 
ATOM   510  O  OD1 . ASP A 1 64 ? -11.363 6.219   1.042   1.00 42.08  ? 64  ASP A OD1 1 
ATOM   511  O  OD2 . ASP A 1 64 ? -13.153 5.202   0.447   1.00 47.52  ? 64  ASP A OD2 1 
ATOM   512  N  N   . GLY A 1 65 ? -9.179  6.247   -1.215  1.00 34.82  ? 65  GLY A N   1 
ATOM   513  C  CA  . GLY A 1 65 ? -8.079  7.138   -1.057  1.00 35.10  ? 65  GLY A CA  1 
ATOM   514  C  C   . GLY A 1 65 ? -8.044  7.724   0.298   1.00 35.94  ? 65  GLY A C   1 
ATOM   515  O  O   . GLY A 1 65 ? -7.231  8.579   0.531   1.00 37.81  ? 65  GLY A O   1 
ATOM   516  N  N   . ARG A 1 66 ? -8.900  7.295   1.237   1.00 31.74  ? 66  ARG A N   1 
ATOM   517  C  CA  . ARG A 1 66 ? -8.621  7.701   2.584   1.00 33.65  ? 66  ARG A CA  1 
ATOM   518  C  C   . ARG A 1 66 ? -7.351  7.041   3.178   1.00 30.31  ? 66  ARG A C   1 
ATOM   519  O  O   . ARG A 1 66 ? -6.777  7.574   4.150   1.00 31.40  ? 66  ARG A O   1 
ATOM   520  C  CB  . ARG A 1 66 ? -9.791  7.475   3.542   1.00 33.58  ? 66  ARG A CB  1 
ATOM   521  C  CG  . ARG A 1 66 ? -10.996 8.436   3.405   1.00 34.57  ? 66  ARG A CG  1 
ATOM   522  C  CD  . ARG A 1 66 ? -12.182 7.813   4.153   1.00 31.52  ? 66  ARG A CD  1 
ATOM   523  N  NE  . ARG A 1 66 ? -12.661 6.602   3.487   1.00 32.31  ? 66  ARG A NE  1 
ATOM   524  C  CZ  . ARG A 1 66 ? -13.543 5.755   4.021   1.00 33.55  ? 66  ARG A CZ  1 
ATOM   525  N  NH1 . ARG A 1 66 ? -14.068 6.017   5.189   1.00 37.60  ? 66  ARG A NH1 1 
ATOM   526  N  NH2 . ARG A 1 66 ? -13.932 4.683   3.378   1.00 38.61  ? 66  ARG A NH2 1 
ATOM   527  N  N   . PHE A 1 67 ? -6.952  5.917   2.633   1.00 29.71  ? 67  PHE A N   1 
ATOM   528  C  CA  . PHE A 1 67 ? -5.876  5.100   3.260   1.00 30.19  ? 67  PHE A CA  1 
ATOM   529  C  C   . PHE A 1 67 ? -4.574  5.013   2.455   1.00 31.11  ? 67  PHE A C   1 
ATOM   530  O  O   . PHE A 1 67 ? -4.592  4.893   1.240   1.00 29.96  ? 67  PHE A O   1 
ATOM   531  C  CB  . PHE A 1 67 ? -6.398  3.700   3.442   1.00 31.26  ? 67  PHE A CB  1 
ATOM   532  C  CG  . PHE A 1 67 ? -7.768  3.646   4.076   1.00 34.03  ? 67  PHE A CG  1 
ATOM   533  C  CD1 . PHE A 1 67 ? -7.926  3.727   5.459   1.00 41.15  ? 67  PHE A CD1 1 
ATOM   534  C  CD2 . PHE A 1 67 ? -8.889  3.441   3.299   1.00 34.45  ? 67  PHE A CD2 1 
ATOM   535  C  CE1 . PHE A 1 67 ? -9.209  3.626   6.029   1.00 41.38  ? 67  PHE A CE1 1 
ATOM   536  C  CE2 . PHE A 1 67 ? -10.156 3.305   3.863   1.00 37.86  ? 67  PHE A CE2 1 
ATOM   537  C  CZ  . PHE A 1 67 ? -10.318 3.440   5.225   1.00 37.66  ? 67  PHE A CZ  1 
ATOM   538  N  N   . LEU A 1 68 ? -3.463  4.990   3.178   1.00 30.48  ? 68  LEU A N   1 
ATOM   539  C  CA  . LEU A 1 68 ? -2.158  4.779   2.616   1.00 28.55  ? 68  LEU A CA  1 
ATOM   540  C  C   . LEU A 1 68 ? -1.570  3.466   3.171   1.00 29.83  ? 68  LEU A C   1 
ATOM   541  O  O   . LEU A 1 68 ? -1.688  3.180   4.410   1.00 24.63  ? 68  LEU A O   1 
ATOM   542  C  CB  . LEU A 1 68 ? -1.252  5.918   3.105   1.00 29.81  ? 68  LEU A CB  1 
ATOM   543  C  CG  . LEU A 1 68 ? -1.579  7.317   2.700   1.00 31.13  ? 68  LEU A CG  1 
ATOM   544  C  CD1 . LEU A 1 68 ? -0.531  8.262   3.257   1.00 29.93  ? 68  LEU A CD1 1 
ATOM   545  C  CD2 . LEU A 1 68 ? -1.692  7.381   1.180   1.00 31.93  ? 68  LEU A CD2 1 
ATOM   546  N  N   . ALA A 1 69 ? -0.964  2.706   2.270   1.00 27.67  ? 69  ALA A N   1 
ATOM   547  C  CA  . ALA A 1 69 ? -0.051  1.626   2.621   1.00 27.42  ? 69  ALA A CA  1 
ATOM   548  C  C   . ALA A 1 69 ? 1.303   2.302   2.897   1.00 31.48  ? 69  ALA A C   1 
ATOM   549  O  O   . ALA A 1 69 ? 1.864   3.002   2.038   1.00 30.59  ? 69  ALA A O   1 
ATOM   550  C  CB  . ALA A 1 69 ? 0.054   0.665   1.501   1.00 29.14  ? 69  ALA A CB  1 
ATOM   551  N  N   . LEU A 1 70 ? 1.759   2.172   4.139   1.00 29.80  ? 70  LEU A N   1 
ATOM   552  C  CA  . LEU A 1 70 ? 3.010   2.733   4.600   1.00 28.70  ? 70  LEU A CA  1 
ATOM   553  C  C   . LEU A 1 70 ? 4.095   1.632   4.642   1.00 33.95  ? 70  LEU A C   1 
ATOM   554  O  O   . LEU A 1 70 ? 3.812   0.402   4.794   1.00 32.74  ? 70  LEU A O   1 
ATOM   555  C  CB  . LEU A 1 70 ? 2.830   3.393   5.977   1.00 31.50  ? 70  LEU A CB  1 
ATOM   556  C  CG  . LEU A 1 70 ? 1.732   4.456   5.966   1.00 32.59  ? 70  LEU A CG  1 
ATOM   557  C  CD1 . LEU A 1 70 ? 1.250   4.815   7.363   1.00 34.64  ? 70  LEU A CD1 1 
ATOM   558  C  CD2 . LEU A 1 70 ? 2.196   5.661   5.152   1.00 34.11  ? 70  LEU A CD2 1 
ATOM   559  N  N   A SER A 1 71 ? 5.330   2.056   4.412   0.70 32.58  ? 71  SER A N   1 
ATOM   560  N  N   B SER A 1 71 ? 5.353   2.052   4.540   0.30 30.68  ? 71  SER A N   1 
ATOM   561  C  CA  A SER A 1 71 ? 6.443   1.132   4.560   0.70 35.21  ? 71  SER A CA  1 
ATOM   562  C  CA  B SER A 1 71 ? 6.481   1.108   4.477   0.30 30.34  ? 71  SER A CA  1 
ATOM   563  C  C   A SER A 1 71 ? 6.844   1.124   6.032   0.70 31.92  ? 71  SER A C   1 
ATOM   564  C  C   B SER A 1 71 ? 7.253   0.962   5.796   0.30 31.33  ? 71  SER A C   1 
ATOM   565  O  O   A SER A 1 71 ? 6.895   2.158   6.677   0.70 29.07  ? 71  SER A O   1 
ATOM   566  O  O   B SER A 1 71 ? 8.201   1.713   6.014   0.30 33.95  ? 71  SER A O   1 
ATOM   567  C  CB  A SER A 1 71 ? 7.617   1.517   3.644   0.70 38.91  ? 71  SER A CB  1 
ATOM   568  C  CB  B SER A 1 71 ? 7.500   1.630   3.475   0.30 28.88  ? 71  SER A CB  1 
ATOM   569  O  OG  A SER A 1 71 ? 7.219   1.246   2.311   0.70 44.16  ? 71  SER A OG  1 
ATOM   570  O  OG  B SER A 1 71 ? 8.191   2.700   4.080   0.30 23.90  ? 71  SER A OG  1 
ATOM   571  N  N   . ASP A 1 72 ? 6.943   -0.047  6.600   1.00 34.51  ? 72  ASP A N   1 
ATOM   572  C  CA  . ASP A 1 72 ? 7.564   -0.224  7.929   1.00 33.79  ? 72  ASP A CA  1 
ATOM   573  C  C   . ASP A 1 72 ? 7.755   -1.715  7.961   1.00 37.23  ? 72  ASP A C   1 
ATOM   574  O  O   . ASP A 1 72 ? 6.996   -2.422  7.315   1.00 38.58  ? 72  ASP A O   1 
ATOM   575  C  CB  . ASP A 1 72 ? 6.636   0.206   9.065   1.00 36.35  ? 72  ASP A CB  1 
ATOM   576  C  CG  . ASP A 1 72 ? 7.387   0.386   10.393  1.00 33.89  ? 72  ASP A CG  1 
ATOM   577  O  OD1 . ASP A 1 72 ? 8.622   0.282   10.384  1.00 40.38  ? 72  ASP A OD1 1 
ATOM   578  O  OD2 . ASP A 1 72 ? 6.753   0.557   11.423  1.00 36.57  ? 72  ASP A OD2 1 
ATOM   579  N  N   . GLN A 1 73 ? 8.770   -2.188  8.667   1.00 30.99  ? 73  GLN A N   1 
ATOM   580  C  CA  . GLN A 1 73 ? 9.026   -3.612  8.797   1.00 29.05  ? 73  GLN A CA  1 
ATOM   581  C  C   . GLN A 1 73 ? 8.516   -4.122  10.106  1.00 29.40  ? 73  GLN A C   1 
ATOM   582  O  O   . GLN A 1 73 ? 8.918   -3.625  11.157  1.00 24.78  ? 73  GLN A O   1 
ATOM   583  C  CB  . GLN A 1 73 ? 10.533  -3.856  8.733   1.00 28.94  ? 73  GLN A CB  1 
ATOM   584  C  CG  . GLN A 1 73 ? 10.972  -5.289  8.674   1.00 27.41  ? 73  GLN A CG  1 
ATOM   585  C  CD  . GLN A 1 73 ? 10.491  -5.961  7.415   1.00 29.50  ? 73  GLN A CD  1 
ATOM   586  O  OE1 . GLN A 1 73 ? 10.754  -5.493  6.295   1.00 29.26  ? 73  GLN A OE1 1 
ATOM   587  N  NE2 . GLN A 1 73 ? 9.702   -6.980  7.585   1.00 27.24  ? 73  GLN A NE2 1 
ATOM   588  N  N   . THR A 1 74 ? 7.695   -5.170  10.047  1.00 25.14  ? 74  THR A N   1 
ATOM   589  C  CA  . THR A 1 74 ? 7.348   -5.946  11.209  1.00 25.08  ? 74  THR A CA  1 
ATOM   590  C  C   . THR A 1 74 ? 8.428   -6.970  11.553  1.00 22.67  ? 74  THR A C   1 
ATOM   591  O  O   . THR A 1 74 ? 8.972   -7.681  10.639  1.00 22.38  ? 74  THR A O   1 
ATOM   592  C  CB  . THR A 1 74 ? 5.992   -6.653  11.038  1.00 26.37  ? 74  THR A CB  1 
ATOM   593  O  OG1 . THR A 1 74 ? 4.920   -5.691  10.814  1.00 29.53  ? 74  THR A OG1 1 
ATOM   594  C  CG2 . THR A 1 74 ? 5.652   -7.545  12.221  1.00 31.29  ? 74  THR A CG2 1 
ATOM   595  N  N   . TRP A 1 75 ? 8.683   -7.089  12.850  1.00 23.36  ? 75  TRP A N   1 
ATOM   596  C  CA  . TRP A 1 75 ? 9.728   -7.983  13.377  1.00 26.19  ? 75  TRP A CA  1 
ATOM   597  C  C   . TRP A 1 75 ? 9.124   -8.875  14.405  1.00 27.00  ? 75  TRP A C   1 
ATOM   598  O  O   . TRP A 1 75 ? 8.181   -8.473  15.130  1.00 27.41  ? 75  TRP A O   1 
ATOM   599  C  CB  . TRP A 1 75 ? 10.876  -7.192  14.000  1.00 26.37  ? 75  TRP A CB  1 
ATOM   600  C  CG  . TRP A 1 75 ? 11.746  -6.487  12.993  1.00 24.81  ? 75  TRP A CG  1 
ATOM   601  C  CD1 . TRP A 1 75 ? 11.647  -5.175  12.601  1.00 27.37  ? 75  TRP A CD1 1 
ATOM   602  C  CD2 . TRP A 1 75 ? 12.774  -7.063  12.191  1.00 23.57  ? 75  TRP A CD2 1 
ATOM   603  N  NE1 . TRP A 1 75 ? 12.534  -4.918  11.633  1.00 24.87  ? 75  TRP A NE1 1 
ATOM   604  C  CE2 . TRP A 1 75 ? 13.256  -6.050  11.359  1.00 24.24  ? 75  TRP A CE2 1 
ATOM   605  C  CE3 . TRP A 1 75 ? 13.343  -8.348  12.100  1.00 26.90  ? 75  TRP A CE3 1 
ATOM   606  C  CZ2 . TRP A 1 75 ? 14.282  -6.260  10.407  1.00 25.73  ? 75  TRP A CZ2 1 
ATOM   607  C  CZ3 . TRP A 1 75 ? 14.387  -8.548  11.157  1.00 26.88  ? 75  TRP A CZ3 1 
ATOM   608  C  CH2 . TRP A 1 75 ? 14.850  -7.492  10.362  1.00 25.74  ? 75  TRP A CH2 1 
ATOM   609  N  N   . GLY A 1 76 ? 9.610   -10.121 14.495  1.00 25.71  ? 76  GLY A N   1 
ATOM   610  C  CA  . GLY A 1 76 ? 9.284   -10.909 15.669  1.00 27.16  ? 76  GLY A CA  1 
ATOM   611  C  C   . GLY A 1 76 ? 10.420  -11.868 16.004  1.00 28.44  ? 76  GLY A C   1 
ATOM   612  O  O   . GLY A 1 76 ? 11.476  -11.800 15.421  1.00 28.79  ? 76  GLY A O   1 
ATOM   613  N  N   . LEU A 1 77 ? 10.147  -12.814 16.881  1.00 33.13  ? 77  LEU A N   1 
ATOM   614  C  CA  . LEU A 1 77 ? 11.161  -13.747 17.379  1.00 36.51  ? 77  LEU A CA  1 
ATOM   615  C  C   . LEU A 1 77 ? 11.007  -15.075 16.631  1.00 34.33  ? 77  LEU A C   1 
ATOM   616  O  O   . LEU A 1 77 ? 9.902   -15.588 16.503  1.00 34.88  ? 77  LEU A O   1 
ATOM   617  C  CB  . LEU A 1 77 ? 10.964  -13.975 18.871  1.00 33.26  ? 77  LEU A CB  1 
ATOM   618  C  CG  . LEU A 1 77 ? 11.304  -12.823 19.809  1.00 38.28  ? 77  LEU A CG  1 
ATOM   619  C  CD1 . LEU A 1 77 ? 11.204  -13.335 21.249  1.00 38.65  ? 77  LEU A CD1 1 
ATOM   620  C  CD2 . LEU A 1 77 ? 12.675  -12.255 19.530  1.00 36.94  ? 77  LEU A CD2 1 
ATOM   621  N  N   . ARG A 1 78 ? 12.118  -15.598 16.133  1.00 33.36  ? 78  ARG A N   1 
ATOM   622  C  CA  . ARG A 1 78 ? 12.141  -16.923 15.456  1.00 40.50  ? 78  ARG A CA  1 
ATOM   623  C  C   . ARG A 1 78 ? 11.533  -18.032 16.344  1.00 43.67  ? 78  ARG A C   1 
ATOM   624  O  O   . ARG A 1 78 ? 10.723  -18.859 15.908  1.00 40.34  ? 78  ARG A O   1 
ATOM   625  C  CB  . ARG A 1 78 ? 13.583  -17.287 15.056  1.00 39.48  ? 78  ARG A CB  1 
ATOM   626  C  CG  . ARG A 1 78 ? 13.662  -18.517 14.140  1.00 43.75  ? 78  ARG A CG  1 
ATOM   627  C  CD  . ARG A 1 78 ? 15.084  -18.695 13.712  1.00 47.38  ? 78  ARG A CD  1 
ATOM   628  N  NE  . ARG A 1 78 ? 15.881  -18.987 14.873  1.00 46.01  ? 78  ARG A NE  1 
ATOM   629  C  CZ  . ARG A 1 78 ? 15.933  -20.206 15.423  1.00 45.27  ? 78  ARG A CZ  1 
ATOM   630  N  NH1 . ARG A 1 78 ? 15.281  -21.214 14.896  1.00 40.94  ? 78  ARG A NH1 1 
ATOM   631  N  NH2 . ARG A 1 78 ? 16.646  -20.419 16.505  1.00 41.00  ? 78  ARG A NH2 1 
ATOM   632  N  N   . SER A 1 79 ? 11.894  -18.006 17.617  1.00 45.39  ? 79  SER A N   1 
ATOM   633  C  CA  . SER A 1 79 ? 11.375  -18.981 18.562  1.00 51.96  ? 79  SER A CA  1 
ATOM   634  C  C   . SER A 1 79 ? 9.828   -19.085 18.570  1.00 50.47  ? 79  SER A C   1 
ATOM   635  O  O   . SER A 1 79 ? 9.305   -20.083 19.027  1.00 53.10  ? 79  SER A O   1 
ATOM   636  C  CB  . SER A 1 79 ? 11.884  -18.651 19.969  1.00 49.32  ? 79  SER A CB  1 
ATOM   637  O  OG  . SER A 1 79 ? 11.028  -17.723 20.592  1.00 48.50  ? 79  SER A OG  1 
ATOM   638  N  N   . TRP A 1 80 ? 9.092   -18.098 18.046  1.00 49.96  ? 80  TRP A N   1 
ATOM   639  C  CA  . TRP A 1 80 ? 7.618   -18.164 18.055  1.00 53.48  ? 80  TRP A CA  1 
ATOM   640  C  C   . TRP A 1 80 ? 6.927   -19.018 16.971  1.00 56.04  ? 80  TRP A C   1 
ATOM   641  O  O   . TRP A 1 80 ? 5.693   -19.017 16.901  1.00 65.37  ? 80  TRP A O   1 
ATOM   642  C  CB  . TRP A 1 80 ? 6.991   -16.765 17.936  1.00 50.20  ? 80  TRP A CB  1 
ATOM   643  C  CG  . TRP A 1 80 ? 7.237   -15.809 19.069  1.00 50.81  ? 80  TRP A CG  1 
ATOM   644  C  CD1 . TRP A 1 80 ? 7.565   -16.110 20.356  1.00 49.70  ? 80  TRP A CD1 1 
ATOM   645  C  CD2 . TRP A 1 80 ? 7.128   -14.380 19.004  1.00 46.11  ? 80  TRP A CD2 1 
ATOM   646  N  NE1 . TRP A 1 80 ? 7.714   -14.962 21.081  1.00 48.70  ? 80  TRP A NE1 1 
ATOM   647  C  CE2 . TRP A 1 80 ? 7.422   -13.884 20.281  1.00 50.30  ? 80  TRP A CE2 1 
ATOM   648  C  CE3 . TRP A 1 80 ? 6.814   -13.481 17.985  1.00 45.85  ? 80  TRP A CE3 1 
ATOM   649  C  CZ2 . TRP A 1 80 ? 7.422   -12.510 20.568  1.00 49.92  ? 80  TRP A CZ2 1 
ATOM   650  C  CZ3 . TRP A 1 80 ? 6.811   -12.108 18.270  1.00 46.78  ? 80  TRP A CZ3 1 
ATOM   651  C  CH2 . TRP A 1 80 ? 7.119   -11.643 19.538  1.00 45.39  ? 80  TRP A CH2 1 
ATOM   652  N  N   . TYR A 1 81 ? 7.660   -19.695 16.097  1.00 59.22  ? 81  TYR A N   1 
ATOM   653  C  CA  . TYR A 1 81 ? 7.010   -20.263 14.912  1.00 57.21  ? 81  TYR A CA  1 
ATOM   654  C  C   . TYR A 1 81 ? 7.207   -21.767 14.691  1.00 59.44  ? 81  TYR A C   1 
ATOM   655  O  O   . TYR A 1 81 ? 8.295   -22.204 14.376  1.00 60.51  ? 81  TYR A O   1 
ATOM   656  C  CB  . TYR A 1 81 ? 7.393   -19.403 13.713  1.00 57.33  ? 81  TYR A CB  1 
ATOM   657  C  CG  . TYR A 1 81 ? 6.756   -18.038 13.859  1.00 59.06  ? 81  TYR A CG  1 
ATOM   658  C  CD1 . TYR A 1 81 ? 7.514   -16.900 14.188  1.00 53.29  ? 81  TYR A CD1 1 
ATOM   659  C  CD2 . TYR A 1 81 ? 5.367   -17.904 13.778  1.00 56.45  ? 81  TYR A CD2 1 
ATOM   660  C  CE1 . TYR A 1 81 ? 6.904   -15.660 14.387  1.00 50.88  ? 81  TYR A CE1 1 
ATOM   661  C  CE2 . TYR A 1 81 ? 4.756   -16.676 13.966  1.00 60.15  ? 81  TYR A CE2 1 
ATOM   662  C  CZ  . TYR A 1 81 ? 5.520   -15.563 14.264  1.00 51.16  ? 81  TYR A CZ  1 
ATOM   663  O  OH  . TYR A 1 81 ? 4.869   -14.366 14.426  1.00 58.53  ? 81  TYR A OH  1 
ATOM   664  N  N   . LYS B 1 3  ? 8.951   0.429   -26.548 1.00 59.25  ? 3   LYS B N   1 
ATOM   665  C  CA  . LYS B 1 3  ? 7.898   1.322   -26.028 1.00 55.82  ? 3   LYS B CA  1 
ATOM   666  C  C   . LYS B 1 3  ? 7.550   2.482   -26.975 1.00 49.95  ? 3   LYS B C   1 
ATOM   667  O  O   . LYS B 1 3  ? 8.290   2.822   -27.922 1.00 48.53  ? 3   LYS B O   1 
ATOM   668  C  CB  . LYS B 1 3  ? 8.295   1.832   -24.659 1.00 55.21  ? 3   LYS B CB  1 
ATOM   669  C  CG  . LYS B 1 3  ? 7.138   2.396   -23.912 1.00 59.77  ? 3   LYS B CG  1 
ATOM   670  C  CD  . LYS B 1 3  ? 7.561   3.011   -22.633 1.00 65.81  ? 3   LYS B CD  1 
ATOM   671  C  CE  . LYS B 1 3  ? 7.757   1.967   -21.569 1.00 64.70  ? 3   LYS B CE  1 
ATOM   672  N  NZ  . LYS B 1 3  ? 8.257   2.728   -20.396 1.00 67.09  ? 3   LYS B NZ  1 
ATOM   673  N  N   . GLN B 1 4  ? 6.391   3.072   -26.709 1.00 41.05  ? 4   GLN B N   1 
ATOM   674  C  CA  . GLN B 1 4  ? 5.727   3.972   -27.616 1.00 45.89  ? 4   GLN B CA  1 
ATOM   675  C  C   . GLN B 1 4  ? 5.917   5.391   -27.155 1.00 39.74  ? 4   GLN B C   1 
ATOM   676  O  O   . GLN B 1 4  ? 5.383   6.335   -27.736 1.00 44.93  ? 4   GLN B O   1 
ATOM   677  C  CB  . GLN B 1 4  ? 4.218   3.598   -27.722 1.00 51.71  ? 4   GLN B CB  1 
ATOM   678  C  CG  . GLN B 1 4  ? 3.307   4.334   -26.737 1.00 58.89  ? 4   GLN B CG  1 
ATOM   679  C  CD  . GLN B 1 4  ? 1.881   3.744   -26.596 1.00 66.06  ? 4   GLN B CD  1 
ATOM   680  O  OE1 . GLN B 1 4  ? 1.671   2.636   -26.027 1.00 56.76  ? 4   GLN B OE1 1 
ATOM   681  N  NE2 . GLN B 1 4  ? 0.893   4.513   -27.063 1.00 59.44  ? 4   GLN B NE2 1 
ATOM   682  N  N   . TYR B 1 5  ? 6.738   5.595   -26.152 1.00 41.42  ? 5   TYR B N   1 
ATOM   683  C  CA  . TYR B 1 5  ? 6.950   6.947   -25.694 1.00 43.48  ? 5   TYR B CA  1 
ATOM   684  C  C   . TYR B 1 5  ? 8.411   7.336   -25.845 1.00 45.54  ? 5   TYR B C   1 
ATOM   685  O  O   . TYR B 1 5  ? 9.303   6.527   -25.612 1.00 40.94  ? 5   TYR B O   1 
ATOM   686  C  CB  . TYR B 1 5  ? 6.504   7.086   -24.236 1.00 49.77  ? 5   TYR B CB  1 
ATOM   687  C  CG  . TYR B 1 5  ? 5.019   6.847   -24.043 1.00 54.89  ? 5   TYR B CG  1 
ATOM   688  C  CD1 . TYR B 1 5  ? 4.066   7.798   -24.469 1.00 62.19  ? 5   TYR B CD1 1 
ATOM   689  C  CD2 . TYR B 1 5  ? 4.553   5.660   -23.484 1.00 53.38  ? 5   TYR B CD2 1 
ATOM   690  C  CE1 . TYR B 1 5  ? 2.697   7.572   -24.289 1.00 65.67  ? 5   TYR B CE1 1 
ATOM   691  C  CE2 . TYR B 1 5  ? 3.189   5.427   -23.303 1.00 55.10  ? 5   TYR B CE2 1 
ATOM   692  C  CZ  . TYR B 1 5  ? 2.274   6.379   -23.696 1.00 58.61  ? 5   TYR B CZ  1 
ATOM   693  O  OH  . TYR B 1 5  ? 0.947   6.134   -23.519 1.00 67.56  ? 5   TYR B OH  1 
ATOM   694  N  N   . SER B 1 6  ? 8.632   8.596   -26.207 1.00 39.81  ? 6   SER B N   1 
ATOM   695  C  CA  . SER B 1 6  ? 9.961   9.159   -26.329 1.00 40.36  ? 6   SER B CA  1 
ATOM   696  C  C   . SER B 1 6  ? 10.266  9.667   -24.958 1.00 45.37  ? 6   SER B C   1 
ATOM   697  O  O   . SER B 1 6  ? 9.331   9.856   -24.171 1.00 46.93  ? 6   SER B O   1 
ATOM   698  C  CB  . SER B 1 6  ? 9.915   10.344  -27.321 1.00 44.75  ? 6   SER B CB  1 
ATOM   699  O  OG  . SER B 1 6  ? 9.115   11.393  -26.798 1.00 42.34  ? 6   SER B OG  1 
ATOM   700  N  N   . GLN B 1 7  ? 11.539  9.933   -24.657 1.00 40.32  ? 7   GLN B N   1 
ATOM   701  C  CA  . GLN B 1 7  ? 11.872  10.562  -23.399 1.00 45.56  ? 7   GLN B CA  1 
ATOM   702  C  C   . GLN B 1 7  ? 11.183  11.917  -23.272 1.00 44.69  ? 7   GLN B C   1 
ATOM   703  O  O   . GLN B 1 7  ? 10.829  12.330  -22.166 1.00 38.98  ? 7   GLN B O   1 
ATOM   704  C  CB  . GLN B 1 7  ? 13.392  10.675  -23.184 1.00 46.83  ? 7   GLN B CB  1 
ATOM   705  C  CG  . GLN B 1 7  ? 13.789  11.353  -21.875 1.00 54.05  ? 7   GLN B CG  1 
ATOM   706  C  CD  . GLN B 1 7  ? 15.298  11.336  -21.632 1.00 59.92  ? 7   GLN B CD  1 
ATOM   707  O  OE1 . GLN B 1 7  ? 15.993  12.312  -21.928 1.00 63.96  ? 7   GLN B OE1 1 
ATOM   708  N  NE2 . GLN B 1 7  ? 15.812  10.227  -21.098 1.00 59.16  ? 7   GLN B NE2 1 
ATOM   709  N  N   . GLU B 1 8  ? 10.960  12.608  -24.390 1.00 46.77  ? 8   GLU B N   1 
ATOM   710  C  CA  . GLU B 1 8  ? 10.355  13.942  -24.334 1.00 47.16  ? 8   GLU B CA  1 
ATOM   711  C  C   . GLU B 1 8  ? 8.908   13.865  -23.877 1.00 44.43  ? 8   GLU B C   1 
ATOM   712  O  O   . GLU B 1 8  ? 8.432   14.735  -23.165 1.00 48.63  ? 8   GLU B O   1 
ATOM   713  C  CB  . GLU B 1 8  ? 10.450  14.653  -25.703 1.00 50.81  ? 8   GLU B CB  1 
ATOM   714  C  CG  . GLU B 1 8  ? 11.857  15.155  -26.014 1.00 56.42  ? 8   GLU B CG  1 
ATOM   715  C  CD  . GLU B 1 8  ? 11.970  16.005  -27.307 1.00 72.43  ? 8   GLU B CD  1 
ATOM   716  O  OE1 . GLU B 1 8  ? 11.075  15.926  -28.199 1.00 65.26  ? 8   GLU B OE1 1 
ATOM   717  O  OE2 . GLU B 1 8  ? 12.974  16.763  -27.443 1.00 73.74  ? 8   GLU B OE2 1 
ATOM   718  N  N   . GLU B 1 9  ? 8.205   12.832  -24.311 1.00 40.40  ? 9   GLU B N   1 
ATOM   719  C  CA  . GLU B 1 9  ? 6.835   12.570  -23.854 1.00 45.53  ? 9   GLU B CA  1 
ATOM   720  C  C   . GLU B 1 9  ? 6.798   12.134  -22.374 1.00 46.40  ? 9   GLU B C   1 
ATOM   721  O  O   . GLU B 1 9  ? 5.975   12.626  -21.586 1.00 46.68  ? 9   GLU B O   1 
ATOM   722  C  CB  . GLU B 1 9  ? 6.185   11.501  -24.731 1.00 48.37  ? 9   GLU B CB  1 
ATOM   723  C  CG  . GLU B 1 9  ? 5.964   11.973  -26.159 1.00 56.26  ? 9   GLU B CG  1 
ATOM   724  C  CD  . GLU B 1 9  ? 5.575   10.856  -27.104 1.00 56.57  ? 9   GLU B CD  1 
ATOM   725  O  OE1 . GLU B 1 9  ? 4.579   11.023  -27.831 1.00 71.34  ? 9   GLU B OE1 1 
ATOM   726  O  OE2 . GLU B 1 9  ? 6.257   9.816   -27.120 1.00 50.65  ? 9   GLU B OE2 1 
ATOM   727  N  N   . LEU B 1 10 ? 7.719   11.244  -22.002 1.00 41.91  ? 10  LEU B N   1 
ATOM   728  C  CA  . LEU B 1 10 ? 7.823   10.768  -20.639 1.00 42.31  ? 10  LEU B CA  1 
ATOM   729  C  C   . LEU B 1 10 ? 8.047   11.969  -19.689 1.00 51.61  ? 10  LEU B C   1 
ATOM   730  O  O   . LEU B 1 10 ? 7.426   12.055  -18.618 1.00 44.85  ? 10  LEU B O   1 
ATOM   731  C  CB  . LEU B 1 10 ? 8.960   9.761   -20.490 1.00 40.12  ? 10  LEU B CB  1 
ATOM   732  C  CG  . LEU B 1 10 ? 8.812   8.400   -21.169 1.00 42.30  ? 10  LEU B CG  1 
ATOM   733  C  CD1 . LEU B 1 10 ? 10.075  7.620   -20.890 1.00 44.70  ? 10  LEU B CD1 1 
ATOM   734  C  CD2 . LEU B 1 10 ? 7.572   7.609   -20.742 1.00 47.60  ? 10  LEU B CD2 1 
ATOM   735  N  N   . LYS B 1 11 ? 8.900   12.905  -20.107 1.00 53.60  ? 11  LYS B N   1 
ATOM   736  C  CA  . LYS B 1 11 ? 9.175   14.119  -19.324 1.00 58.14  ? 11  LYS B CA  1 
ATOM   737  C  C   . LYS B 1 11 ? 7.923   14.939  -18.991 1.00 57.01  ? 11  LYS B C   1 
ATOM   738  O  O   . LYS B 1 11 ? 7.943   15.743  -18.076 1.00 66.85  ? 11  LYS B O   1 
ATOM   739  C  CB  . LYS B 1 11 ? 10.199  15.021  -20.043 1.00 65.65  ? 11  LYS B CB  1 
ATOM   740  C  CG  . LYS B 1 11 ? 11.655  14.784  -19.637 1.00 76.26  ? 11  LYS B CG  1 
ATOM   741  C  CD  . LYS B 1 11 ? 12.621  15.749  -20.334 1.00 84.47  ? 11  LYS B CD  1 
ATOM   742  C  CE  . LYS B 1 11 ? 12.250  17.209  -20.062 1.00 92.49  ? 11  LYS B CE  1 
ATOM   743  N  NZ  . LYS B 1 11 ? 13.418  18.130  -19.888 1.00 97.72  ? 11  LYS B NZ  1 
ATOM   744  N  N   . GLU B 1 12 ? 6.848   14.756  -19.733 1.00 54.58  ? 12  GLU B N   1 
ATOM   745  C  CA  . GLU B 1 12 ? 5.621   15.478  -19.469 1.00 57.68  ? 12  GLU B CA  1 
ATOM   746  C  C   . GLU B 1 12 ? 4.524   14.569  -18.893 1.00 56.46  ? 12  GLU B C   1 
ATOM   747  O  O   . GLU B 1 12 ? 3.338   14.917  -18.938 1.00 52.02  ? 12  GLU B O   1 
ATOM   748  C  CB  . GLU B 1 12 ? 5.129   16.183  -20.759 1.00 62.73  ? 12  GLU B CB  1 
ATOM   749  C  CG  . GLU B 1 12 ? 4.386   15.317  -21.782 1.00 69.03  ? 12  GLU B CG  1 
ATOM   750  C  CD  . GLU B 1 12 ? 4.526   15.799  -23.251 1.00 77.85  ? 12  GLU B CD  1 
ATOM   751  O  OE1 . GLU B 1 12 ? 4.101   15.072  -24.183 1.00 73.41  ? 12  GLU B OE1 1 
ATOM   752  O  OE2 . GLU B 1 12 ? 5.071   16.904  -23.501 1.00 83.16  ? 12  GLU B OE2 1 
ATOM   753  N  N   . MET B 1 13 ? 4.897   13.394  -18.388 1.00 49.44  ? 13  MET B N   1 
ATOM   754  C  CA  . MET B 1 13 ? 3.904   12.536  -17.708 1.00 52.05  ? 13  MET B CA  1 
ATOM   755  C  C   . MET B 1 13 ? 4.104   12.572  -16.213 1.00 45.65  ? 13  MET B C   1 
ATOM   756  O  O   . MET B 1 13 ? 5.189   12.892  -15.723 1.00 45.43  ? 13  MET B O   1 
ATOM   757  C  CB  . MET B 1 13 ? 3.974   11.111  -18.195 1.00 52.38  ? 13  MET B CB  1 
ATOM   758  C  CG  . MET B 1 13 ? 3.587   11.004  -19.634 1.00 52.57  ? 13  MET B CG  1 
ATOM   759  S  SD  . MET B 1 13 ? 3.975   9.365   -20.181 1.00 55.99  ? 13  MET B SD  1 
ATOM   760  C  CE  . MET B 1 13 ? 3.854   9.644   -21.925 1.00 54.61  ? 13  MET B CE  1 
ATOM   761  N  N   . ALA B 1 14 ? 3.034   12.289  -15.484 1.00 46.97  ? 14  ALA B N   1 
ATOM   762  C  CA  . ALA B 1 14 ? 3.153   12.088  -14.045 1.00 45.49  ? 14  ALA B CA  1 
ATOM   763  C  C   . ALA B 1 14 ? 3.935   10.791  -13.843 1.00 38.03  ? 14  ALA B C   1 
ATOM   764  O  O   . ALA B 1 14 ? 3.908   9.924   -14.695 1.00 41.16  ? 14  ALA B O   1 
ATOM   765  C  CB  . ALA B 1 14 ? 1.773   12.005  -13.420 1.00 45.11  ? 14  ALA B CB  1 
ATOM   766  N  N   . LEU B 1 15 ? 4.638   10.663  -12.719 1.00 42.77  ? 15  LEU B N   1 
ATOM   767  C  CA  . LEU B 1 15 ? 5.408   9.443   -12.469 1.00 39.60  ? 15  LEU B CA  1 
ATOM   768  C  C   . LEU B 1 15 ? 4.517   8.233   -12.464 1.00 38.14  ? 15  LEU B C   1 
ATOM   769  O  O   . LEU B 1 15 ? 4.898   7.141   -12.935 1.00 35.34  ? 15  LEU B O   1 
ATOM   770  C  CB  . LEU B 1 15 ? 6.207   9.592   -11.189 1.00 48.15  ? 15  LEU B CB  1 
ATOM   771  C  CG  . LEU B 1 15 ? 7.590   10.194  -11.364 1.00 50.75  ? 15  LEU B CG  1 
ATOM   772  C  CD1 . LEU B 1 15 ? 7.677   11.218  -12.494 1.00 54.57  ? 15  LEU B CD1 1 
ATOM   773  C  CD2 . LEU B 1 15 ? 8.069   10.758  -10.056 1.00 52.41  ? 15  LEU B CD2 1 
ATOM   774  N  N   . VAL B 1 16 ? 3.285   8.437   -12.006 1.00 36.50  ? 16  VAL B N   1 
ATOM   775  C  CA  . VAL B 1 16 ? 2.419   7.293   -11.841 1.00 36.46  ? 16  VAL B CA  1 
ATOM   776  C  C   . VAL B 1 16 ? 1.994   6.718   -13.160 1.00 35.41  ? 16  VAL B C   1 
ATOM   777  O  O   . VAL B 1 16 ? 1.805   5.486   -13.332 1.00 38.17  ? 16  VAL B O   1 
ATOM   778  C  CB  . VAL B 1 16 ? 1.227   7.631   -10.929 1.00 35.33  ? 16  VAL B CB  1 
ATOM   779  C  CG1 . VAL B 1 16 ? 0.261   8.663   -11.543 1.00 35.67  ? 16  VAL B CG1 1 
ATOM   780  C  CG2 . VAL B 1 16 ? 0.501   6.363   -10.566 1.00 36.72  ? 16  VAL B CG2 1 
ATOM   781  N  N   . GLU B 1 17 ? 1.829   7.610   -14.135 1.00 40.88  ? 17  GLU B N   1 
ATOM   782  C  CA  . GLU B 1 17 ? 1.496   7.169   -15.478 1.00 39.38  ? 17  GLU B CA  1 
ATOM   783  C  C   . GLU B 1 17 ? 2.666   6.402   -16.125 1.00 33.43  ? 17  GLU B C   1 
ATOM   784  O  O   . GLU B 1 17 ? 2.445   5.402   -16.784 1.00 34.06  ? 17  GLU B O   1 
ATOM   785  C  CB  . GLU B 1 17 ? 1.105   8.363   -16.348 1.00 46.02  ? 17  GLU B CB  1 
ATOM   786  C  CG  . GLU B 1 17 ? 0.061   9.297   -15.772 1.00 48.76  ? 17  GLU B CG  1 
ATOM   787  C  CD  . GLU B 1 17 ? -1.242  8.601   -15.389 1.00 65.71  ? 17  GLU B CD  1 
ATOM   788  O  OE1 . GLU B 1 17 ? -1.609  7.542   -16.019 1.00 53.18  ? 17  GLU B OE1 1 
ATOM   789  O  OE2 . GLU B 1 17 ? -1.898  9.145   -14.444 1.00 70.20  ? 17  GLU B OE2 1 
ATOM   790  N  N   . ILE B 1 18 ? 3.895   6.829   -15.873 1.00 36.84  ? 18  ILE B N   1 
ATOM   791  C  CA  . ILE B 1 18 ? 5.064   6.072   -16.345 1.00 33.12  ? 18  ILE B CA  1 
ATOM   792  C  C   . ILE B 1 18 ? 5.096   4.696   -15.643 1.00 33.61  ? 18  ILE B C   1 
ATOM   793  O  O   . ILE B 1 18 ? 5.237   3.655   -16.312 1.00 34.12  ? 18  ILE B O   1 
ATOM   794  C  CB  . ILE B 1 18 ? 6.374   6.832   -16.079 1.00 34.62  ? 18  ILE B CB  1 
ATOM   795  C  CG1 . ILE B 1 18 ? 6.356   8.264   -16.654 1.00 34.13  ? 18  ILE B CG1 1 
ATOM   796  C  CG2 . ILE B 1 18 ? 7.573   6.039   -16.636 1.00 35.77  ? 18  ILE B CG2 1 
ATOM   797  C  CD1 . ILE B 1 18 ? 7.547   9.141   -16.238 1.00 38.57  ? 18  ILE B CD1 1 
ATOM   798  N  N   . ALA B 1 19 ? 4.879   4.694   -14.303 1.00 30.87  ? 19  ALA B N   1 
ATOM   799  C  CA  . ALA B 1 19 ? 4.905   3.449   -13.545 1.00 33.41  ? 19  ALA B CA  1 
ATOM   800  C  C   . ALA B 1 19 ? 3.865   2.482   -14.105 1.00 31.71  ? 19  ALA B C   1 
ATOM   801  O  O   . ALA B 1 19 ? 4.155   1.313   -14.306 1.00 28.36  ? 19  ALA B O   1 
ATOM   802  C  CB  . ALA B 1 19 ? 4.682   3.688   -12.044 1.00 31.59  ? 19  ALA B CB  1 
ATOM   803  N  N   . HIS B 1 20 ? 2.674   2.992   -14.438 1.00 32.77  ? 20  HIS B N   1 
ATOM   804  C  CA  . HIS B 1 20 ? 1.674   2.099   -15.037 1.00 33.27  ? 20  HIS B CA  1 
ATOM   805  C  C   . HIS B 1 20 ? 2.156   1.434   -16.323 1.00 31.87  ? 20  HIS B C   1 
ATOM   806  O  O   . HIS B 1 20 ? 1.879   0.215   -16.588 1.00 31.21  ? 20  HIS B O   1 
ATOM   807  C  CB  . HIS B 1 20 ? 0.305   2.794   -15.306 1.00 34.49  ? 20  HIS B CB  1 
ATOM   808  C  CG  . HIS B 1 20 ? -0.791  1.817   -15.652 1.00 34.89  ? 20  HIS B CG  1 
ATOM   809  N  ND1 . HIS B 1 20 ? -1.560  1.169   -14.698 1.00 36.44  ? 20  HIS B ND1 1 
ATOM   810  C  CD2 . HIS B 1 20 ? -1.230  1.361   -16.847 1.00 32.80  ? 20  HIS B CD2 1 
ATOM   811  C  CE1 . HIS B 1 20 ? -2.386  0.316   -15.293 1.00 35.36  ? 20  HIS B CE1 1 
ATOM   812  N  NE2 . HIS B 1 20 ? -2.210  0.417   -16.596 1.00 34.98  ? 20  HIS B NE2 1 
ATOM   813  N  N   . GLU B 1 21 ? 2.820   2.211   -17.170 1.00 34.74  ? 21  GLU B N   1 
ATOM   814  C  CA  . GLU B 1 21 ? 3.326   1.599   -18.421 1.00 39.89  ? 21  GLU B CA  1 
ATOM   815  C  C   . GLU B 1 21 ? 4.432   0.585   -18.113 1.00 37.65  ? 21  GLU B C   1 
ATOM   816  O  O   . GLU B 1 21 ? 4.543   -0.450  -18.791 1.00 39.85  ? 21  GLU B O   1 
ATOM   817  C  CB  . GLU B 1 21 ? 3.850   2.648   -19.383 1.00 41.20  ? 21  GLU B CB  1 
ATOM   818  C  CG  . GLU B 1 21 ? 2.773   3.598   -19.882 1.00 48.08  ? 21  GLU B CG  1 
ATOM   819  C  CD  . GLU B 1 21 ? 1.825   2.988   -20.911 1.00 50.25  ? 21  GLU B CD  1 
ATOM   820  O  OE1 . GLU B 1 21 ? 2.168   2.007   -21.597 1.00 56.91  ? 21  GLU B OE1 1 
ATOM   821  O  OE2 . GLU B 1 21 ? 0.725   3.539   -21.061 1.00 63.85  ? 21  GLU B OE2 1 
ATOM   822  N  N   . LEU B 1 22 ? 5.230   0.853   -17.082 1.00 39.51  ? 22  LEU B N   1 
ATOM   823  C  CA  . LEU B 1 22 ? 6.329   -0.078  -16.777 1.00 36.02  ? 22  LEU B CA  1 
ATOM   824  C  C   . LEU B 1 22 ? 5.736   -1.385  -16.352 1.00 37.29  ? 22  LEU B C   1 
ATOM   825  O  O   . LEU B 1 22 ? 6.191   -2.446  -16.801 1.00 41.27  ? 22  LEU B O   1 
ATOM   826  C  CB  . LEU B 1 22 ? 7.234   0.450   -15.708 1.00 36.09  ? 22  LEU B CB  1 
ATOM   827  C  CG  . LEU B 1 22 ? 8.237   1.472   -16.162 1.00 41.61  ? 22  LEU B CG  1 
ATOM   828  C  CD1 . LEU B 1 22 ? 8.904   2.114   -14.970 1.00 39.39  ? 22  LEU B CD1 1 
ATOM   829  C  CD2 . LEU B 1 22 ? 9.277   0.842   -17.121 1.00 40.20  ? 22  LEU B CD2 1 
ATOM   830  N  N   . PHE B 1 23 ? 4.725   -1.334  -15.481 1.00 32.22  ? 23  PHE B N   1 
ATOM   831  C  CA  . PHE B 1 23 ? 4.090   -2.560  -15.023 1.00 36.02  ? 23  PHE B CA  1 
ATOM   832  C  C   . PHE B 1 23 ? 3.400   -3.317  -16.154 1.00 39.51  ? 23  PHE B C   1 
ATOM   833  O  O   . PHE B 1 23 ? 3.386   -4.573  -16.187 1.00 39.89  ? 23  PHE B O   1 
ATOM   834  C  CB  . PHE B 1 23 ? 3.027   -2.309  -13.924 1.00 34.49  ? 23  PHE B CB  1 
ATOM   835  C  CG  . PHE B 1 23 ? 3.600   -2.031  -12.534 1.00 34.68  ? 23  PHE B CG  1 
ATOM   836  C  CD1 . PHE B 1 23 ? 4.462   -2.950  -11.902 1.00 40.56  ? 23  PHE B CD1 1 
ATOM   837  C  CD2 . PHE B 1 23 ? 3.205   -0.934  -11.830 1.00 34.56  ? 23  PHE B CD2 1 
ATOM   838  C  CE1 . PHE B 1 23 ? 4.953   -2.705  -10.625 1.00 37.25  ? 23  PHE B CE1 1 
ATOM   839  C  CE2 . PHE B 1 23 ? 3.640   -0.707  -10.525 1.00 36.07  ? 23  PHE B CE2 1 
ATOM   840  C  CZ  . PHE B 1 23 ? 4.530   -1.575  -9.927  1.00 35.48  ? 23  PHE B CZ  1 
ATOM   841  N  N   . GLU B 1 24 ? 2.754   -2.580  -17.035 1.00 39.93  ? 24  GLU B N   1 
ATOM   842  C  CA  . GLU B 1 24 ? 2.119   -3.235  -18.167 1.00 46.98  ? 24  GLU B CA  1 
ATOM   843  C  C   . GLU B 1 24 ? 3.210   -3.866  -19.032 1.00 48.20  ? 24  GLU B C   1 
ATOM   844  O  O   . GLU B 1 24 ? 3.043   -4.961  -19.482 1.00 48.35  ? 24  GLU B O   1 
ATOM   845  C  CB  . GLU B 1 24 ? 1.266   -2.261  -18.957 1.00 50.64  ? 24  GLU B CB  1 
ATOM   846  C  CG  . GLU B 1 24 ? -0.162  -2.200  -18.436 1.00 55.89  ? 24  GLU B CG  1 
ATOM   847  C  CD  . GLU B 1 24 ? -1.086  -1.446  -19.360 1.00 58.76  ? 24  GLU B CD  1 
ATOM   848  O  OE1 . GLU B 1 24 ? -2.293  -1.724  -19.280 1.00 63.32  ? 24  GLU B OE1 1 
ATOM   849  O  OE2 . GLU B 1 24 ? -0.610  -0.605  -20.155 1.00 57.29  ? 24  GLU B OE2 1 
ATOM   850  N  N   . GLU B 1 25 ? 4.343   -3.172  -19.197 1.00 50.26  ? 25  GLU B N   1 
ATOM   851  C  CA  . GLU B 1 25 ? 5.499   -3.716  -19.919 1.00 54.74  ? 25  GLU B CA  1 
ATOM   852  C  C   . GLU B 1 25 ? 6.074   -4.956  -19.255 1.00 53.33  ? 25  GLU B C   1 
ATOM   853  O  O   . GLU B 1 25 ? 6.308   -5.906  -19.940 1.00 52.12  ? 25  GLU B O   1 
ATOM   854  C  CB  . GLU B 1 25 ? 6.616   -2.684  -20.036 1.00 59.25  ? 25  GLU B CB  1 
ATOM   855  C  CG  . GLU B 1 25 ? 7.689   -3.024  -21.050 1.00 71.01  ? 25  GLU B CG  1 
ATOM   856  C  CD  . GLU B 1 25 ? 7.386   -2.402  -22.391 1.00 81.61  ? 25  GLU B CD  1 
ATOM   857  O  OE1 . GLU B 1 25 ? 7.669   -1.180  -22.563 1.00 82.32  ? 25  GLU B OE1 1 
ATOM   858  O  OE2 . GLU B 1 25 ? 6.846   -3.137  -23.253 1.00 81.01  ? 25  GLU B OE2 1 
ATOM   859  N  N   . HIS B 1 26 ? 6.310   -4.956  -17.943 1.00 52.14  ? 26  HIS B N   1 
ATOM   860  C  CA  . HIS B 1 26 ? 7.042   -6.065  -17.333 1.00 51.65  ? 26  HIS B CA  1 
ATOM   861  C  C   . HIS B 1 26 ? 6.228   -7.103  -16.574 1.00 50.31  ? 26  HIS B C   1 
ATOM   862  O  O   . HIS B 1 26 ? 6.695   -8.204  -16.356 1.00 50.49  ? 26  HIS B O   1 
ATOM   863  C  CB  . HIS B 1 26 ? 8.146   -5.487  -16.492 1.00 60.19  ? 26  HIS B CB  1 
ATOM   864  C  CG  . HIS B 1 26 ? 9.058   -4.593  -17.272 1.00 63.00  ? 26  HIS B CG  1 
ATOM   865  N  ND1 . HIS B 1 26 ? 9.495   -3.373  -16.804 1.00 70.81  ? 26  HIS B ND1 1 
ATOM   866  C  CD2 . HIS B 1 26 ? 9.585   -4.731  -18.511 1.00 68.72  ? 26  HIS B CD2 1 
ATOM   867  C  CE1 . HIS B 1 26 ? 10.272  -2.806  -17.711 1.00 72.61  ? 26  HIS B CE1 1 
ATOM   868  N  NE2 . HIS B 1 26 ? 10.342  -3.609  -18.757 1.00 71.68  ? 26  HIS B NE2 1 
ATOM   869  N  N   . LYS B 1 27 ? 5.007   -6.774  -16.192 1.00 40.94  ? 27  LYS B N   1 
ATOM   870  C  CA  . LYS B 1 27 ? 4.082   -7.717  -15.583 1.00 42.91  ? 27  LYS B CA  1 
ATOM   871  C  C   . LYS B 1 27 ? 4.568   -8.434  -14.314 1.00 46.64  ? 27  LYS B C   1 
ATOM   872  O  O   . LYS B 1 27 ? 4.221   -9.596  -14.054 1.00 46.34  ? 27  LYS B O   1 
ATOM   873  C  CB  . LYS B 1 27 ? 3.584   -8.753  -16.568 1.00 53.85  ? 27  LYS B CB  1 
ATOM   874  C  CG  . LYS B 1 27 ? 2.614   -9.776  -15.936 1.00 61.62  ? 27  LYS B CG  1 
ATOM   875  C  CD  . LYS B 1 27 ? 1.151   -9.738  -16.416 1.00 68.54  ? 27  LYS B CD  1 
ATOM   876  C  CE  . LYS B 1 27 ? 0.313   -10.898 -15.845 1.00 65.22  ? 27  LYS B CE  1 
ATOM   877  N  NZ  . LYS B 1 27 ? 0.378   -11.023 -14.358 1.00 65.84  ? 27  LYS B NZ  1 
ATOM   878  N  N   . LYS B 1 28 ? 5.328   -7.753  -13.498 1.00 39.41  ? 28  LYS B N   1 
ATOM   879  C  CA  . LYS B 1 28 ? 5.568   -8.300  -12.189 1.00 46.44  ? 28  LYS B CA  1 
ATOM   880  C  C   . LYS B 1 28 ? 5.679   -7.190  -11.149 1.00 41.29  ? 28  LYS B C   1 
ATOM   881  O  O   . LYS B 1 28 ? 6.035   -6.073  -11.494 1.00 35.47  ? 28  LYS B O   1 
ATOM   882  C  CB  . LYS B 1 28 ? 6.872   -9.096  -12.182 1.00 48.51  ? 28  LYS B CB  1 
ATOM   883  C  CG  . LYS B 1 28 ? 7.944   -8.457  -13.006 1.00 52.56  ? 28  LYS B CG  1 
ATOM   884  C  CD  . LYS B 1 28 ? 9.174   -9.358  -13.075 1.00 64.26  ? 28  LYS B CD  1 
ATOM   885  C  CE  . LYS B 1 28 ? 10.082  -9.134  -11.867 1.00 65.79  ? 28  LYS B CE  1 
ATOM   886  N  NZ  . LYS B 1 28 ? 10.893  -7.890  -12.039 1.00 66.98  ? 28  LYS B NZ  1 
ATOM   887  N  N   . PRO B 1 29 ? 5.428   -7.528  -9.882  1.00 36.36  ? 29  PRO B N   1 
ATOM   888  C  CA  . PRO B 1 29 ? 5.615   -6.564  -8.795  1.00 36.26  ? 29  PRO B CA  1 
ATOM   889  C  C   . PRO B 1 29 ? 7.040   -6.089  -8.661  1.00 36.27  ? 29  PRO B C   1 
ATOM   890  O  O   . PRO B 1 29 ? 7.979   -6.859  -8.910  1.00 36.42  ? 29  PRO B O   1 
ATOM   891  C  CB  . PRO B 1 29 ? 5.202   -7.332  -7.558  1.00 38.29  ? 29  PRO B CB  1 
ATOM   892  C  CG  . PRO B 1 29 ? 4.385   -8.507  -8.042  1.00 37.28  ? 29  PRO B CG  1 
ATOM   893  C  CD  . PRO B 1 29 ? 4.891   -8.809  -9.415  1.00 37.69  ? 29  PRO B CD  1 
ATOM   894  N  N   . VAL B 1 30 ? 7.165   -4.826  -8.254  1.00 31.58  ? 30  VAL B N   1 
ATOM   895  C  CA  . VAL B 1 30 ? 8.418   -4.109  -8.135  1.00 37.87  ? 30  VAL B CA  1 
ATOM   896  C  C   . VAL B 1 30 ? 8.415   -3.427  -6.799  1.00 31.45  ? 30  VAL B C   1 
ATOM   897  O  O   . VAL B 1 30 ? 7.447   -2.736  -6.489  1.00 30.00  ? 30  VAL B O   1 
ATOM   898  C  CB  . VAL B 1 30 ? 8.454   -2.973  -9.225  1.00 44.02  ? 30  VAL B CB  1 
ATOM   899  C  CG1 . VAL B 1 30 ? 9.679   -2.104  -9.120  1.00 48.73  ? 30  VAL B CG1 1 
ATOM   900  C  CG2 . VAL B 1 30 ? 8.398   -3.568  -10.614 1.00 49.21  ? 30  VAL B CG2 1 
ATOM   901  N  N   . PRO B 1 31 ? 9.551   -3.446  -6.085  1.00 33.42  ? 31  PRO B N   1 
ATOM   902  C  CA  . PRO B 1 31 ? 9.713   -2.499  -4.984  1.00 30.60  ? 31  PRO B CA  1 
ATOM   903  C  C   . PRO B 1 31 ? 9.685   -1.053  -5.434  1.00 28.18  ? 31  PRO B C   1 
ATOM   904  O  O   . PRO B 1 31 ? 10.164  -0.753  -6.532  1.00 30.82  ? 31  PRO B O   1 
ATOM   905  C  CB  . PRO B 1 31 ? 11.090  -2.847  -4.415  1.00 29.33  ? 31  PRO B CB  1 
ATOM   906  C  CG  . PRO B 1 31 ? 11.406  -4.169  -4.987  1.00 30.94  ? 31  PRO B CG  1 
ATOM   907  C  CD  . PRO B 1 31 ? 10.755  -4.279  -6.276  1.00 32.80  ? 31  PRO B CD  1 
ATOM   908  N  N   . PHE B 1 32 ? 9.176   -0.152  -4.581  1.00 29.75  ? 32  PHE B N   1 
ATOM   909  C  CA  . PHE B 1 32 ? 9.059   1.284   -4.889  1.00 31.00  ? 32  PHE B CA  1 
ATOM   910  C  C   . PHE B 1 32 ? 10.377  1.938   -5.375  1.00 35.93  ? 32  PHE B C   1 
ATOM   911  O  O   . PHE B 1 32 ? 10.376  2.685   -6.353  1.00 31.55  ? 32  PHE B O   1 
ATOM   912  C  CB  . PHE B 1 32 ? 8.560   2.061   -3.647  1.00 33.50  ? 32  PHE B CB  1 
ATOM   913  C  CG  . PHE B 1 32 ? 8.283   3.531   -3.903  1.00 36.73  ? 32  PHE B CG  1 
ATOM   914  C  CD1 . PHE B 1 32 ? 7.231   3.915   -4.732  1.00 36.34  ? 32  PHE B CD1 1 
ATOM   915  C  CD2 . PHE B 1 32 ? 9.082   4.522   -3.338  1.00 37.22  ? 32  PHE B CD2 1 
ATOM   916  C  CE1 . PHE B 1 32 ? 6.985   5.269   -4.968  1.00 38.86  ? 32  PHE B CE1 1 
ATOM   917  C  CE2 . PHE B 1 32 ? 8.835   5.864   -3.586  1.00 36.96  ? 32  PHE B CE2 1 
ATOM   918  C  CZ  . PHE B 1 32 ? 7.782   6.228   -4.381  1.00 33.48  ? 32  PHE B CZ  1 
ATOM   919  N  N   . GLN B 1 33 ? 11.485  1.699   -4.668  1.00 33.91  ? 33  GLN B N   1 
ATOM   920  C  CA  . GLN B 1 33 ? 12.779  2.199   -5.084  1.00 34.95  ? 33  GLN B CA  1 
ATOM   921  C  C   . GLN B 1 33 ? 13.214  1.718   -6.449  1.00 30.49  ? 33  GLN B C   1 
ATOM   922  O  O   . GLN B 1 33 ? 13.880  2.469   -7.203  1.00 38.21  ? 33  GLN B O   1 
ATOM   923  C  CB  . GLN B 1 33 ? 13.873  1.855   -4.048  1.00 43.66  ? 33  GLN B CB  1 
ATOM   924  C  CG  . GLN B 1 33 ? 13.713  2.592   -2.723  1.00 49.76  ? 33  GLN B CG  1 
ATOM   925  C  CD  . GLN B 1 33 ? 13.691  4.104   -2.889  1.00 55.51  ? 33  GLN B CD  1 
ATOM   926  O  OE1 . GLN B 1 33 ? 14.503  4.667   -3.612  1.00 62.35  ? 33  GLN B OE1 1 
ATOM   927  N  NE2 . GLN B 1 33 ? 12.764  4.765   -2.212  1.00 61.73  ? 33  GLN B NE2 1 
ATOM   928  N  N   . GLU B 1 34 ? 12.852  0.512   -6.826  1.00 31.84  ? 34  GLU B N   1 
ATOM   929  C  CA  . GLU B 1 34 ? 13.256  0.027   -8.141  1.00 34.67  ? 34  GLU B CA  1 
ATOM   930  C  C   . GLU B 1 34 ? 12.404  0.728   -9.204  1.00 37.34  ? 34  GLU B C   1 
ATOM   931  O  O   . GLU B 1 34 ? 12.893  1.107   -10.267 1.00 33.02  ? 34  GLU B O   1 
ATOM   932  C  CB  . GLU B 1 34 ? 13.184  -1.502  -8.240  1.00 43.88  ? 34  GLU B CB  1 
ATOM   933  C  CG  . GLU B 1 34 ? 14.419  -2.235  -7.621  1.00 57.52  ? 34  GLU B CG  1 
ATOM   934  C  CD  . GLU B 1 34 ? 15.802  -1.585  -7.951  1.00 61.45  ? 34  GLU B CD  1 
ATOM   935  O  OE1 . GLU B 1 34 ? 16.185  -1.533  -9.151  1.00 67.40  ? 34  GLU B OE1 1 
ATOM   936  O  OE2 . GLU B 1 34 ? 16.510  -1.103  -7.012  1.00 56.53  ? 34  GLU B OE2 1 
ATOM   937  N  N   . LEU B 1 35 ? 11.132  0.951   -8.899  1.00 34.81  ? 35  LEU B N   1 
ATOM   938  C  CA  . LEU B 1 35 ? 10.282  1.726   -9.785  1.00 35.24  ? 35  LEU B CA  1 
ATOM   939  C  C   . LEU B 1 35 ? 10.904  3.079   -9.975  1.00 31.76  ? 35  LEU B C   1 
ATOM   940  O  O   . LEU B 1 35 ? 10.967  3.598   -11.095 1.00 36.95  ? 35  LEU B O   1 
ATOM   941  C  CB  . LEU B 1 35 ? 8.889   2.000   -9.186  1.00 37.31  ? 35  LEU B CB  1 
ATOM   942  C  CG  . LEU B 1 35 ? 7.741   1.105   -9.548  1.00 44.57  ? 35  LEU B CG  1 
ATOM   943  C  CD1 . LEU B 1 35 ? 6.484   1.604   -8.812  1.00 38.44  ? 35  LEU B CD1 1 
ATOM   944  C  CD2 . LEU B 1 35 ? 7.557   1.077   -11.069 1.00 46.46  ? 35  LEU B CD2 1 
ATOM   945  N  N   . LEU B 1 36 ? 11.267  3.707   -8.894  1.00 34.99  ? 36  LEU B N   1 
ATOM   946  C  CA  . LEU B 1 36 ? 11.910  5.016   -8.987  1.00 36.93  ? 36  LEU B CA  1 
ATOM   947  C  C   . LEU B 1 36 ? 13.164  4.917   -9.865  1.00 39.49  ? 36  LEU B C   1 
ATOM   948  O  O   . LEU B 1 36 ? 13.342  5.745   -10.738 1.00 46.51  ? 36  LEU B O   1 
ATOM   949  C  CB  . LEU B 1 36 ? 12.311  5.568   -7.625  1.00 40.86  ? 36  LEU B CB  1 
ATOM   950  C  CG  . LEU B 1 36 ? 11.295  6.240   -6.723  1.00 46.07  ? 36  LEU B CG  1 
ATOM   951  C  CD1 . LEU B 1 36 ? 12.040  6.766   -5.492  1.00 50.14  ? 36  LEU B CD1 1 
ATOM   952  C  CD2 . LEU B 1 36 ? 10.502  7.341   -7.428  1.00 51.30  ? 36  LEU B CD2 1 
ATOM   953  N  N   . ASN B 1 37 ? 13.992  3.899   -9.628  1.00 44.90  ? 37  ASN B N   1 
ATOM   954  C  CA  . ASN B 1 37 ? 15.258  3.732   -10.350 1.00 48.48  ? 37  ASN B CA  1 
ATOM   955  C  C   . ASN B 1 37 ? 14.997  3.668   -11.838 1.00 45.19  ? 37  ASN B C   1 
ATOM   956  O  O   . ASN B 1 37 ? 15.684  4.296   -12.617 1.00 43.53  ? 37  ASN B O   1 
ATOM   957  C  CB  . ASN B 1 37 ? 16.019  2.458   -9.907  1.00 46.79  ? 37  ASN B CB  1 
ATOM   958  C  CG  . ASN B 1 37 ? 16.714  2.631   -8.559  1.00 51.20  ? 37  ASN B CG  1 
ATOM   959  O  OD1 . ASN B 1 37 ? 16.871  3.739   -8.079  1.00 53.71  ? 37  ASN B OD1 1 
ATOM   960  N  ND2 . ASN B 1 37 ? 17.105  1.527   -7.934  1.00 56.64  ? 37  ASN B ND2 1 
ATOM   961  N  N   . GLU B 1 38 ? 13.941  2.974   -12.218 1.00 44.91  ? 38  GLU B N   1 
ATOM   962  C  CA  . GLU B 1 38 ? 13.700  2.737   -13.626 1.00 39.72  ? 38  GLU B CA  1 
ATOM   963  C  C   . GLU B 1 38 ? 13.100  3.962   -14.274 1.00 43.71  ? 38  GLU B C   1 
ATOM   964  O  O   . GLU B 1 38 ? 13.401  4.263   -15.438 1.00 40.43  ? 38  GLU B O   1 
ATOM   965  C  CB  . GLU B 1 38 ? 12.847  1.494   -13.806 1.00 47.56  ? 38  GLU B CB  1 
ATOM   966  C  CG  . GLU B 1 38 ? 12.437  1.218   -15.247 1.00 59.90  ? 38  GLU B CG  1 
ATOM   967  C  CD  . GLU B 1 38 ? 12.191  -0.266  -15.550 1.00 73.22  ? 38  GLU B CD  1 
ATOM   968  O  OE1 . GLU B 1 38 ? 11.940  -1.043  -14.585 1.00 77.43  ? 38  GLU B OE1 1 
ATOM   969  O  OE2 . GLU B 1 38 ? 12.249  -0.650  -16.763 1.00 73.57  ? 38  GLU B OE2 1 
ATOM   970  N  N   . ILE B 1 39 ? 12.291  4.701   -13.510 1.00 42.77  ? 39  ILE B N   1 
ATOM   971  C  CA  . ILE B 1 39 ? 11.678  5.944   -13.982 1.00 43.83  ? 39  ILE B CA  1 
ATOM   972  C  C   . ILE B 1 39 ? 12.710  7.058   -14.206 1.00 48.00  ? 39  ILE B C   1 
ATOM   973  O  O   . ILE B 1 39 ? 12.703  7.740   -15.255 1.00 49.55  ? 39  ILE B O   1 
ATOM   974  C  CB  . ILE B 1 39 ? 10.553  6.433   -13.031 1.00 43.11  ? 39  ILE B CB  1 
ATOM   975  C  CG1 . ILE B 1 39 ? 9.368   5.475   -13.113 1.00 37.23  ? 39  ILE B CG1 1 
ATOM   976  C  CG2 . ILE B 1 39 ? 10.092  7.825   -13.436 1.00 39.68  ? 39  ILE B CG2 1 
ATOM   977  C  CD1 . ILE B 1 39 ? 8.345   5.693   -12.022 1.00 39.89  ? 39  ILE B CD1 1 
ATOM   978  N  N   . ALA B 1 40 ? 13.615  7.203   -13.237 1.00 49.17  ? 40  ALA B N   1 
ATOM   979  C  CA  . ALA B 1 40 ? 14.708  8.174   -13.306 1.00 47.46  ? 40  ALA B CA  1 
ATOM   980  C  C   . ALA B 1 40 ? 15.655  7.898   -14.487 1.00 52.25  ? 40  ALA B C   1 
ATOM   981  O  O   . ALA B 1 40 ? 16.100  8.822   -15.173 1.00 66.04  ? 40  ALA B O   1 
ATOM   982  C  CB  . ALA B 1 40 ? 15.475  8.195   -11.985 1.00 40.94  ? 40  ALA B CB  1 
ATOM   983  N  N   . SER B 1 41 ? 15.942  6.632   -14.724 1.00 50.74  ? 41  SER B N   1 
ATOM   984  C  CA  . SER B 1 41 ? 16.726  6.225   -15.861 1.00 58.92  ? 41  SER B CA  1 
ATOM   985  C  C   . SER B 1 41 ? 16.046  6.585   -17.200 1.00 58.99  ? 41  SER B C   1 
ATOM   986  O  O   . SER B 1 41 ? 16.692  7.141   -18.110 1.00 55.98  ? 41  SER B O   1 
ATOM   987  C  CB  . SER B 1 41 ? 16.965  4.725   -15.771 1.00 60.14  ? 41  SER B CB  1 
ATOM   988  O  OG  . SER B 1 41 ? 18.037  4.342   -16.590 1.00 64.05  ? 41  SER B OG  1 
ATOM   989  N  N   . LEU B 1 42 ? 14.750  6.295   -17.321 1.00 53.60  ? 42  LEU B N   1 
ATOM   990  C  CA  . LEU B 1 42 ? 14.001  6.633   -18.541 1.00 49.37  ? 42  LEU B CA  1 
ATOM   991  C  C   . LEU B 1 42 ? 13.875  8.124   -18.731 1.00 49.11  ? 42  LEU B C   1 
ATOM   992  O  O   . LEU B 1 42 ? 13.684  8.579   -19.845 1.00 52.25  ? 42  LEU B O   1 
ATOM   993  C  CB  . LEU B 1 42 ? 12.589  6.076   -18.522 1.00 51.79  ? 42  LEU B CB  1 
ATOM   994  C  CG  . LEU B 1 42 ? 12.403  4.568   -18.499 1.00 50.76  ? 42  LEU B CG  1 
ATOM   995  C  CD1 . LEU B 1 42 ? 10.992  4.292   -18.006 1.00 55.65  ? 42  LEU B CD1 1 
ATOM   996  C  CD2 . LEU B 1 42 ? 12.657  3.922   -19.846 1.00 50.91  ? 42  LEU B CD2 1 
ATOM   997  N  N   . LEU B 1 43 ? 13.944  8.896   -17.654 1.00 49.35  ? 43  LEU B N   1 
ATOM   998  C  CA  . LEU B 1 43 ? 13.917  10.329  -17.802 1.00 49.42  ? 43  LEU B CA  1 
ATOM   999  C  C   . LEU B 1 43 ? 15.352  10.906  -17.935 1.00 51.09  ? 43  LEU B C   1 
ATOM   1000 O  O   . LEU B 1 43 ? 15.537  12.133  -18.001 1.00 51.32  ? 43  LEU B O   1 
ATOM   1001 C  CB  . LEU B 1 43 ? 13.183  10.979  -16.644 1.00 47.18  ? 43  LEU B CB  1 
ATOM   1002 C  CG  . LEU B 1 43 ? 11.679  10.788  -16.373 1.00 44.64  ? 43  LEU B CG  1 
ATOM   1003 C  CD1 . LEU B 1 43 ? 11.320  11.627  -15.171 1.00 47.80  ? 43  LEU B CD1 1 
ATOM   1004 C  CD2 . LEU B 1 43 ? 10.747  11.159  -17.500 1.00 47.76  ? 43  LEU B CD2 1 
ATOM   1005 N  N   . GLY B 1 44 ? 16.340  10.014  -17.939 1.00 50.02  ? 44  GLY B N   1 
ATOM   1006 C  CA  . GLY B 1 44 ? 17.754  10.365  -18.033 1.00 58.67  ? 44  GLY B CA  1 
ATOM   1007 C  C   . GLY B 1 44 ? 18.249  11.202  -16.880 1.00 62.63  ? 44  GLY B C   1 
ATOM   1008 O  O   . GLY B 1 44 ? 19.287  11.865  -16.986 1.00 71.23  ? 44  GLY B O   1 
ATOM   1009 N  N   . VAL B 1 45 ? 17.516  11.207  -15.774 1.00 55.13  ? 45  VAL B N   1 
ATOM   1010 C  CA  . VAL B 1 45 ? 17.967  11.939  -14.613 1.00 57.17  ? 45  VAL B CA  1 
ATOM   1011 C  C   . VAL B 1 45 ? 18.434  10.952  -13.566 1.00 61.46  ? 45  VAL B C   1 
ATOM   1012 O  O   . VAL B 1 45 ? 18.361  9.733   -13.758 1.00 58.41  ? 45  VAL B O   1 
ATOM   1013 C  CB  . VAL B 1 45 ? 16.912  12.928  -14.054 1.00 58.91  ? 45  VAL B CB  1 
ATOM   1014 C  CG1 . VAL B 1 45 ? 16.281  13.728  -15.190 1.00 58.94  ? 45  VAL B CG1 1 
ATOM   1015 C  CG2 . VAL B 1 45 ? 15.837  12.243  -13.220 1.00 56.20  ? 45  VAL B CG2 1 
ATOM   1016 N  N   . LYS B 1 46 ? 18.962  11.504  -12.485 1.00 67.74  ? 46  LYS B N   1 
ATOM   1017 C  CA  . LYS B 1 46 ? 19.387  10.734  -11.344 1.00 72.21  ? 46  LYS B CA  1 
ATOM   1018 C  C   . LYS B 1 46 ? 18.247  10.736  -10.307 1.00 72.70  ? 46  LYS B C   1 
ATOM   1019 O  O   . LYS B 1 46 ? 17.495  11.718  -10.167 1.00 58.46  ? 46  LYS B O   1 
ATOM   1020 C  CB  . LYS B 1 46 ? 20.671  11.339  -10.779 1.00 76.02  ? 46  LYS B CB  1 
ATOM   1021 C  CG  . LYS B 1 46 ? 21.352  10.509  -9.699  1.00 80.63  ? 46  LYS B CG  1 
ATOM   1022 C  CD  . LYS B 1 46 ? 22.842  10.832  -9.594  1.00 85.93  ? 46  LYS B CD  1 
ATOM   1023 C  CE  . LYS B 1 46 ? 23.121  12.330  -9.542  1.00 85.41  ? 46  LYS B CE  1 
ATOM   1024 N  NZ  . LYS B 1 46 ? 22.415  13.002  -8.411  1.00 87.93  ? 46  LYS B NZ  1 
ATOM   1025 N  N   . LYS B 1 47 ? 18.133  9.635   -9.570  1.00 73.01  ? 47  LYS B N   1 
ATOM   1026 C  CA  . LYS B 1 47 ? 16.998  9.423   -8.670  1.00 75.28  ? 47  LYS B CA  1 
ATOM   1027 C  C   . LYS B 1 47 ? 16.731  10.671  -7.836  1.00 73.84  ? 47  LYS B C   1 
ATOM   1028 O  O   . LYS B 1 47 ? 15.589  11.131  -7.687  1.00 64.95  ? 47  LYS B O   1 
ATOM   1029 C  CB  . LYS B 1 47 ? 17.280  8.214   -7.773  1.00 78.24  ? 47  LYS B CB  1 
ATOM   1030 C  CG  . LYS B 1 47 ? 16.064  7.745   -6.996  1.00 81.39  ? 47  LYS B CG  1 
ATOM   1031 C  CD  . LYS B 1 47 ? 16.105  6.245   -6.763  1.00 85.30  ? 47  LYS B CD  1 
ATOM   1032 C  CE  . LYS B 1 47 ? 17.141  5.835   -5.724  1.00 86.97  ? 47  LYS B CE  1 
ATOM   1033 N  NZ  . LYS B 1 47 ? 16.745  6.261   -4.354  1.00 85.60  ? 47  LYS B NZ  1 
ATOM   1034 N  N   . GLU B 1 48 ? 17.824  11.223  -7.324  1.00 76.80  ? 48  GLU B N   1 
ATOM   1035 C  CA  . GLU B 1 48 ? 17.791  12.412  -6.500  1.00 77.50  ? 48  GLU B CA  1 
ATOM   1036 C  C   . GLU B 1 48 ? 17.077  13.564  -7.174  1.00 70.44  ? 48  GLU B C   1 
ATOM   1037 O  O   . GLU B 1 48 ? 16.425  14.343  -6.508  1.00 78.46  ? 48  GLU B O   1 
ATOM   1038 C  CB  . GLU B 1 48 ? 19.215  12.847  -6.116  1.00 83.75  ? 48  GLU B CB  1 
ATOM   1039 C  CG  . GLU B 1 48 ? 19.766  12.122  -4.900  1.00 86.59  ? 48  GLU B CG  1 
ATOM   1040 C  CD  . GLU B 1 48 ? 20.021  10.643  -5.153  1.00 90.27  ? 48  GLU B CD  1 
ATOM   1041 O  OE1 . GLU B 1 48 ? 20.863  10.324  -6.031  1.00 84.69  ? 48  GLU B OE1 1 
ATOM   1042 O  OE2 . GLU B 1 48 ? 19.383  9.803   -4.467  1.00 86.24  ? 48  GLU B OE2 1 
ATOM   1043 N  N   . GLU B 1 49 ? 17.194  13.684  -8.485  1.00 67.45  ? 49  GLU B N   1 
ATOM   1044 C  CA  . GLU B 1 49 ? 16.716  14.899  -9.142  1.00 70.78  ? 49  GLU B CA  1 
ATOM   1045 C  C   . GLU B 1 49 ? 15.212  15.077  -8.973  1.00 72.21  ? 49  GLU B C   1 
ATOM   1046 O  O   . GLU B 1 49 ? 14.732  16.200  -8.897  1.00 71.55  ? 49  GLU B O   1 
ATOM   1047 C  CB  . GLU B 1 49 ? 17.163  14.965  -10.611 1.00 71.75  ? 49  GLU B CB  1 
ATOM   1048 C  CG  . GLU B 1 49 ? 18.632  15.388  -10.739 1.00 74.86  ? 49  GLU B CG  1 
ATOM   1049 C  CD  . GLU B 1 49 ? 19.226  15.168  -12.122 1.00 76.31  ? 49  GLU B CD  1 
ATOM   1050 O  OE1 . GLU B 1 49 ? 18.860  15.916  -13.056 1.00 71.86  ? 49  GLU B OE1 1 
ATOM   1051 O  OE2 . GLU B 1 49 ? 20.073  14.249  -12.275 1.00 80.49  ? 49  GLU B OE2 1 
ATOM   1052 N  N   . LEU B 1 50 ? 14.495  13.965  -8.839  1.00 72.94  ? 50  LEU B N   1 
ATOM   1053 C  CA  . LEU B 1 50 ? 13.037  13.968  -8.689  1.00 74.11  ? 50  LEU B CA  1 
ATOM   1054 C  C   . LEU B 1 50 ? 12.613  14.548  -7.335  1.00 75.56  ? 50  LEU B C   1 
ATOM   1055 O  O   . LEU B 1 50 ? 11.780  15.473  -7.257  1.00 65.05  ? 50  LEU B O   1 
ATOM   1056 C  CB  . LEU B 1 50 ? 12.502  12.541  -8.837  1.00 72.60  ? 50  LEU B CB  1 
ATOM   1057 C  CG  . LEU B 1 50 ? 12.872  11.825  -10.143 1.00 70.51  ? 50  LEU B CG  1 
ATOM   1058 C  CD1 . LEU B 1 50 ? 12.690  10.309  -10.036 1.00 64.12  ? 50  LEU B CD1 1 
ATOM   1059 C  CD2 . LEU B 1 50 ? 12.053  12.415  -11.284 1.00 71.90  ? 50  LEU B CD2 1 
ATOM   1060 N  N   . GLY B 1 51 ? 13.201  13.988  -6.280  1.00 74.82  ? 51  GLY B N   1 
ATOM   1061 C  CA  . GLY B 1 51 ? 13.019  14.469  -4.913  1.00 78.34  ? 51  GLY B CA  1 
ATOM   1062 C  C   . GLY B 1 51 ? 11.609  14.913  -4.595  1.00 74.98  ? 51  GLY B C   1 
ATOM   1063 O  O   . GLY B 1 51 ? 10.856  14.197  -3.953  1.00 74.50  ? 51  GLY B O   1 
ATOM   1064 N  N   . ASP B 1 52 ? 11.253  16.095  -5.076  1.00 79.73  ? 52  ASP B N   1 
ATOM   1065 C  CA  . ASP B 1 52 ? 9.989   16.733  -4.723  1.00 87.87  ? 52  ASP B CA  1 
ATOM   1066 C  C   . ASP B 1 52 ? 8.753   15.942  -5.238  1.00 83.98  ? 52  ASP B C   1 
ATOM   1067 O  O   . ASP B 1 52 ? 7.684   15.972  -4.623  1.00 88.79  ? 52  ASP B O   1 
ATOM   1068 C  CB  . ASP B 1 52 ? 10.011  18.206  -5.214  1.00 96.98  ? 52  ASP B CB  1 
ATOM   1069 C  CG  . ASP B 1 52 ? 11.094  19.078  -4.483  1.00 103.22 ? 52  ASP B CG  1 
ATOM   1070 O  OD1 . ASP B 1 52 ? 10.839  19.499  -3.325  1.00 110.04 ? 52  ASP B OD1 1 
ATOM   1071 O  OD2 . ASP B 1 52 ? 12.186  19.361  -5.056  1.00 89.45  ? 52  ASP B OD2 1 
ATOM   1072 N  N   . ARG B 1 53 ? 8.927   15.182  -6.318  1.00 75.18  ? 53  ARG B N   1 
ATOM   1073 C  CA  . ARG B 1 53 ? 7.809   14.486  -6.989  1.00 64.06  ? 53  ARG B CA  1 
ATOM   1074 C  C   . ARG B 1 53 ? 7.553   13.062  -6.446  1.00 60.05  ? 53  ARG B C   1 
ATOM   1075 O  O   . ARG B 1 53 ? 6.509   12.441  -6.698  1.00 57.50  ? 53  ARG B O   1 
ATOM   1076 C  CB  . ARG B 1 53 ? 8.104   14.408  -8.477  1.00 62.67  ? 53  ARG B CB  1 
ATOM   1077 C  CG  . ARG B 1 53 ? 8.618   15.724  -9.065  1.00 73.21  ? 53  ARG B CG  1 
ATOM   1078 C  CD  . ARG B 1 53 ? 9.220   15.538  -10.451 1.00 75.06  ? 53  ARG B CD  1 
ATOM   1079 N  NE  . ARG B 1 53 ? 8.206   15.088  -11.403 1.00 76.72  ? 53  ARG B NE  1 
ATOM   1080 C  CZ  . ARG B 1 53 ? 8.437   14.752  -12.671 1.00 70.45  ? 53  ARG B CZ  1 
ATOM   1081 N  NH1 . ARG B 1 53 ? 9.667   14.822  -13.180 1.00 66.26  ? 53  ARG B NH1 1 
ATOM   1082 N  NH2 . ARG B 1 53 ? 7.420   14.344  -13.432 1.00 69.43  ? 53  ARG B NH2 1 
ATOM   1083 N  N   . ILE B 1 54 ? 8.518   12.568  -5.690  1.00 52.20  ? 54  ILE B N   1 
ATOM   1084 C  CA  . ILE B 1 54 ? 8.477   11.226  -5.152  1.00 52.77  ? 54  ILE B CA  1 
ATOM   1085 C  C   . ILE B 1 54 ? 7.272   11.074  -4.227  1.00 47.53  ? 54  ILE B C   1 
ATOM   1086 O  O   . ILE B 1 54 ? 6.510   10.107  -4.333  1.00 43.51  ? 54  ILE B O   1 
ATOM   1087 C  CB  . ILE B 1 54 ? 9.802   10.892  -4.434  1.00 49.57  ? 54  ILE B CB  1 
ATOM   1088 C  CG1 . ILE B 1 54 ? 10.941  11.005  -5.460  1.00 52.24  ? 54  ILE B CG1 1 
ATOM   1089 C  CG2 . ILE B 1 54 ? 9.756   9.502   -3.792  1.00 47.17  ? 54  ILE B CG2 1 
ATOM   1090 C  CD1 . ILE B 1 54 ? 12.280  10.456  -4.975  1.00 56.72  ? 54  ILE B CD1 1 
ATOM   1091 N  N   . ALA B 1 55 ? 7.061   12.049  -3.362  1.00 42.28  ? 55  ALA B N   1 
ATOM   1092 C  CA  . ALA B 1 55 ? 6.004   11.929  -2.390  1.00 46.99  ? 55  ALA B CA  1 
ATOM   1093 C  C   . ALA B 1 55 ? 4.655   11.922  -3.095  1.00 45.46  ? 55  ALA B C   1 
ATOM   1094 O  O   . ALA B 1 55 ? 3.741   11.208  -2.689  1.00 44.14  ? 55  ALA B O   1 
ATOM   1095 C  CB  . ALA B 1 55 ? 6.091   13.049  -1.381  1.00 51.04  ? 55  ALA B CB  1 
ATOM   1096 N  N   . GLN B 1 56 ? 4.563   12.637  -4.204  1.00 52.18  ? 56  GLN B N   1 
ATOM   1097 C  CA  . GLN B 1 56 ? 3.312   12.740  -4.913  1.00 50.43  ? 56  GLN B CA  1 
ATOM   1098 C  C   . GLN B 1 56 ? 3.080   11.500  -5.704  1.00 45.27  ? 56  GLN B C   1 
ATOM   1099 O  O   . GLN B 1 56 ? 1.943   11.046  -5.828  1.00 38.66  ? 56  GLN B O   1 
ATOM   1100 C  CB  . GLN B 1 56 ? 3.287   13.989  -5.783  1.00 59.30  ? 56  GLN B CB  1 
ATOM   1101 C  CG  . GLN B 1 56 ? 3.158   15.264  -4.944  1.00 74.22  ? 56  GLN B CG  1 
ATOM   1102 C  CD  . GLN B 1 56 ? 1.982   15.244  -3.928  1.00 89.20  ? 56  GLN B CD  1 
ATOM   1103 O  OE1 . GLN B 1 56 ? 2.118   15.720  -2.789  1.00 96.58  ? 56  GLN B OE1 1 
ATOM   1104 N  NE2 . GLN B 1 56 ? 0.830   14.693  -4.339  1.00 91.51  ? 56  GLN B NE2 1 
ATOM   1105 N  N   . PHE B 1 57 ? 4.187   10.952  -6.201  1.00 39.60  ? 57  PHE B N   1 
ATOM   1106 C  CA  . PHE B 1 57 ? 4.198   9.672   -6.827  1.00 34.22  ? 57  PHE B CA  1 
ATOM   1107 C  C   . PHE B 1 57 ? 3.669   8.635   -5.844  1.00 30.71  ? 57  PHE B C   1 
ATOM   1108 O  O   . PHE B 1 57 ? 2.695   7.953   -6.187  1.00 30.76  ? 57  PHE B O   1 
ATOM   1109 C  CB  . PHE B 1 57 ? 5.608   9.324   -7.313  1.00 31.84  ? 57  PHE B CB  1 
ATOM   1110 C  CG  . PHE B 1 57 ? 5.744   7.957   -7.934  1.00 30.70  ? 57  PHE B CG  1 
ATOM   1111 C  CD1 . PHE B 1 57 ? 4.749   7.404   -8.684  1.00 31.49  ? 57  PHE B CD1 1 
ATOM   1112 C  CD2 . PHE B 1 57 ? 6.932   7.276   -7.824  1.00 33.30  ? 57  PHE B CD2 1 
ATOM   1113 C  CE1 . PHE B 1 57 ? 4.903   6.174   -9.249  1.00 33.74  ? 57  PHE B CE1 1 
ATOM   1114 C  CE2 . PHE B 1 57 ? 7.105   6.012   -8.371  1.00 35.16  ? 57  PHE B CE2 1 
ATOM   1115 C  CZ  . PHE B 1 57 ? 6.101   5.464   -9.095  1.00 34.82  ? 57  PHE B CZ  1 
ATOM   1116 N  N   A TYR B 1 58 ? 4.274   8.463   -4.654  0.50 32.22  ? 58  TYR B N   1 
ATOM   1117 N  N   B TYR B 1 58 ? 4.298   8.578   -4.684  0.50 31.57  ? 58  TYR B N   1 
ATOM   1118 C  CA  A TYR B 1 58 ? 3.782   7.430   -3.656  0.50 31.78  ? 58  TYR B CA  1 
ATOM   1119 C  CA  B TYR B 1 58 ? 3.898   7.705   -3.593  0.50 31.31  ? 58  TYR B CA  1 
ATOM   1120 C  C   A TYR B 1 58 ? 2.282   7.713   -3.303  0.50 30.91  ? 58  TYR B C   1 
ATOM   1121 C  C   B TYR B 1 58 ? 2.369   7.767   -3.315  0.50 30.74  ? 58  TYR B C   1 
ATOM   1122 O  O   A TYR B 1 58 ? 1.490   6.774   -3.159  0.50 31.24  ? 58  TYR B O   1 
ATOM   1123 O  O   B TYR B 1 58 ? 1.677   6.756   -3.203  0.50 32.13  ? 58  TYR B O   1 
ATOM   1124 C  CB  A TYR B 1 58 ? 4.700   7.274   -2.372  0.50 32.75  ? 58  TYR B CB  1 
ATOM   1125 C  CB  B TYR B 1 58 ? 4.671   8.109   -2.340  0.50 30.59  ? 58  TYR B CB  1 
ATOM   1126 C  CG  A TYR B 1 58 ? 4.613   5.927   -1.520  0.50 31.50  ? 58  TYR B CG  1 
ATOM   1127 C  CG  B TYR B 1 58 ? 4.034   7.542   -1.103  0.50 29.95  ? 58  TYR B CG  1 
ATOM   1128 C  CD1 A TYR B 1 58 ? 5.492   4.835   -1.721  0.50 32.41  ? 58  TYR B CD1 1 
ATOM   1129 C  CD1 B TYR B 1 58 ? 4.199   6.211   -0.773  0.50 32.32  ? 58  TYR B CD1 1 
ATOM   1130 C  CD2 A TYR B 1 58 ? 3.680   5.777   -0.493  0.50 31.67  ? 58  TYR B CD2 1 
ATOM   1131 C  CD2 B TYR B 1 58 ? 3.231   8.322   -0.297  0.50 30.39  ? 58  TYR B CD2 1 
ATOM   1132 C  CE1 A TYR B 1 58 ? 5.411   3.623   -0.953  0.50 25.74  ? 58  TYR B CE1 1 
ATOM   1133 C  CE1 B TYR B 1 58 ? 3.587   5.672   0.342   0.50 30.74  ? 58  TYR B CE1 1 
ATOM   1134 C  CE2 A TYR B 1 58 ? 3.603   4.605   0.275   0.50 28.38  ? 58  TYR B CE2 1 
ATOM   1135 C  CE2 B TYR B 1 58 ? 2.620   7.797   0.831   0.50 30.89  ? 58  TYR B CE2 1 
ATOM   1136 C  CZ  A TYR B 1 58 ? 4.456   3.524   0.073   0.50 27.78  ? 58  TYR B CZ  1 
ATOM   1137 C  CZ  B TYR B 1 58 ? 2.804   6.467   1.144   0.50 28.84  ? 58  TYR B CZ  1 
ATOM   1138 O  OH  A TYR B 1 58 ? 4.309   2.348   0.901   0.50 19.71  ? 58  TYR B OH  1 
ATOM   1139 O  OH  B TYR B 1 58 ? 2.179   5.917   2.246   0.50 29.36  ? 58  TYR B OH  1 
ATOM   1140 N  N   . THR B 1 59 ? 1.848   8.977   -3.249  1.00 33.51  ? 59  THR B N   1 
ATOM   1141 C  CA  . THR B 1 59 ? 0.397   9.222   -2.981  1.00 33.76  ? 59  THR B CA  1 
ATOM   1142 C  C   . THR B 1 59 ? -0.464  8.860   -4.176  1.00 32.47  ? 59  THR B C   1 
ATOM   1143 O  O   . THR B 1 59 ? -1.575  8.350   -4.006  1.00 34.56  ? 59  THR B O   1 
ATOM   1144 C  CB  . THR B 1 59 ? 0.102   10.656  -2.520  1.00 41.51  ? 59  THR B CB  1 
ATOM   1145 O  OG1 . THR B 1 59 ? 1.222   11.144  -1.797  1.00 46.97  ? 59  THR B OG1 1 
ATOM   1146 C  CG2 . THR B 1 59 ? -1.165  10.715  -1.621  1.00 42.96  ? 59  THR B CG2 1 
ATOM   1147 N  N   . ASP B 1 60 ? 0.027   9.010   -5.395  1.00 30.24  ? 60  ASP B N   1 
ATOM   1148 C  CA  . ASP B 1 60 ? -0.808  8.600   -6.547  1.00 28.67  ? 60  ASP B CA  1 
ATOM   1149 C  C   . ASP B 1 60 ? -0.977  7.153   -6.586  1.00 31.36  ? 60  ASP B C   1 
ATOM   1150 O  O   . ASP B 1 60 ? -2.056  6.688   -6.943  1.00 30.29  ? 60  ASP B O   1 
ATOM   1151 C  CB  . ASP B 1 60 ? -0.247  9.103   -7.887  1.00 31.46  ? 60  ASP B CB  1 
ATOM   1152 C  CG  . ASP B 1 60 ? -0.316  10.657  -8.006  1.00 37.84  ? 60  ASP B CG  1 
ATOM   1153 O  OD1 . ASP B 1 60 ? -1.106  11.271  -7.252  1.00 36.88  ? 60  ASP B OD1 1 
ATOM   1154 O  OD2 . ASP B 1 60 ? 0.429   11.254  -8.809  1.00 41.20  ? 60  ASP B OD2 1 
ATOM   1155 N  N   . LEU B 1 61 ? 0.096   6.414   -6.276  1.00 30.79  ? 61  LEU B N   1 
ATOM   1156 C  CA  . LEU B 1 61 ? 0.020   4.965   -6.244  1.00 30.11  ? 61  LEU B CA  1 
ATOM   1157 C  C   . LEU B 1 61 ? -1.055  4.496   -5.268  1.00 25.44  ? 61  LEU B C   1 
ATOM   1158 O  O   . LEU B 1 61 ? -1.813  3.546   -5.555  1.00 26.64  ? 61  LEU B O   1 
ATOM   1159 C  CB  . LEU B 1 61 ? 1.369   4.367   -5.822  1.00 30.00  ? 61  LEU B CB  1 
ATOM   1160 C  CG  . LEU B 1 61 ? 2.529   4.459   -6.820  1.00 31.10  ? 61  LEU B CG  1 
ATOM   1161 C  CD1 . LEU B 1 61 ? 3.879   4.072   -6.171  1.00 29.09  ? 61  LEU B CD1 1 
ATOM   1162 C  CD2 . LEU B 1 61 ? 2.135   3.572   -8.005  1.00 31.10  ? 61  LEU B CD2 1 
ATOM   1163 N  N   . ASN B 1 62 ? -1.150  5.187   -4.154  1.00 23.53  ? 62  ASN B N   1 
ATOM   1164 C  CA  . ASN B 1 62 ? -2.134  4.866   -3.078  1.00 25.53  ? 62  ASN B CA  1 
ATOM   1165 C  C   . ASN B 1 62 ? -3.597  5.187   -3.468  1.00 25.15  ? 62  ASN B C   1 
ATOM   1166 O  O   . ASN B 1 62 ? -4.473  4.434   -3.267  1.00 27.87  ? 62  ASN B O   1 
ATOM   1167 C  CB  . ASN B 1 62 ? -1.756  5.606   -1.805  1.00 25.55  ? 62  ASN B CB  1 
ATOM   1168 C  CG  . ASN B 1 62 ? -0.682  4.874   -1.022  1.00 27.48  ? 62  ASN B CG  1 
ATOM   1169 O  OD1 . ASN B 1 62 ? 0.481   5.268   -0.998  1.00 34.50  ? 62  ASN B OD1 1 
ATOM   1170 N  ND2 . ASN B 1 62 ? -1.054  3.738   -0.512  1.00 25.96  ? 62  ASN B ND2 1 
ATOM   1171 N  N   . ILE B 1 63 ? -3.785  6.299   -4.119  1.00 27.50  ? 63  ILE B N   1 
ATOM   1172 C  CA  . ILE B 1 63 ? -5.100  6.809   -4.510  1.00 35.86  ? 63  ILE B CA  1 
ATOM   1173 C  C   . ILE B 1 63 ? -5.617  6.217   -5.807  1.00 37.99  ? 63  ILE B C   1 
ATOM   1174 O  O   . ILE B 1 63 ? -6.801  6.116   -5.973  1.00 39.90  ? 63  ILE B O   1 
ATOM   1175 C  CB  . ILE B 1 63 ? -4.990  8.303   -4.725  1.00 37.62  ? 63  ILE B CB  1 
ATOM   1176 C  CG1 . ILE B 1 63 ? -4.927  8.952   -3.359  1.00 38.65  ? 63  ILE B CG1 1 
ATOM   1177 C  CG2 . ILE B 1 63 ? -6.181  8.856   -5.504  1.00 43.62  ? 63  ILE B CG2 1 
ATOM   1178 C  CD1 . ILE B 1 63 ? -4.577  10.429  -3.440  1.00 41.95  ? 63  ILE B CD1 1 
ATOM   1179 N  N   . ASP B 1 64 ? -4.719  5.830   -6.727  1.00 30.41  ? 64  ASP B N   1 
ATOM   1180 C  CA  . ASP B 1 64 ? -5.149  5.344   -8.007  1.00 31.40  ? 64  ASP B CA  1 
ATOM   1181 C  C   . ASP B 1 64 ? -5.510  3.938   -7.791  1.00 30.10  ? 64  ASP B C   1 
ATOM   1182 O  O   . ASP B 1 64 ? -4.655  3.132   -7.419  1.00 31.54  ? 64  ASP B O   1 
ATOM   1183 C  CB  . ASP B 1 64 ? -4.008  5.458   -9.025  1.00 33.33  ? 64  ASP B CB  1 
ATOM   1184 C  CG  . ASP B 1 64 ? -4.346  4.926   -10.407 1.00 29.92  ? 64  ASP B CG  1 
ATOM   1185 O  OD1 . ASP B 1 64 ? -4.952  3.831   -10.562 1.00 35.25  ? 64  ASP B OD1 1 
ATOM   1186 O  OD2 . ASP B 1 64 ? -3.873  5.582   -11.343 1.00 34.19  ? 64  ASP B OD2 1 
ATOM   1187 N  N   . GLY B 1 65 ? -6.763  3.611   -8.072  1.00 33.92  ? 65  GLY B N   1 
ATOM   1188 C  CA  . GLY B 1 65 ? -7.231  2.247   -7.919  1.00 32.43  ? 65  GLY B CA  1 
ATOM   1189 C  C   . GLY B 1 65 ? -6.680  1.131   -8.800  1.00 33.88  ? 65  GLY B C   1 
ATOM   1190 O  O   . GLY B 1 65 ? -6.935  -0.028  -8.568  1.00 31.65  ? 65  GLY B O   1 
ATOM   1191 N  N   . ARG B 1 66 ? -5.859  1.434   -9.779  1.00 35.77  ? 66  ARG B N   1 
ATOM   1192 C  CA  . ARG B 1 66 ? -5.241  0.365   -10.582 1.00 30.08  ? 66  ARG B CA  1 
ATOM   1193 C  C   . ARG B 1 66 ? -4.085  -0.350  -9.831  1.00 30.94  ? 66  ARG B C   1 
ATOM   1194 O  O   . ARG B 1 66 ? -3.704  -1.437  -10.216 1.00 31.61  ? 66  ARG B O   1 
ATOM   1195 C  CB  . ARG B 1 66 ? -4.706  0.966   -11.899 1.00 34.39  ? 66  ARG B CB  1 
ATOM   1196 C  CG  . ARG B 1 66 ? -5.800  1.613   -12.757 1.00 33.60  ? 66  ARG B CG  1 
ATOM   1197 C  CD  . ARG B 1 66 ? -5.274  2.250   -13.988 1.00 31.85  ? 66  ARG B CD  1 
ATOM   1198 N  NE  . ARG B 1 66 ? -4.488  3.436   -13.614 1.00 33.16  ? 66  ARG B NE  1 
ATOM   1199 C  CZ  . ARG B 1 66 ? -3.762  4.138   -14.441 1.00 33.59  ? 66  ARG B CZ  1 
ATOM   1200 N  NH1 . ARG B 1 66 ? -3.721  3.783   -15.700 1.00 37.34  ? 66  ARG B NH1 1 
ATOM   1201 N  NH2 . ARG B 1 66 ? -3.074  5.225   -14.018 1.00 39.62  ? 66  ARG B NH2 1 
ATOM   1202 N  N   . PHE B 1 67 ? -3.566  0.239   -8.749  1.00 28.36  ? 67  PHE B N   1 
ATOM   1203 C  CA  . PHE B 1 67 ? -2.342  -0.228  -8.079  1.00 26.68  ? 67  PHE B CA  1 
ATOM   1204 C  C   . PHE B 1 67 ? -2.671  -0.808  -6.714  1.00 29.80  ? 67  PHE B C   1 
ATOM   1205 O  O   . PHE B 1 67 ? -3.525  -0.275  -6.028  1.00 30.26  ? 67  PHE B O   1 
ATOM   1206 C  CB  . PHE B 1 67 ? -1.372  0.922   -7.862  1.00 29.14  ? 67  PHE B CB  1 
ATOM   1207 C  CG  . PHE B 1 67 ? -0.894  1.537   -9.137  1.00 33.53  ? 67  PHE B CG  1 
ATOM   1208 C  CD1 . PHE B 1 67 ? 0.162   0.970   -9.845  1.00 33.25  ? 67  PHE B CD1 1 
ATOM   1209 C  CD2 . PHE B 1 67 ? -1.531  2.657   -9.661  1.00 35.37  ? 67  PHE B CD2 1 
ATOM   1210 C  CE1 . PHE B 1 67 ? 0.637   1.556   -11.005 1.00 37.19  ? 67  PHE B CE1 1 
ATOM   1211 C  CE2 . PHE B 1 67 ? -1.067  3.211   -10.840 1.00 35.92  ? 67  PHE B CE2 1 
ATOM   1212 C  CZ  . PHE B 1 67 ? -0.002  2.657   -11.509 1.00 33.76  ? 67  PHE B CZ  1 
ATOM   1213 N  N   . LEU B 1 68 ? -2.059  -1.944  -6.406  1.00 30.24  ? 68  LEU B N   1 
ATOM   1214 C  CA  . LEU B 1 68 ? -2.150  -2.588  -5.128  1.00 30.84  ? 68  LEU B CA  1 
ATOM   1215 C  C   . LEU B 1 68 ? -0.828  -2.494  -4.405  1.00 32.81  ? 68  LEU B C   1 
ATOM   1216 O  O   . LEU B 1 68 ? 0.258   -2.791  -4.984  1.00 28.98  ? 68  LEU B O   1 
ATOM   1217 C  CB  . LEU B 1 68 ? -2.415  -4.066  -5.329  1.00 35.62  ? 68  LEU B CB  1 
ATOM   1218 C  CG  . LEU B 1 68 ? -3.818  -4.445  -5.722  1.00 41.64  ? 68  LEU B CG  1 
ATOM   1219 C  CD1 . LEU B 1 68 ? -3.889  -5.957  -5.837  1.00 45.85  ? 68  LEU B CD1 1 
ATOM   1220 C  CD2 . LEU B 1 68 ? -4.825  -3.942  -4.691  1.00 39.91  ? 68  LEU B CD2 1 
ATOM   1221 N  N   . ALA B 1 69 ? -0.903  -2.126  -3.132  1.00 30.64  ? 69  ALA B N   1 
ATOM   1222 C  CA  . ALA B 1 69 ? 0.249   -2.237  -2.275  1.00 29.24  ? 69  ALA B CA  1 
ATOM   1223 C  C   . ALA B 1 69 ? 0.303   -3.670  -1.820  1.00 32.54  ? 69  ALA B C   1 
ATOM   1224 O  O   . ALA B 1 69 ? -0.669  -4.156  -1.164  1.00 31.23  ? 69  ALA B O   1 
ATOM   1225 C  CB  . ALA B 1 69 ? 0.098   -1.340  -1.095  1.00 30.08  ? 69  ALA B CB  1 
ATOM   1226 N  N   . LEU B 1 70 ? 1.382   -4.365  -2.170  1.00 33.55  ? 70  LEU B N   1 
ATOM   1227 C  CA  . LEU B 1 70 ? 1.455   -5.830  -1.905  1.00 32.87  ? 70  LEU B CA  1 
ATOM   1228 C  C   . LEU B 1 70 ? 2.251   -6.066  -0.645  1.00 31.38  ? 70  LEU B C   1 
ATOM   1229 O  O   . LEU B 1 70 ? 3.215   -5.319  -0.364  1.00 30.81  ? 70  LEU B O   1 
ATOM   1230 C  CB  . LEU B 1 70 ? 2.083   -6.563  -3.079  1.00 35.21  ? 70  LEU B CB  1 
ATOM   1231 C  CG  . LEU B 1 70 ? 1.227   -6.383  -4.350  1.00 37.00  ? 70  LEU B CG  1 
ATOM   1232 C  CD1 . LEU B 1 70 ? 2.070   -6.733  -5.532  1.00 37.57  ? 70  LEU B CD1 1 
ATOM   1233 C  CD2 . LEU B 1 70 ? -0.006  -7.294  -4.297  1.00 37.60  ? 70  LEU B CD2 1 
ATOM   1234 N  N   . SER B 1 71 ? 1.887   -7.067  0.145   1.00 29.37  ? 71  SER B N   1 
ATOM   1235 C  CA  . SER B 1 71 ? 2.537   -7.199  1.441   1.00 34.01  ? 71  SER B CA  1 
ATOM   1236 C  C   . SER B 1 71 ? 3.866   -7.987  1.343   1.00 34.73  ? 71  SER B C   1 
ATOM   1237 O  O   . SER B 1 71 ? 4.668   -7.999  2.280   1.00 42.16  ? 71  SER B O   1 
ATOM   1238 C  CB  . SER B 1 71 ? 1.593   -7.768  2.518   1.00 37.13  ? 71  SER B CB  1 
ATOM   1239 O  OG  . SER B 1 71 ? 1.304   -9.126  2.233   1.00 42.74  ? 71  SER B OG  1 
ATOM   1240 N  N   . ASP B 1 72 ? 4.158   -8.508  0.166   1.00 32.04  ? 72  ASP B N   1 
ATOM   1241 C  CA  . ASP B 1 72 ? 5.344   -9.280  -0.025  1.00 31.70  ? 72  ASP B CA  1 
ATOM   1242 C  C   . ASP B 1 72 ? 6.655   -8.587  0.508   1.00 33.29  ? 72  ASP B C   1 
ATOM   1243 O  O   . ASP B 1 72 ? 6.849   -7.373  0.436   1.00 34.71  ? 72  ASP B O   1 
ATOM   1244 C  CB  . ASP B 1 72 ? 5.481   -9.662  -1.476  1.00 35.78  ? 72  ASP B CB  1 
ATOM   1245 C  CG  . ASP B 1 72 ? 6.406   -10.859 -1.668  1.00 40.50  ? 72  ASP B CG  1 
ATOM   1246 O  OD1 . ASP B 1 72 ? 6.632   -11.629 -0.682  1.00 37.91  ? 72  ASP B OD1 1 
ATOM   1247 O  OD2 . ASP B 1 72 ? 6.914   -11.007 -2.792  1.00 37.07  ? 72  ASP B OD2 1 
ATOM   1248 N  N   . GLN B 1 73 ? 7.524   -9.398  1.059   1.00 30.87  ? 73  GLN B N   1 
ATOM   1249 C  CA  . GLN B 1 73 ? 8.839   -8.964  1.658   1.00 27.75  ? 73  GLN B CA  1 
ATOM   1250 C  C   . GLN B 1 73 ? 9.913   -8.748  0.582   1.00 26.99  ? 73  GLN B C   1 
ATOM   1251 O  O   . GLN B 1 73 ? 10.165  -9.659  -0.217  1.00 32.81  ? 73  GLN B O   1 
ATOM   1252 C  CB  . GLN B 1 73 ? 9.300   -9.985  2.707   1.00 25.99  ? 73  GLN B CB  1 
ATOM   1253 C  CG  . GLN B 1 73 ? 10.587  -9.566  3.454   1.00 27.76  ? 73  GLN B CG  1 
ATOM   1254 C  CD  . GLN B 1 73 ? 10.403  -8.343  4.321   1.00 26.16  ? 73  GLN B CD  1 
ATOM   1255 O  OE1 . GLN B 1 73 ? 9.587   -8.374  5.210   1.00 28.77  ? 73  GLN B OE1 1 
ATOM   1256 N  NE2 . GLN B 1 73 ? 11.211  -7.287  4.114   1.00 28.64  ? 73  GLN B NE2 1 
ATOM   1257 N  N   . THR B 1 74 ? 10.502  -7.547  0.551   1.00 26.56  ? 74  THR B N   1 
ATOM   1258 C  CA  . THR B 1 74 ? 11.685  -7.201  -0.320  1.00 26.96  ? 74  THR B CA  1 
ATOM   1259 C  C   . THR B 1 74 ? 12.908  -7.689  0.383   1.00 27.86  ? 74  THR B C   1 
ATOM   1260 O  O   . THR B 1 74 ? 12.984  -7.527  1.554   1.00 25.45  ? 74  THR B O   1 
ATOM   1261 C  CB  . THR B 1 74 ? 11.776  -5.707  -0.624  1.00 32.86  ? 74  THR B CB  1 
ATOM   1262 O  OG1 . THR B 1 74 ? 10.592  -5.335  -1.322  1.00 35.99  ? 74  THR B OG1 1 
ATOM   1263 C  CG2 . THR B 1 74 ? 13.032  -5.319  -1.543  1.00 29.84  ? 74  THR B CG2 1 
ATOM   1264 N  N   . TRP B 1 75 ? 13.768  -8.406  -0.334  1.00 28.31  ? 75  TRP B N   1 
ATOM   1265 C  CA  . TRP B 1 75 ? 15.024  -8.970  0.188   1.00 30.38  ? 75  TRP B CA  1 
ATOM   1266 C  C   . TRP B 1 75 ? 16.130  -8.459  -0.653  1.00 30.56  ? 75  TRP B C   1 
ATOM   1267 O  O   . TRP B 1 75 ? 15.912  -8.174  -1.814  1.00 31.08  ? 75  TRP B O   1 
ATOM   1268 C  CB  . TRP B 1 75 ? 15.024  -10.489 0.074   1.00 31.80  ? 75  TRP B CB  1 
ATOM   1269 C  CG  . TRP B 1 75 ? 14.142  -11.115 1.098   1.00 29.82  ? 75  TRP B CG  1 
ATOM   1270 C  CD1 . TRP B 1 75 ? 12.886  -11.593 0.923   1.00 29.00  ? 75  TRP B CD1 1 
ATOM   1271 C  CD2 . TRP B 1 75 ? 14.478  -11.345 2.455   1.00 28.85  ? 75  TRP B CD2 1 
ATOM   1272 N  NE1 . TRP B 1 75 ? 12.415  -12.120 2.105   1.00 29.33  ? 75  TRP B NE1 1 
ATOM   1273 C  CE2 . TRP B 1 75 ? 13.360  -11.915 3.071   1.00 30.37  ? 75  TRP B CE2 1 
ATOM   1274 C  CE3 . TRP B 1 75 ? 15.614  -11.069 3.230   1.00 31.09  ? 75  TRP B CE3 1 
ATOM   1275 C  CZ2 . TRP B 1 75 ? 13.357  -12.280 4.422   1.00 28.44  ? 75  TRP B CZ2 1 
ATOM   1276 C  CZ3 . TRP B 1 75 ? 15.595  -11.374 4.544   1.00 29.65  ? 75  TRP B CZ3 1 
ATOM   1277 C  CH2 . TRP B 1 75 ? 14.484  -12.003 5.133   1.00 29.07  ? 75  TRP B CH2 1 
ATOM   1278 N  N   . GLY B 1 76 ? 17.326  -8.366  -0.096  1.00 30.97  ? 76  GLY B N   1 
ATOM   1279 C  CA  . GLY B 1 76 ? 18.500  -7.883  -0.848  1.00 30.37  ? 76  GLY B CA  1 
ATOM   1280 C  C   . GLY B 1 76 ? 19.756  -8.301  -0.099  1.00 32.04  ? 76  GLY B C   1 
ATOM   1281 O  O   . GLY B 1 76 ? 19.661  -8.996  0.927   1.00 30.12  ? 76  GLY B O   1 
ATOM   1282 N  N   . LEU B 1 77 ? 20.939  -7.911  -0.588  1.00 32.46  ? 77  LEU B N   1 
ATOM   1283 C  CA  . LEU B 1 77 ? 22.201  -8.368  0.049   1.00 32.66  ? 77  LEU B CA  1 
ATOM   1284 C  C   . LEU B 1 77 ? 22.768  -7.230  0.898   1.00 34.36  ? 77  LEU B C   1 
ATOM   1285 O  O   . LEU B 1 77 ? 22.801  -6.074  0.482   1.00 33.04  ? 77  LEU B O   1 
ATOM   1286 C  CB  . LEU B 1 77 ? 23.263  -8.886  -0.929  1.00 32.27  ? 77  LEU B CB  1 
ATOM   1287 C  CG  . LEU B 1 77 ? 22.980  -10.024 -1.926  1.00 33.24  ? 77  LEU B CG  1 
ATOM   1288 C  CD1 . LEU B 1 77 ? 24.218  -10.323 -2.766  1.00 33.25  ? 77  LEU B CD1 1 
ATOM   1289 C  CD2 . LEU B 1 77 ? 22.528  -11.259 -1.230  1.00 29.11  ? 77  LEU B CD2 1 
ATOM   1290 N  N   . ARG B 1 78 ? 23.182  -7.591  2.111   1.00 35.04  ? 78  ARG B N   1 
ATOM   1291 C  CA  . ARG B 1 78 ? 23.771  -6.627  3.040   1.00 39.98  ? 78  ARG B CA  1 
ATOM   1292 C  C   . ARG B 1 78 ? 24.976  -5.894  2.477   1.00 43.61  ? 78  ARG B C   1 
ATOM   1293 O  O   . ARG B 1 78 ? 25.153  -4.701  2.784   1.00 49.19  ? 78  ARG B O   1 
ATOM   1294 C  CB  . ARG B 1 78 ? 24.133  -7.304  4.368   1.00 46.81  ? 78  ARG B CB  1 
ATOM   1295 C  CG  . ARG B 1 78 ? 24.762  -6.319  5.389   1.00 52.04  ? 78  ARG B CG  1 
ATOM   1296 C  CD  . ARG B 1 78 ? 24.778  -6.860  6.807   1.00 60.06  ? 78  ARG B CD  1 
ATOM   1297 N  NE  . ARG B 1 78 ? 25.269  -8.246  6.829   1.00 66.16  ? 78  ARG B NE  1 
ATOM   1298 C  CZ  . ARG B 1 78 ? 26.396  -8.672  7.413   1.00 74.13  ? 78  ARG B CZ  1 
ATOM   1299 N  NH1 . ARG B 1 78 ? 27.179  -7.826  8.080   1.00 64.13  ? 78  ARG B NH1 1 
ATOM   1300 N  NH2 . ARG B 1 78 ? 26.735  -9.977  7.339   1.00 72.28  ? 78  ARG B NH2 1 
ATOM   1301 N  N   . SER B 1 79 ? 25.776  -6.617  1.668   1.00 47.77  ? 79  SER B N   1 
ATOM   1302 C  CA  . SER B 1 79 ? 26.860  -6.069  0.788   1.00 48.75  ? 79  SER B CA  1 
ATOM   1303 C  C   . SER B 1 79 ? 26.536  -4.747  0.131   1.00 57.11  ? 79  SER B C   1 
ATOM   1304 O  O   . SER B 1 79 ? 27.402  -3.858  0.030   1.00 56.54  ? 79  SER B O   1 
ATOM   1305 C  CB  . SER B 1 79 ? 27.103  -7.012  -0.402  1.00 45.07  ? 79  SER B CB  1 
ATOM   1306 O  OG  . SER B 1 79 ? 28.159  -7.870  -0.166  1.00 55.15  ? 79  SER B OG  1 
ATOM   1307 N  N   . TRP B 1 80 ? 25.304  -4.639  -0.375  1.00 52.30  ? 80  TRP B N   1 
ATOM   1308 C  CA  . TRP B 1 80 ? 24.910  -3.499  -1.201  1.00 53.37  ? 80  TRP B CA  1 
ATOM   1309 C  C   . TRP B 1 80 ? 24.771  -2.175  -0.435  1.00 55.64  ? 80  TRP B C   1 
ATOM   1310 O  O   . TRP B 1 80 ? 24.377  -1.175  -1.037  1.00 69.91  ? 80  TRP B O   1 
ATOM   1311 C  CB  . TRP B 1 80 ? 23.596  -3.812  -1.920  1.00 50.18  ? 80  TRP B CB  1 
ATOM   1312 C  CG  . TRP B 1 80 ? 23.636  -5.022  -2.780  1.00 42.53  ? 80  TRP B CG  1 
ATOM   1313 C  CD1 . TRP B 1 80 ? 24.749  -5.658  -3.265  1.00 43.99  ? 80  TRP B CD1 1 
ATOM   1314 C  CD2 . TRP B 1 80 ? 22.507  -5.721  -3.316  1.00 39.61  ? 80  TRP B CD2 1 
ATOM   1315 N  NE1 . TRP B 1 80 ? 24.375  -6.731  -4.024  1.00 48.22  ? 80  TRP B NE1 1 
ATOM   1316 C  CE2 . TRP B 1 80 ? 23.007  -6.784  -4.094  1.00 40.16  ? 80  TRP B CE2 1 
ATOM   1317 C  CE3 . TRP B 1 80 ? 21.120  -5.556  -3.204  1.00 37.43  ? 80  TRP B CE3 1 
ATOM   1318 C  CZ2 . TRP B 1 80 ? 22.170  -7.684  -4.748  1.00 41.21  ? 80  TRP B CZ2 1 
ATOM   1319 C  CZ3 . TRP B 1 80 ? 20.298  -6.460  -3.815  1.00 40.43  ? 80  TRP B CZ3 1 
ATOM   1320 C  CH2 . TRP B 1 80 ? 20.817  -7.498  -4.601  1.00 35.58  ? 80  TRP B CH2 1 
ATOM   1321 N  N   . TYR B 1 81 ? 25.055  -2.167  0.873   1.00 61.97  ? 81  TYR B N   1 
ATOM   1322 C  CA  . TYR B 1 81 ? 24.824  -0.984  1.723   1.00 65.84  ? 81  TYR B CA  1 
ATOM   1323 C  C   . TYR B 1 81 ? 25.928  -0.773  2.765   1.00 66.30  ? 81  TYR B C   1 
ATOM   1324 O  O   . TYR B 1 81 ? 26.051  0.318   3.339   1.00 76.51  ? 81  TYR B O   1 
ATOM   1325 C  CB  . TYR B 1 81 ? 23.445  -1.089  2.413   1.00 61.99  ? 81  TYR B CB  1 
ATOM   1326 C  CG  . TYR B 1 81 ? 22.292  -1.479  1.477   1.00 61.56  ? 81  TYR B CG  1 
ATOM   1327 C  CD1 . TYR B 1 81 ? 21.661  -0.531  0.656   1.00 63.42  ? 81  TYR B CD1 1 
ATOM   1328 C  CD2 . TYR B 1 81 ? 21.841  -2.796  1.405   1.00 53.40  ? 81  TYR B CD2 1 
ATOM   1329 C  CE1 . TYR B 1 81 ? 20.621  -0.896  -0.184  1.00 57.86  ? 81  TYR B CE1 1 
ATOM   1330 C  CE2 . TYR B 1 81 ? 20.807  -3.153  0.579   1.00 48.79  ? 81  TYR B CE2 1 
ATOM   1331 C  CZ  . TYR B 1 81 ? 20.205  -2.210  -0.207  1.00 50.36  ? 81  TYR B CZ  1 
ATOM   1332 O  OH  . TYR B 1 81 ? 19.207  -2.609  -1.044  1.00 56.17  ? 81  TYR B OH  1 
HETATM 1333 I  I3  . I3C C 2 .  ? -0.363  -9.029  15.847  0.70 40.51  ? 101 I3C A I3  1 
HETATM 1334 I  I2  . I3C C 2 .  ? 2.658   -10.853 10.969  0.70 34.63  ? 101 I3C A I2  1 
HETATM 1335 I  I1  . I3C C 2 .  ? -0.499  -14.847 14.249  0.70 63.36  ? 101 I3C A I1  1 
HETATM 1336 O  O8  . I3C C 2 .  ? -0.719  -12.644 16.960  1.00 46.22  ? 101 I3C A O8  1 
HETATM 1337 O  O9  . I3C C 2 .  ? -2.333  -12.075 15.593  1.00 48.97  ? 101 I3C A O9  1 
HETATM 1338 C  C10 . I3C C 2 .  ? 1.385   -13.745 11.933  1.00 45.14  ? 101 I3C A C10 1 
HETATM 1339 N  N13 . I3C C 2 .  ? 1.525   -8.976  13.226  1.00 37.50  ? 101 I3C A N13 1 
HETATM 1340 C  C1  . I3C C 2 .  ? -0.190  -11.829 14.753  1.00 41.41  ? 101 I3C A C1  1 
HETATM 1341 C  C6  . I3C C 2 .  ? 0.236   -10.512 14.520  1.00 41.34  ? 101 I3C A C6  1 
HETATM 1342 C  C5  . I3C C 2 .  ? 1.070   -10.238 13.445  1.00 35.58  ? 101 I3C A C5  1 
HETATM 1343 C  C4  . I3C C 2 .  ? 1.476   -11.281 12.611  1.00 39.11  ? 101 I3C A C4  1 
HETATM 1344 C  C3  . I3C C 2 .  ? 1.025   -12.597 12.806  1.00 38.59  ? 101 I3C A C3  1 
HETATM 1345 C  C2  . I3C C 2 .  ? 0.197   -12.874 13.845  1.00 44.64  ? 101 I3C A C2  1 
HETATM 1346 C  C7  . I3C C 2 .  ? -1.120  -12.218 15.856  1.00 45.69  ? 101 I3C A C7  1 
HETATM 1347 O  O11 . I3C C 2 .  ? 2.364   -14.444 12.293  1.00 44.78  ? 101 I3C A O11 1 
HETATM 1348 O  O12 . I3C C 2 .  ? 0.660   -13.960 10.932  1.00 57.41  ? 101 I3C A O12 1 
HETATM 1349 NI NI  . NI  D 3 .  ? -5.710  3.479   -0.939  0.80 42.26  ? 102 NI  A NI  1 
HETATM 1350 NI NI  . NI  E 3 .  ? -4.163  2.155   -4.800  0.80 40.20  ? 101 NI  B NI  1 
HETATM 1351 O  O   . HOH F 4 .  ? 3.895   0.254   11.315  1.00 34.89  ? 201 HOH A O   1 
HETATM 1352 O  O   . HOH F 4 .  ? 14.069  -16.066 18.666  1.00 39.50  ? 202 HOH A O   1 
HETATM 1353 O  O   . HOH F 4 .  ? 6.369   -6.153  7.450   1.00 26.61  ? 203 HOH A O   1 
HETATM 1354 O  O   . HOH F 4 .  ? 4.734   -3.395  8.779   0.50 26.58  ? 204 HOH A O   1 
HETATM 1355 O  O   . HOH F 4 .  ? 11.088  -0.219  8.701   1.00 45.16  ? 205 HOH A O   1 
HETATM 1356 O  O   . HOH F 4 .  ? -8.553  -12.523 16.533  1.00 41.63  ? 206 HOH A O   1 
HETATM 1357 O  O   . HOH F 4 .  ? -10.775 -4.149  19.368  1.00 43.60  ? 207 HOH A O   1 
HETATM 1358 O  O   . HOH F 4 .  ? -16.294 -5.848  4.529   1.00 59.28  ? 208 HOH A O   1 
HETATM 1359 O  O   . HOH F 4 .  ? 8.282   -5.499  4.785   1.00 38.77  ? 209 HOH A O   1 
HETATM 1360 O  O   . HOH F 4 .  ? -16.674 8.931   10.859  1.00 48.03  ? 210 HOH A O   1 
HETATM 1361 O  O   . HOH F 4 .  ? -4.370  -12.646 18.131  1.00 60.08  ? 211 HOH A O   1 
HETATM 1362 O  O   . HOH F 4 .  ? -18.681 -6.169  9.745   1.00 55.57  ? 212 HOH A O   1 
HETATM 1363 O  O   . HOH F 4 .  ? -17.268 -13.868 21.751  1.00 53.44  ? 213 HOH A O   1 
HETATM 1364 O  O   . HOH F 4 .  ? -9.265  -10.461 18.334  1.00 53.00  ? 214 HOH A O   1 
HETATM 1365 O  O   . HOH F 4 .  ? -16.808 -15.864 19.021  1.00 70.01  ? 215 HOH A O   1 
HETATM 1366 O  O   . HOH F 4 .  ? -14.394 9.261   13.844  1.00 54.25  ? 216 HOH A O   1 
HETATM 1367 O  O   . HOH F 4 .  ? -13.349 -11.845 20.107  1.00 54.28  ? 217 HOH A O   1 
HETATM 1368 O  O   . HOH F 4 .  ? -18.292 -4.157  20.054  1.00 52.56  ? 218 HOH A O   1 
HETATM 1369 O  O   . HOH F 4 .  ? -19.173 -11.852 21.724  1.00 63.09  ? 219 HOH A O   1 
HETATM 1370 O  O   . HOH F 4 .  ? -4.220  -12.159 6.522   1.00 58.08  ? 220 HOH A O   1 
HETATM 1371 O  O   . HOH F 4 .  ? -11.312 -10.470 22.048  1.00 65.65  ? 221 HOH A O   1 
HETATM 1372 O  O   . HOH F 4 .  ? -20.075 0.226   5.702   1.00 50.03  ? 222 HOH A O   1 
HETATM 1373 O  O   . HOH F 4 .  ? 2.059   -6.079  14.519  1.00 31.88  ? 223 HOH A O   1 
HETATM 1374 O  O   . HOH F 4 .  ? -21.120 7.921   14.373  1.00 51.75  ? 224 HOH A O   1 
HETATM 1375 O  O   . HOH F 4 .  ? -25.166 4.466   15.780  1.00 63.84  ? 225 HOH A O   1 
HETATM 1376 O  O   . HOH F 4 .  ? -14.118 -3.709  3.633   1.00 42.03  ? 226 HOH A O   1 
HETATM 1377 O  O   . HOH F 4 .  ? -12.796 -11.713 1.433   1.00 57.21  ? 227 HOH A O   1 
HETATM 1378 O  O   . HOH F 4 .  ? -9.190  4.700   -6.100  1.00 42.64  ? 228 HOH A O   1 
HETATM 1379 O  O   . HOH F 4 .  ? -4.650  7.335   -0.314  1.00 42.11  ? 229 HOH A O   1 
HETATM 1380 O  O   . HOH F 4 .  ? 5.793   4.719   3.560   1.00 44.10  ? 230 HOH A O   1 
HETATM 1381 O  O   . HOH F 4 .  ? 13.973  -21.689 13.062  1.00 42.75  ? 231 HOH A O   1 
HETATM 1382 O  O   . HOH F 4 .  ? -8.696  6.070   -4.235  1.00 58.24  ? 232 HOH A O   1 
HETATM 1383 O  O   . HOH F 4 .  ? -15.586 -2.763  -3.332  1.00 70.88  ? 233 HOH A O   1 
HETATM 1384 O  O   . HOH F 4 .  ? -18.756 8.371   12.477  1.00 62.00  ? 234 HOH A O   1 
HETATM 1385 O  O   . HOH F 4 .  ? -10.503 -11.767 20.170  1.00 51.55  ? 235 HOH A O   1 
HETATM 1386 O  O   . HOH F 4 .  ? 12.784  -19.701 22.476  1.00 57.77  ? 236 HOH A O   1 
HETATM 1387 O  O   . HOH F 4 .  ? 5.789   -4.425  5.478   0.50 17.44  ? 237 HOH A O   1 
HETATM 1388 O  O   . HOH F 4 .  ? 13.516  -2.435  9.563   1.00 45.32  ? 238 HOH A O   1 
HETATM 1389 O  O   . HOH F 4 .  ? -15.793 1.578   19.410  1.00 62.68  ? 239 HOH A O   1 
HETATM 1390 O  O   . HOH F 4 .  ? -17.146 5.098   1.838   1.00 63.70  ? 240 HOH A O   1 
HETATM 1391 O  O   . HOH F 4 .  ? -7.907  10.896  11.922  1.00 51.79  ? 241 HOH A O   1 
HETATM 1392 O  O   . HOH F 4 .  ? -19.660 1.405   3.392   1.00 56.97  ? 242 HOH A O   1 
HETATM 1393 O  O   . HOH F 4 .  ? -3.012  1.185   -2.711  1.00 34.39  ? 243 HOH A O   1 
HETATM 1394 O  O   . HOH G 4 .  ? 2.871   10.648  -9.902  1.00 33.59  ? 201 HOH B O   1 
HETATM 1395 O  O   . HOH G 4 .  ? -3.782  10.565  -16.299 1.00 54.40  ? 202 HOH B O   1 
HETATM 1396 O  O   . HOH G 4 .  ? -1.236  2.812   -22.812 1.00 54.09  ? 203 HOH B O   1 
HETATM 1397 O  O   . HOH G 4 .  ? 4.620   2.378   -24.674 1.00 48.79  ? 204 HOH B O   1 
HETATM 1398 O  O   . HOH G 4 .  ? 10.891  4.137   -26.552 1.00 38.38  ? 205 HOH B O   1 
HETATM 1399 O  O   . HOH G 4 .  ? 2.341   -11.358 2.937   1.00 46.34  ? 206 HOH B O   1 
HETATM 1400 O  O   . HOH G 4 .  ? 20.609  14.437  -16.160 1.00 61.58  ? 207 HOH B O   1 
HETATM 1401 O  O   . HOH G 4 .  ? 13.443  8.827   -26.599 1.00 41.21  ? 208 HOH B O   1 
HETATM 1402 O  O   . HOH G 4 .  ? 9.558   -5.120  2.211   1.00 31.45  ? 209 HOH B O   1 
HETATM 1403 O  O   . HOH G 4 .  ? 5.560   6.112   -30.671 1.00 53.56  ? 210 HOH B O   1 
HETATM 1404 O  O   . HOH G 4 .  ? 23.849  -0.895  -3.963  1.00 75.55  ? 211 HOH B O   1 
HETATM 1405 O  O   . HOH G 4 .  ? -0.026  5.046   -18.062 1.00 53.90  ? 212 HOH B O   1 
HETATM 1406 O  O   . HOH G 4 .  ? 8.398   13.061  -28.848 1.00 44.92  ? 213 HOH B O   1 
HETATM 1407 O  O   . HOH G 4 .  ? -0.146  -8.657  -0.452  1.00 50.87  ? 214 HOH B O   1 
HETATM 1408 O  O   . HOH G 4 .  ? 2.037   -10.843 -12.213 1.00 53.85  ? 215 HOH B O   1 
HETATM 1409 O  O   . HOH G 4 .  ? 6.911   -12.159 1.816   1.00 52.18  ? 216 HOH B O   1 
HETATM 1410 O  O   . HOH G 4 .  ? 18.287  5.006   -12.091 1.00 56.14  ? 217 HOH B O   1 
HETATM 1411 O  O   . HOH G 4 .  ? 16.170  8.469   -24.244 1.00 49.56  ? 218 HOH B O   1 
HETATM 1412 O  O   . HOH G 4 .  ? 14.282  7.279   -22.240 1.00 59.38  ? 219 HOH B O   1 
HETATM 1413 O  O   . HOH G 4 .  ? 0.830   11.727  -16.951 1.00 53.24  ? 220 HOH B O   1 
HETATM 1414 O  O   . HOH G 4 .  ? 25.715  -9.591  1.624   1.00 34.81  ? 221 HOH B O   1 
HETATM 1415 O  O   . HOH G 4 .  ? 7.258   -4.844  -13.598 1.00 42.53  ? 222 HOH B O   1 
HETATM 1416 O  O   . HOH G 4 .  ? 26.770  -11.402 0.210   1.00 38.05  ? 223 HOH B O   1 
HETATM 1417 O  O   . HOH G 4 .  ? -1.185  2.565   -19.428 1.00 55.81  ? 224 HOH B O   1 
HETATM 1418 O  O   . HOH G 4 .  ? -6.276  -0.282  -5.651  1.00 47.00  ? 225 HOH B O   1 
HETATM 1419 O  O   . HOH G 4 .  ? -3.481  2.234   -0.804  1.00 36.45  ? 226 HOH B O   1 
HETATM 1420 O  O   . HOH G 4 .  ? 1.861   -11.345 -9.804  1.00 60.63  ? 227 HOH B O   1 
HETATM 1421 O  O   . HOH G 4 .  ? 2.575   6.694   -30.500 1.00 68.96  ? 228 HOH B O   1 
HETATM 1422 O  O   . HOH G 4 .  ? 1.563   15.175  -14.691 1.00 65.17  ? 229 HOH B O   1 
HETATM 1423 O  O   . HOH G 4 .  ? 3.624   15.929  -14.257 1.00 67.48  ? 230 HOH B O   1 
HETATM 1424 O  O   . HOH G 4 .  ? 3.234   12.648  -22.989 1.00 50.51  ? 231 HOH B O   1 
HETATM 1425 O  O   . HOH G 4 .  ? 5.336   -9.991  -4.904  1.00 38.36  ? 232 HOH B O   1 
HETATM 1426 O  O   . HOH G 4 .  ? 17.966  2.289   -4.835  1.00 51.91  ? 233 HOH B O   1 
HETATM 1427 O  O   . HOH G 4 .  ? -5.188  1.999   -17.205 1.00 45.44  ? 234 HOH B O   1 
HETATM 1428 O  O   . HOH G 4 .  ? 9.707   -5.753  -14.076 1.00 53.89  ? 235 HOH B O   1 
HETATM 1429 O  O   . HOH G 4 .  ? 12.388  6.991   -0.765  1.00 54.74  ? 236 HOH B O   1 
HETATM 1430 O  O   . HOH G 4 .  ? -0.506  -5.099  1.381   1.00 34.82  ? 237 HOH B O   1 
# 
